data_4M40
#
_entry.id   4M40
#
_cell.length_a   174.912
_cell.length_b   101.294
_cell.length_c   136.810
_cell.angle_alpha   90.00
_cell.angle_beta   115.18
_cell.angle_gamma   90.00
#
_symmetry.space_group_name_H-M   'C 1 2 1'
#
loop_
_entity.id
_entity.type
_entity.pdbx_description
1 polymer 'Hemagglutinin HA1'
2 polymer 'Hemagglutinin HA2'
3 branched 2-acetamido-2-deoxy-beta-D-glucopyranose-(1-4)-2-acetamido-2-deoxy-beta-D-glucopyranose
4 non-polymer 2-acetamido-2-deoxy-beta-D-glucopyranose
#
loop_
_entity_poly.entity_id
_entity_poly.type
_entity_poly.pdbx_seq_one_letter_code
_entity_poly.pdbx_strand_id
1 'polypeptide(L)'
;DRICTGITSSNSPHVVKTATQGEVNVTGVIPLTTTPTKSHFANLKGTKTRGKLCPTCLNCTDLDVALGRPMCVGVTPSAK
ASILHEVRPVTSGCFPIMHDRTKIRQLPNLLRGYEKIRLSTQNVINAEKAPGGPYRLGTSGSCPNATSRSGFFATMAWAV
PKDNNKTATNPLTVEVPHICTKEEDQITVWGFHSDDKTQMKNLYGDSNPQKFTSSANGVTTHYVSQIGGFPDQTEDGGLP
QSGRIVVDYMVQKPGKTGTIVYQRGILLPQKVWCASGRSKVIKGSLPLIGEADCLHEKYGGLNKSKPYYTGEHAKAIGNC
PIWVKTPLKLANGTKYRPPAKLLKER
;
A,C,E
2 'polypeptide(L)'
;GFFGAIAGFLEGGWEGMIAGWHGYTSHGAHGVAVAADLKSTQEAINKITKNLNSLSELEVKNLQRLSGAMDELHNEILEL
DEKVDDLRADTISSQIELAVLLSNEGIINSEDEHLLALERKLKKMLGPSAVDIGNGCFETKHKCNQTCLDRIAAGTFNAG
EFSLPTFDSLNITAASGALVPR
;
B,D,F
#
# COMPACT_ATOMS: atom_id res chain seq x y z
N ASP A 1 -14.42 43.16 47.15
CA ASP A 1 -14.32 43.04 45.70
C ASP A 1 -14.42 41.58 45.24
N ARG A 2 -14.67 41.40 43.95
CA ARG A 2 -14.71 40.06 43.34
C ARG A 2 -13.58 39.80 42.36
N ILE A 3 -12.93 38.64 42.50
CA ILE A 3 -11.79 38.29 41.66
C ILE A 3 -12.00 36.96 40.93
N CYS A 4 -11.78 36.95 39.62
CA CYS A 4 -12.13 35.81 38.78
C CYS A 4 -11.01 35.42 37.82
N THR A 5 -10.99 34.15 37.38
CA THR A 5 -10.11 33.69 36.31
C THR A 5 -10.75 34.02 34.95
N GLY A 6 -9.92 34.32 33.95
CA GLY A 6 -10.43 34.62 32.62
C GLY A 6 -9.50 34.35 31.45
N ILE A 7 -10.05 34.41 30.25
CA ILE A 7 -9.29 34.18 29.02
C ILE A 7 -9.42 35.38 28.08
N THR A 8 -8.36 35.71 27.36
CA THR A 8 -8.33 36.86 26.47
C THR A 8 -9.32 36.82 25.32
N SER A 9 -9.50 37.98 24.69
CA SER A 9 -10.28 38.11 23.47
C SER A 9 -9.45 38.96 22.53
N SER A 10 -9.20 38.42 21.34
CA SER A 10 -8.43 39.12 20.32
C SER A 10 -9.00 38.69 18.99
N ASN A 11 -8.57 39.34 17.92
CA ASN A 11 -9.00 38.95 16.59
C ASN A 11 -8.64 37.48 16.38
N SER A 12 -9.61 36.70 15.91
CA SER A 12 -9.42 35.26 15.80
C SER A 12 -9.84 34.77 14.43
N PRO A 13 -9.04 35.09 13.40
CA PRO A 13 -9.38 34.78 12.02
C PRO A 13 -8.96 33.37 11.63
N HIS A 14 -8.18 32.69 12.47
CA HIS A 14 -7.69 31.38 12.06
C HIS A 14 -8.66 30.28 12.45
N VAL A 15 -8.81 29.26 11.62
CA VAL A 15 -9.77 28.20 11.94
C VAL A 15 -9.05 26.88 12.05
N VAL A 16 -9.39 26.07 13.05
CA VAL A 16 -8.88 24.71 13.09
C VAL A 16 -10.00 23.72 13.37
N LYS A 17 -9.79 22.46 12.98
CA LYS A 17 -10.79 21.43 13.23
C LYS A 17 -10.51 20.71 14.55
N THR A 18 -11.58 20.43 15.28
CA THR A 18 -11.51 19.60 16.48
C THR A 18 -12.45 18.41 16.36
N ALA A 19 -12.28 17.42 17.25
CA ALA A 19 -13.15 16.26 17.27
C ALA A 19 -14.48 16.49 17.97
N THR A 20 -14.48 17.29 19.04
CA THR A 20 -15.68 17.45 19.86
C THR A 20 -16.36 18.81 19.71
N GLN A 21 -15.69 19.75 19.06
CA GLN A 21 -16.27 21.08 18.88
C GLN A 21 -16.42 21.51 17.43
N GLY A 22 -16.07 20.64 16.50
CA GLY A 22 -16.11 20.96 15.09
C GLY A 22 -15.00 21.94 14.74
N GLU A 23 -15.28 22.81 13.75
CA GLU A 23 -14.33 23.87 13.40
C GLU A 23 -14.48 25.01 14.39
N VAL A 24 -13.37 25.48 14.93
CA VAL A 24 -13.40 26.59 15.88
C VAL A 24 -12.44 27.68 15.45
N ASN A 25 -12.80 28.91 15.74
CA ASN A 25 -11.96 30.05 15.40
C ASN A 25 -10.91 30.24 16.49
N VAL A 26 -9.69 30.56 16.10
CA VAL A 26 -8.61 30.72 17.08
C VAL A 26 -7.83 32.01 16.83
N THR A 27 -7.10 32.46 17.85
CA THR A 27 -6.37 33.72 17.76
C THR A 27 -5.06 33.58 17.00
N GLY A 28 -4.51 32.39 16.93
CA GLY A 28 -3.23 32.13 16.29
C GLY A 28 -3.02 30.67 15.92
N VAL A 29 -2.23 30.48 14.87
CA VAL A 29 -1.89 29.15 14.39
C VAL A 29 -0.43 29.08 13.98
N ILE A 30 0.07 27.85 13.92
CA ILE A 30 1.35 27.55 13.32
C ILE A 30 1.04 26.73 12.08
N PRO A 31 1.24 27.32 10.89
CA PRO A 31 1.00 26.58 9.66
C PRO A 31 1.95 25.39 9.57
N LEU A 32 1.44 24.25 9.14
CA LEU A 32 2.27 23.04 9.07
C LEU A 32 2.61 22.70 7.63
N THR A 33 1.98 23.40 6.70
CA THR A 33 2.14 23.09 5.29
C THR A 33 2.51 24.33 4.51
N THR A 34 3.11 24.13 3.35
CA THR A 34 3.28 25.17 2.35
C THR A 34 2.98 24.55 1.00
N THR A 35 2.70 25.39 0.00
CA THR A 35 2.66 24.89 -1.36
C THR A 35 3.91 25.37 -2.08
N PRO A 36 4.77 24.43 -2.48
CA PRO A 36 6.02 24.74 -3.15
C PRO A 36 5.78 25.36 -4.51
N THR A 37 6.79 26.03 -5.05
CA THR A 37 6.70 26.58 -6.39
C THR A 37 7.69 25.85 -7.29
N LYS A 38 7.40 25.81 -8.58
CA LYS A 38 8.25 25.08 -9.52
C LYS A 38 9.59 25.77 -9.64
N SER A 39 10.64 25.04 -9.27
CA SER A 39 12.00 25.52 -9.37
C SER A 39 12.80 24.54 -10.22
N HIS A 40 14.01 24.92 -10.60
CA HIS A 40 14.86 24.03 -11.36
C HIS A 40 15.27 22.86 -10.47
N PHE A 41 15.75 21.80 -11.09
CA PHE A 41 16.23 20.63 -10.36
C PHE A 41 17.64 20.89 -9.84
N ALA A 42 18.13 20.02 -8.97
CA ALA A 42 19.39 20.28 -8.28
C ALA A 42 20.04 18.98 -7.82
N ASN A 43 21.17 19.11 -7.13
CA ASN A 43 21.83 17.98 -6.52
C ASN A 43 21.16 17.58 -5.21
N LEU A 44 21.15 16.29 -4.92
CA LEU A 44 20.61 15.82 -3.66
C LEU A 44 21.66 16.03 -2.57
N LYS A 45 21.31 16.81 -1.55
CA LYS A 45 22.20 17.02 -0.42
C LYS A 45 22.51 15.69 0.25
N GLY A 46 23.79 15.34 0.35
CA GLY A 46 24.17 14.10 1.01
C GLY A 46 24.15 12.89 0.10
N THR A 47 23.94 13.13 -1.20
CA THR A 47 23.87 12.06 -2.19
C THR A 47 24.33 12.57 -3.55
N LYS A 48 25.41 12.00 -4.07
CA LYS A 48 25.88 12.36 -5.40
C LYS A 48 24.81 12.05 -6.44
N THR A 49 24.55 13.01 -7.34
CA THR A 49 23.38 12.91 -8.20
C THR A 49 23.72 12.82 -9.69
N ARG A 50 23.28 11.73 -10.31
CA ARG A 50 23.59 11.39 -11.69
C ARG A 50 22.68 12.07 -12.72
N GLY A 51 23.26 12.64 -13.77
CA GLY A 51 22.46 13.20 -14.85
C GLY A 51 22.69 12.40 -16.13
N LYS A 52 23.73 12.74 -16.88
CA LYS A 52 24.17 11.94 -18.01
C LYS A 52 24.99 10.78 -17.45
N LEU A 53 24.94 9.63 -18.12
CA LEU A 53 25.68 8.45 -17.68
C LEU A 53 27.19 8.70 -17.66
N CYS A 54 27.71 9.28 -18.74
CA CYS A 54 29.13 9.59 -18.79
C CYS A 54 29.26 11.08 -19.04
N PRO A 55 29.35 11.87 -17.96
CA PRO A 55 29.38 13.33 -17.99
C PRO A 55 30.62 13.90 -18.64
N THR A 56 31.71 13.15 -18.64
CA THR A 56 32.94 13.59 -19.28
C THR A 56 32.84 13.46 -20.81
N CYS A 57 31.94 12.58 -21.29
CA CYS A 57 31.77 12.36 -22.72
C CYS A 57 30.87 13.42 -23.34
N LEU A 58 31.47 14.43 -23.94
CA LEU A 58 30.73 15.58 -24.45
C LEU A 58 30.12 15.33 -25.83
N ASN A 59 29.08 16.09 -26.15
CA ASN A 59 28.26 15.92 -27.37
C ASN A 59 27.65 14.53 -27.51
N CYS A 60 27.82 13.69 -26.50
CA CYS A 60 27.31 12.33 -26.56
C CYS A 60 26.01 12.25 -25.78
N THR A 61 25.09 11.41 -26.24
CA THR A 61 23.83 11.23 -25.53
C THR A 61 23.88 9.93 -24.75
N ASP A 62 23.01 9.82 -23.85
CA ASP A 62 22.95 8.64 -22.98
C ASP A 62 22.78 7.31 -23.73
N LEU A 63 21.95 7.30 -24.77
CA LEU A 63 21.84 6.13 -25.62
C LEU A 63 23.17 5.83 -26.31
N ASP A 64 23.84 6.87 -26.80
CA ASP A 64 25.14 6.72 -27.46
C ASP A 64 26.13 6.05 -26.53
N VAL A 65 26.13 6.47 -25.27
CA VAL A 65 27.02 5.93 -24.27
C VAL A 65 26.66 4.49 -23.96
N ALA A 66 25.36 4.21 -23.87
CA ALA A 66 24.89 2.87 -23.53
C ALA A 66 25.22 1.87 -24.64
N LEU A 67 25.23 2.33 -25.89
CA LEU A 67 25.57 1.47 -27.01
C LEU A 67 27.07 1.35 -27.23
N GLY A 68 27.85 2.25 -26.62
CA GLY A 68 29.29 2.23 -26.77
C GLY A 68 29.76 2.83 -28.09
N ARG A 69 29.13 3.93 -28.50
CA ARG A 69 29.54 4.64 -29.70
C ARG A 69 30.96 5.17 -29.60
N PRO A 70 31.73 5.06 -30.68
CA PRO A 70 33.09 5.63 -30.81
C PRO A 70 33.17 7.13 -30.53
N MET A 71 34.21 7.53 -29.79
CA MET A 71 34.44 8.88 -29.28
C MET A 71 33.61 9.16 -28.02
N CYS A 72 32.64 8.30 -27.77
CA CYS A 72 31.69 8.48 -26.68
C CYS A 72 31.81 7.40 -25.61
N VAL A 73 33.04 6.93 -25.39
CA VAL A 73 33.32 5.93 -24.36
C VAL A 73 34.23 6.46 -23.25
N GLY A 74 33.70 6.56 -22.05
CA GLY A 74 34.45 7.13 -20.94
C GLY A 74 33.91 6.64 -19.60
N VAL A 75 34.26 7.34 -18.53
CA VAL A 75 33.86 6.92 -17.18
C VAL A 75 32.39 7.19 -16.91
N THR A 76 31.72 6.17 -16.35
CA THR A 76 30.34 6.26 -15.91
C THR A 76 30.26 6.08 -14.39
N PRO A 77 30.27 7.20 -13.65
CA PRO A 77 30.34 7.28 -12.18
C PRO A 77 29.18 6.61 -11.47
N SER A 78 29.45 6.03 -10.30
CA SER A 78 28.40 5.49 -9.45
C SER A 78 27.58 6.60 -8.78
N ALA A 79 26.31 6.31 -8.52
CA ALA A 79 25.41 7.28 -7.91
C ALA A 79 24.21 6.59 -7.28
N LYS A 80 23.82 7.03 -6.09
CA LYS A 80 22.68 6.43 -5.38
C LYS A 80 21.37 7.16 -5.70
N ALA A 81 21.45 8.24 -6.47
CA ALA A 81 20.25 8.92 -6.93
C ALA A 81 20.43 9.37 -8.37
N SER A 82 19.35 9.24 -9.16
CA SER A 82 19.40 9.57 -10.58
C SER A 82 18.15 10.29 -11.08
N ILE A 83 18.38 11.18 -12.04
CA ILE A 83 17.32 11.89 -12.74
C ILE A 83 17.06 11.29 -14.11
N LEU A 84 15.81 10.98 -14.40
CA LEU A 84 15.40 10.50 -15.71
C LEU A 84 14.89 11.66 -16.55
N HIS A 85 15.74 12.11 -17.47
CA HIS A 85 15.46 13.30 -18.28
C HIS A 85 15.03 12.98 -19.70
N GLU A 86 15.27 11.74 -20.12
CA GLU A 86 14.81 11.29 -21.43
C GLU A 86 13.90 10.08 -21.29
N VAL A 87 12.62 10.27 -21.56
CA VAL A 87 11.70 9.15 -21.57
C VAL A 87 11.86 8.35 -22.85
N ARG A 88 12.34 9.02 -23.90
CA ARG A 88 12.69 8.37 -25.16
C ARG A 88 14.09 8.80 -25.62
N PRO A 89 15.14 8.18 -25.06
CA PRO A 89 16.51 8.56 -25.39
C PRO A 89 16.84 8.42 -26.88
N VAL A 90 17.44 9.47 -27.46
CA VAL A 90 17.77 9.46 -28.87
C VAL A 90 19.27 9.28 -29.02
N THR A 91 19.70 8.85 -30.19
CA THR A 91 21.11 8.84 -30.54
C THR A 91 21.50 10.12 -31.29
N SER A 92 22.80 10.37 -31.41
CA SER A 92 23.27 11.56 -32.13
C SER A 92 24.44 11.25 -33.07
N GLY A 93 24.54 10.01 -33.52
CA GLY A 93 25.61 9.62 -34.40
C GLY A 93 25.67 8.14 -34.75
N CYS A 94 26.75 7.75 -35.40
CA CYS A 94 26.99 6.36 -35.80
C CYS A 94 25.92 5.81 -36.75
N PHE A 95 25.82 4.49 -36.83
CA PHE A 95 24.97 3.85 -37.83
C PHE A 95 23.48 3.92 -37.56
N PRO A 96 22.68 4.18 -38.62
CA PRO A 96 21.24 4.33 -38.50
C PRO A 96 20.58 3.10 -37.86
N ILE A 97 19.80 3.34 -36.82
CA ILE A 97 19.13 2.27 -36.10
C ILE A 97 17.62 2.46 -36.29
N MET A 98 16.91 1.37 -36.48
CA MET A 98 15.45 1.41 -36.45
C MET A 98 14.99 1.15 -35.02
N HIS A 99 15.04 2.20 -34.22
CA HIS A 99 14.92 2.13 -32.76
C HIS A 99 13.62 1.52 -32.25
N ASP A 100 12.51 1.92 -32.86
CA ASP A 100 11.20 1.56 -32.33
C ASP A 100 10.79 0.11 -32.62
N ARG A 101 11.70 -0.65 -33.22
CA ARG A 101 11.41 -2.03 -33.54
C ARG A 101 11.81 -2.97 -32.40
N THR A 102 12.44 -2.40 -31.38
CA THR A 102 12.80 -3.10 -30.15
C THR A 102 12.62 -2.18 -28.96
N LYS A 103 13.11 -2.64 -27.80
CA LYS A 103 13.04 -1.87 -26.56
C LYS A 103 14.34 -1.11 -26.31
N ILE A 104 15.18 -0.97 -27.34
CA ILE A 104 16.56 -0.51 -27.15
C ILE A 104 16.68 0.89 -26.55
N ARG A 105 15.74 1.77 -26.90
CA ARG A 105 15.77 3.16 -26.41
C ARG A 105 15.82 3.21 -24.89
N GLN A 106 15.23 2.22 -24.25
CA GLN A 106 15.11 2.22 -22.80
C GLN A 106 16.38 1.74 -22.09
N LEU A 107 17.35 1.27 -22.86
CA LEU A 107 18.61 0.77 -22.30
C LEU A 107 19.31 1.69 -21.29
N PRO A 108 19.50 2.99 -21.63
CA PRO A 108 20.16 3.85 -20.64
C PRO A 108 19.32 4.12 -19.40
N ASN A 109 18.00 4.11 -19.56
CA ASN A 109 17.11 4.27 -18.42
C ASN A 109 17.15 3.06 -17.49
N LEU A 110 17.44 1.90 -18.07
CA LEU A 110 17.62 0.69 -17.28
C LEU A 110 18.92 0.77 -16.47
N LEU A 111 19.97 1.28 -17.11
CA LEU A 111 21.28 1.39 -16.48
C LEU A 111 21.30 2.33 -15.29
N ARG A 112 20.56 3.43 -15.40
CA ARG A 112 20.60 4.46 -14.37
C ARG A 112 19.93 4.01 -13.07
N GLY A 113 19.18 2.92 -13.14
CA GLY A 113 18.52 2.38 -11.96
C GLY A 113 19.47 1.57 -11.10
N TYR A 114 20.66 1.30 -11.63
CA TYR A 114 21.71 0.65 -10.86
C TYR A 114 22.57 1.72 -10.20
N GLU A 115 23.23 1.36 -9.11
CA GLU A 115 24.13 2.28 -8.43
C GLU A 115 25.45 2.38 -9.17
N LYS A 116 26.09 1.23 -9.39
CA LYS A 116 27.36 1.20 -10.08
C LYS A 116 27.19 0.61 -11.47
N ILE A 117 27.69 1.31 -12.48
CA ILE A 117 27.68 0.81 -13.85
C ILE A 117 29.07 0.92 -14.44
N ARG A 118 29.54 -0.17 -15.02
CA ARG A 118 30.82 -0.16 -15.71
C ARG A 118 30.75 -0.95 -17.00
N LEU A 119 31.46 -0.49 -18.03
CA LEU A 119 31.53 -1.25 -19.25
C LEU A 119 32.69 -2.22 -19.13
N SER A 120 32.45 -3.48 -19.45
CA SER A 120 33.45 -4.53 -19.35
C SER A 120 34.68 -4.19 -20.17
N THR A 121 35.85 -4.63 -19.71
CA THR A 121 37.09 -4.35 -20.43
C THR A 121 37.44 -5.44 -21.43
N GLN A 122 36.91 -6.63 -21.20
CA GLN A 122 37.10 -7.76 -22.11
C GLN A 122 35.84 -8.07 -22.91
N ASN A 123 36.01 -8.69 -24.07
CA ASN A 123 34.88 -9.10 -24.90
C ASN A 123 34.25 -10.39 -24.38
N VAL A 124 32.93 -10.49 -24.45
CA VAL A 124 32.21 -11.63 -23.89
C VAL A 124 32.25 -12.79 -24.89
N ILE A 125 32.49 -12.46 -26.16
CA ILE A 125 32.53 -13.44 -27.22
C ILE A 125 33.65 -13.09 -28.20
N ASN A 126 34.38 -14.10 -28.67
CA ASN A 126 35.34 -13.90 -29.75
C ASN A 126 34.58 -13.95 -31.06
N ALA A 127 34.30 -12.78 -31.63
CA ALA A 127 33.42 -12.68 -32.79
C ALA A 127 34.03 -13.27 -34.07
N GLU A 128 35.34 -13.12 -34.21
CA GLU A 128 36.05 -13.62 -35.40
C GLU A 128 35.91 -15.13 -35.53
N LYS A 129 35.89 -15.82 -34.39
CA LYS A 129 35.88 -17.28 -34.37
C LYS A 129 34.50 -17.83 -34.03
N ALA A 130 33.50 -16.95 -33.99
CA ALA A 130 32.14 -17.35 -33.63
C ALA A 130 31.55 -18.23 -34.73
N PRO A 131 30.55 -19.08 -34.40
CA PRO A 131 29.91 -19.99 -35.35
C PRO A 131 29.44 -19.37 -36.67
N GLY A 132 29.69 -20.08 -37.76
CA GLY A 132 29.24 -19.66 -39.07
C GLY A 132 30.37 -19.14 -39.93
N GLY A 133 31.46 -19.90 -40.00
CA GLY A 133 32.64 -19.47 -40.73
C GLY A 133 33.34 -18.34 -40.01
N PRO A 134 34.62 -18.11 -40.34
CA PRO A 134 35.31 -16.97 -39.71
C PRO A 134 34.73 -15.66 -40.21
N TYR A 135 34.69 -14.65 -39.33
CA TYR A 135 34.13 -13.36 -39.70
C TYR A 135 35.18 -12.27 -39.63
N ARG A 136 35.06 -11.29 -40.50
CA ARG A 136 35.77 -10.04 -40.30
C ARG A 136 34.79 -9.15 -39.55
N LEU A 137 35.36 -8.26 -38.74
CA LEU A 137 34.56 -7.40 -37.88
C LEU A 137 34.29 -6.10 -38.63
N GLY A 138 33.07 -5.95 -39.11
CA GLY A 138 32.73 -4.83 -39.97
C GLY A 138 32.91 -3.47 -39.31
N THR A 139 33.09 -2.45 -40.14
CA THR A 139 33.36 -1.10 -39.65
C THR A 139 32.67 -0.11 -40.57
N SER A 140 32.59 1.15 -40.16
CA SER A 140 31.92 2.15 -40.97
C SER A 140 32.38 3.57 -40.68
N GLY A 141 32.41 4.40 -41.73
CA GLY A 141 32.81 5.79 -41.62
C GLY A 141 31.77 6.64 -40.93
N SER A 142 30.60 6.04 -40.70
CA SER A 142 29.51 6.69 -39.97
C SER A 142 29.84 6.80 -38.49
N CYS A 143 30.70 5.91 -38.13
CA CYS A 143 31.12 5.90 -36.72
C CYS A 143 32.60 6.30 -36.59
N PRO A 144 32.91 7.57 -36.86
CA PRO A 144 34.31 7.98 -36.88
C PRO A 144 34.90 8.10 -35.49
N ASN A 145 36.16 7.72 -35.31
CA ASN A 145 36.83 8.00 -34.07
C ASN A 145 37.45 9.40 -34.05
N ALA A 146 38.28 9.65 -33.04
CA ALA A 146 39.11 10.85 -32.99
C ALA A 146 40.45 10.60 -33.66
N THR A 147 40.84 9.33 -33.75
CA THR A 147 42.08 8.96 -34.41
C THR A 147 41.81 8.00 -35.57
N SER A 148 40.60 8.04 -36.07
CA SER A 148 40.18 7.19 -37.18
C SER A 148 38.93 7.75 -37.85
N ARG A 149 38.78 7.45 -39.13
CA ARG A 149 37.62 7.90 -39.88
C ARG A 149 36.47 6.90 -39.77
N SER A 150 36.78 5.67 -39.37
CA SER A 150 35.79 4.61 -39.35
C SER A 150 35.87 3.77 -38.07
N GLY A 151 34.74 3.17 -37.69
CA GLY A 151 34.66 2.36 -36.48
C GLY A 151 33.29 1.76 -36.28
N PHE A 152 32.97 1.38 -35.05
CA PHE A 152 31.67 0.79 -34.74
C PHE A 152 31.45 0.74 -33.23
N PHE A 153 30.22 0.46 -32.82
CA PHE A 153 29.88 0.37 -31.39
C PHE A 153 30.77 -0.62 -30.65
N ALA A 154 31.27 -0.22 -29.50
CA ALA A 154 32.16 -1.06 -28.70
C ALA A 154 31.45 -2.30 -28.14
N THR A 155 30.12 -2.23 -28.07
CA THR A 155 29.35 -3.30 -27.45
C THR A 155 29.03 -4.42 -28.44
N MET A 156 29.23 -4.16 -29.72
CA MET A 156 28.91 -5.16 -30.75
C MET A 156 30.00 -5.34 -31.80
N ALA A 157 29.91 -6.47 -32.49
CA ALA A 157 30.79 -6.80 -33.61
C ALA A 157 29.97 -7.16 -34.84
N TRP A 158 30.17 -6.39 -35.90
CA TRP A 158 29.53 -6.61 -37.19
C TRP A 158 30.17 -7.81 -37.86
N ALA A 159 29.61 -8.99 -37.60
CA ALA A 159 30.18 -10.25 -38.08
C ALA A 159 29.84 -10.50 -39.54
N VAL A 160 30.83 -10.33 -40.42
CA VAL A 160 30.60 -10.60 -41.85
C VAL A 160 31.53 -11.68 -42.37
N PRO A 161 30.98 -12.67 -43.12
CA PRO A 161 31.74 -13.83 -43.57
C PRO A 161 33.04 -13.43 -44.28
N LYS A 162 34.15 -14.06 -43.93
CA LYS A 162 35.44 -13.61 -44.42
C LYS A 162 35.75 -14.15 -45.81
N ASP A 163 35.37 -15.37 -46.03
CA ASP A 163 35.80 -16.07 -47.24
C ASP A 163 34.98 -15.65 -48.47
N ASN A 164 35.54 -15.90 -49.64
CA ASN A 164 34.79 -15.83 -50.88
C ASN A 164 33.77 -16.94 -50.91
N ASN A 165 32.81 -16.87 -51.82
CA ASN A 165 31.81 -17.93 -51.93
C ASN A 165 31.02 -18.13 -50.63
N LYS A 166 30.84 -17.02 -49.92
CA LYS A 166 30.00 -16.96 -48.73
C LYS A 166 28.56 -17.36 -49.04
N THR A 167 27.90 -18.03 -48.11
CA THR A 167 26.57 -18.56 -48.36
C THR A 167 25.58 -18.27 -47.22
N ALA A 168 24.30 -18.66 -47.46
CA ALA A 168 23.28 -18.66 -46.42
C ALA A 168 23.61 -19.70 -45.37
N THR A 169 23.12 -19.49 -44.15
CA THR A 169 23.38 -20.42 -43.05
C THR A 169 22.13 -20.78 -42.27
N ASN A 170 22.14 -21.98 -41.70
CA ASN A 170 21.14 -22.39 -40.72
C ASN A 170 21.25 -21.53 -39.47
N PRO A 171 20.18 -21.48 -38.66
CA PRO A 171 20.29 -20.77 -37.38
C PRO A 171 21.35 -21.39 -36.47
N LEU A 172 22.31 -20.57 -36.04
CA LEU A 172 23.39 -21.03 -35.18
C LEU A 172 23.22 -20.49 -33.77
N THR A 173 23.75 -21.18 -32.77
CA THR A 173 23.58 -20.75 -31.39
C THR A 173 24.90 -20.39 -30.71
N VAL A 174 24.94 -19.21 -30.11
CA VAL A 174 26.01 -18.89 -29.17
C VAL A 174 25.44 -18.81 -27.77
N GLU A 175 26.21 -19.31 -26.81
CA GLU A 175 25.94 -19.06 -25.40
C GLU A 175 26.65 -17.77 -25.03
N VAL A 176 25.94 -16.90 -24.32
CA VAL A 176 26.57 -15.69 -23.79
C VAL A 176 26.76 -15.85 -22.29
N PRO A 177 28.02 -16.06 -21.88
CA PRO A 177 28.37 -16.31 -20.48
C PRO A 177 28.26 -15.06 -19.63
N HIS A 178 28.09 -15.25 -18.33
CA HIS A 178 28.09 -14.13 -17.40
C HIS A 178 29.52 -13.83 -16.97
N ILE A 179 30.02 -12.65 -17.33
CA ILE A 179 31.41 -12.33 -17.06
C ILE A 179 31.58 -11.21 -16.04
N CYS A 180 30.50 -10.86 -15.34
CA CYS A 180 30.58 -9.87 -14.28
C CYS A 180 30.80 -10.62 -12.96
N THR A 181 30.88 -9.88 -11.87
CA THR A 181 31.06 -10.52 -10.56
C THR A 181 29.75 -11.16 -10.10
N LYS A 182 29.80 -11.83 -8.95
CA LYS A 182 28.62 -12.49 -8.40
C LYS A 182 27.66 -11.46 -7.80
N GLU A 183 28.11 -10.21 -7.71
CA GLU A 183 27.27 -9.16 -7.13
C GLU A 183 26.67 -8.27 -8.23
N GLU A 184 26.97 -8.59 -9.49
CA GLU A 184 26.62 -7.74 -10.63
C GLU A 184 25.66 -8.37 -11.65
N ASP A 185 24.72 -7.58 -12.15
CA ASP A 185 23.93 -7.99 -13.31
C ASP A 185 24.72 -7.69 -14.57
N GLN A 186 24.53 -8.49 -15.61
CA GLN A 186 25.17 -8.23 -16.88
C GLN A 186 24.12 -7.84 -17.91
N ILE A 187 24.30 -6.70 -18.55
CA ILE A 187 23.42 -6.28 -19.63
C ILE A 187 24.15 -6.41 -20.97
N THR A 188 23.71 -7.38 -21.75
CA THR A 188 24.35 -7.77 -22.99
C THR A 188 23.65 -7.09 -24.15
N VAL A 189 24.42 -6.35 -24.95
CA VAL A 189 23.83 -5.66 -26.09
C VAL A 189 24.15 -6.43 -27.37
N TRP A 190 23.12 -6.66 -28.18
CA TRP A 190 23.32 -7.42 -29.42
C TRP A 190 22.33 -6.93 -30.46
N GLY A 191 22.44 -7.44 -31.68
CA GLY A 191 21.53 -7.00 -32.73
C GLY A 191 21.85 -7.60 -34.08
N PHE A 192 21.30 -7.02 -35.14
CA PHE A 192 21.59 -7.51 -36.48
C PHE A 192 21.56 -6.41 -37.53
N HIS A 193 22.41 -6.58 -38.56
CA HIS A 193 22.47 -5.67 -39.67
C HIS A 193 21.71 -6.24 -40.86
N SER A 194 21.01 -5.37 -41.59
CA SER A 194 20.36 -5.75 -42.83
C SER A 194 20.59 -4.67 -43.87
N ASP A 195 20.25 -4.97 -45.12
CA ASP A 195 20.56 -4.07 -46.22
C ASP A 195 19.65 -4.37 -47.41
N ASP A 196 20.00 -3.81 -48.56
CA ASP A 196 19.22 -4.10 -49.76
C ASP A 196 19.71 -5.37 -50.43
N LYS A 197 18.94 -5.84 -51.40
CA LYS A 197 19.15 -7.15 -52.01
C LYS A 197 20.58 -7.36 -52.50
N THR A 198 21.09 -6.39 -53.26
CA THR A 198 22.42 -6.51 -53.84
C THR A 198 23.51 -6.51 -52.78
N GLN A 199 23.46 -5.54 -51.87
CA GLN A 199 24.46 -5.45 -50.82
C GLN A 199 24.40 -6.68 -49.90
N MET A 200 23.18 -7.19 -49.67
CA MET A 200 23.01 -8.41 -48.89
C MET A 200 23.74 -9.56 -49.55
N LYS A 201 23.56 -9.68 -50.86
CA LYS A 201 24.27 -10.70 -51.63
C LYS A 201 25.76 -10.55 -51.47
N ASN A 202 26.26 -9.33 -51.73
CA ASN A 202 27.69 -9.05 -51.51
C ASN A 202 28.25 -9.43 -50.15
N LEU A 203 27.60 -8.96 -49.09
CA LEU A 203 28.08 -9.14 -47.72
C LEU A 203 27.92 -10.54 -47.11
N TYR A 204 26.79 -11.19 -47.34
CA TYR A 204 26.45 -12.39 -46.58
C TYR A 204 26.16 -13.61 -47.45
N GLY A 205 25.94 -13.38 -48.74
CA GLY A 205 25.67 -14.47 -49.65
C GLY A 205 24.24 -14.97 -49.61
N ASP A 206 23.35 -14.11 -49.12
CA ASP A 206 21.93 -14.44 -49.08
C ASP A 206 21.15 -13.13 -49.09
N SER A 207 20.05 -13.09 -49.84
CA SER A 207 19.27 -11.88 -49.98
C SER A 207 17.88 -12.07 -49.36
N ASN A 208 17.70 -13.20 -48.69
CA ASN A 208 16.45 -13.50 -48.00
C ASN A 208 16.47 -12.92 -46.60
N PRO A 209 15.28 -12.68 -46.01
CA PRO A 209 15.26 -12.20 -44.63
C PRO A 209 15.93 -13.19 -43.69
N GLN A 210 16.67 -12.69 -42.71
CA GLN A 210 17.34 -13.57 -41.77
C GLN A 210 16.59 -13.52 -40.45
N LYS A 211 16.70 -14.58 -39.68
CA LYS A 211 15.95 -14.69 -38.43
C LYS A 211 16.90 -14.72 -37.23
N PHE A 212 16.42 -14.19 -36.12
CA PHE A 212 17.21 -14.06 -34.91
C PHE A 212 16.33 -14.26 -33.69
N THR A 213 16.84 -14.97 -32.70
CA THR A 213 16.08 -15.21 -31.48
C THR A 213 17.01 -15.13 -30.28
N SER A 214 16.62 -14.40 -29.24
CA SER A 214 17.42 -14.40 -28.04
C SER A 214 16.64 -15.02 -26.90
N SER A 215 17.38 -15.64 -25.98
CA SER A 215 16.77 -16.23 -24.81
C SER A 215 17.63 -16.01 -23.58
N ALA A 216 17.07 -15.36 -22.58
CA ALA A 216 17.76 -15.12 -21.32
C ALA A 216 16.77 -14.94 -20.18
N ASN A 217 17.07 -15.54 -19.04
CA ASN A 217 16.23 -15.47 -17.85
C ASN A 217 14.74 -15.71 -18.07
N GLY A 218 14.44 -16.66 -18.95
CA GLY A 218 13.06 -17.04 -19.22
C GLY A 218 12.35 -16.20 -20.26
N VAL A 219 13.01 -15.16 -20.75
CA VAL A 219 12.38 -14.30 -21.76
C VAL A 219 12.92 -14.64 -23.14
N THR A 220 12.03 -14.98 -24.06
CA THR A 220 12.43 -15.19 -25.44
C THR A 220 11.96 -14.05 -26.33
N THR A 221 12.82 -13.59 -27.22
CA THR A 221 12.40 -12.59 -28.21
C THR A 221 12.78 -13.07 -29.59
N HIS A 222 11.89 -12.86 -30.56
CA HIS A 222 12.13 -13.33 -31.92
C HIS A 222 11.98 -12.20 -32.93
N TYR A 223 12.95 -12.10 -33.83
CA TYR A 223 12.95 -11.05 -34.84
C TYR A 223 13.25 -11.64 -36.22
N VAL A 224 12.60 -11.13 -37.26
CA VAL A 224 12.94 -11.49 -38.63
C VAL A 224 13.25 -10.19 -39.36
N SER A 225 14.33 -10.15 -40.15
CA SER A 225 14.81 -8.88 -40.72
C SER A 225 14.06 -8.41 -41.97
N GLN A 226 14.42 -7.21 -42.42
CA GLN A 226 13.83 -6.59 -43.61
C GLN A 226 14.91 -6.28 -44.64
N ILE A 227 14.64 -6.62 -45.88
CA ILE A 227 15.59 -6.38 -46.98
C ILE A 227 15.17 -5.23 -47.90
N GLY A 228 15.82 -4.09 -47.74
CA GLY A 228 15.49 -2.90 -48.49
C GLY A 228 14.22 -2.23 -48.03
N GLY A 229 13.90 -1.09 -48.63
CA GLY A 229 12.67 -0.38 -48.36
C GLY A 229 12.64 0.09 -46.91
N PHE A 230 13.80 0.55 -46.45
CA PHE A 230 13.96 0.94 -45.06
C PHE A 230 13.35 2.32 -44.83
N PRO A 231 12.97 2.63 -43.58
CA PRO A 231 12.56 4.01 -43.32
C PRO A 231 13.78 4.91 -43.33
N ASP A 232 13.59 6.21 -43.50
CA ASP A 232 14.70 7.14 -43.66
C ASP A 232 15.63 7.10 -42.46
N GLN A 233 16.91 7.33 -42.70
CA GLN A 233 17.89 7.40 -41.61
C GLN A 233 17.59 8.58 -40.70
N THR A 234 17.76 8.35 -39.40
CA THR A 234 17.57 9.39 -38.40
C THR A 234 18.44 9.11 -37.17
N GLU A 235 18.71 10.17 -36.40
CA GLU A 235 19.51 10.05 -35.18
C GLU A 235 20.84 9.33 -35.41
N ASP A 236 21.45 9.53 -36.58
CA ASP A 236 22.66 8.80 -36.94
C ASP A 236 23.81 9.75 -37.24
N GLY A 237 24.83 9.26 -37.94
CA GLY A 237 26.04 10.02 -38.16
C GLY A 237 25.98 11.08 -39.25
N GLY A 238 24.90 11.07 -40.03
CA GLY A 238 24.71 12.07 -41.06
C GLY A 238 25.15 11.55 -42.42
N LEU A 239 25.82 10.41 -42.41
CA LEU A 239 26.28 9.79 -43.64
C LEU A 239 25.18 8.89 -44.21
N PRO A 240 24.91 9.03 -45.52
CA PRO A 240 23.94 8.15 -46.20
C PRO A 240 24.37 6.68 -46.19
N GLN A 241 23.43 5.80 -45.86
CA GLN A 241 23.68 4.37 -45.88
C GLN A 241 22.49 3.65 -46.50
N SER A 242 22.74 2.48 -47.09
CA SER A 242 21.67 1.73 -47.73
C SER A 242 21.00 0.72 -46.80
N GLY A 243 21.66 0.43 -45.69
CA GLY A 243 21.16 -0.54 -44.74
C GLY A 243 20.81 0.04 -43.39
N ARG A 244 20.32 -0.82 -42.49
CA ARG A 244 19.95 -0.41 -41.15
C ARG A 244 20.31 -1.54 -40.21
N ILE A 245 20.47 -1.20 -38.93
CA ILE A 245 20.61 -2.22 -37.90
C ILE A 245 19.45 -2.18 -36.92
N VAL A 246 19.20 -3.31 -36.28
CA VAL A 246 18.21 -3.39 -35.23
C VAL A 246 18.99 -3.84 -34.00
N VAL A 247 18.78 -3.17 -32.87
CA VAL A 247 19.57 -3.43 -31.69
C VAL A 247 18.68 -3.72 -30.49
N ASP A 248 19.13 -4.64 -29.64
CA ASP A 248 18.38 -5.07 -28.48
C ASP A 248 19.33 -5.34 -27.31
N TYR A 249 18.75 -5.67 -26.15
CA TYR A 249 19.53 -6.06 -24.99
C TYR A 249 18.93 -7.24 -24.22
N MET A 250 19.82 -8.03 -23.60
CA MET A 250 19.43 -9.13 -22.73
C MET A 250 19.94 -8.83 -21.34
N VAL A 251 19.10 -9.02 -20.33
CA VAL A 251 19.58 -8.91 -18.97
C VAL A 251 19.87 -10.31 -18.43
N GLN A 252 21.07 -10.50 -17.92
CA GLN A 252 21.48 -11.78 -17.36
C GLN A 252 21.83 -11.57 -15.90
N LYS A 253 21.08 -12.24 -15.04
CA LYS A 253 21.34 -12.22 -13.61
C LYS A 253 22.64 -12.99 -13.36
N PRO A 254 23.31 -12.75 -12.23
CA PRO A 254 24.59 -13.42 -11.97
C PRO A 254 24.52 -14.94 -12.06
N GLY A 255 25.46 -15.52 -12.79
CA GLY A 255 25.51 -16.96 -12.98
C GLY A 255 24.50 -17.49 -13.98
N LYS A 256 23.93 -16.59 -14.78
CA LYS A 256 22.97 -17.00 -15.79
C LYS A 256 23.52 -16.77 -17.19
N THR A 257 23.66 -17.83 -17.97
CA THR A 257 24.08 -17.74 -19.35
C THR A 257 22.88 -17.45 -20.24
N GLY A 258 23.08 -16.61 -21.25
CA GLY A 258 22.06 -16.38 -22.26
C GLY A 258 22.44 -16.97 -23.59
N THR A 259 21.46 -17.16 -24.47
CA THR A 259 21.76 -17.65 -25.82
C THR A 259 21.21 -16.73 -26.91
N ILE A 260 21.95 -16.66 -28.01
CA ILE A 260 21.46 -16.02 -29.22
C ILE A 260 21.52 -17.00 -30.38
N VAL A 261 20.42 -17.11 -31.12
CA VAL A 261 20.37 -17.92 -32.32
C VAL A 261 20.22 -17.00 -33.51
N TYR A 262 21.13 -17.11 -34.47
CA TYR A 262 21.26 -16.12 -35.53
C TYR A 262 21.56 -16.72 -36.89
N GLN A 263 21.37 -15.90 -37.93
CA GLN A 263 21.78 -16.26 -39.28
C GLN A 263 22.73 -15.17 -39.76
N ARG A 264 22.54 -14.69 -40.98
CA ARG A 264 23.44 -13.69 -41.54
C ARG A 264 23.10 -12.28 -41.07
N GLY A 265 24.13 -11.49 -40.80
CA GLY A 265 23.96 -10.10 -40.39
C GLY A 265 24.07 -9.89 -38.89
N ILE A 266 24.49 -10.92 -38.17
CA ILE A 266 24.53 -10.87 -36.70
C ILE A 266 25.51 -9.82 -36.18
N LEU A 267 25.06 -9.05 -35.20
CA LEU A 267 25.93 -8.12 -34.49
C LEU A 267 26.20 -8.70 -33.11
N LEU A 268 27.27 -9.49 -33.01
CA LEU A 268 27.59 -10.23 -31.79
C LEU A 268 28.02 -9.37 -30.61
N PRO A 269 27.61 -9.75 -29.40
CA PRO A 269 27.99 -8.98 -28.22
C PRO A 269 29.50 -9.00 -27.99
N GLN A 270 30.05 -7.89 -27.54
CA GLN A 270 31.48 -7.76 -27.25
C GLN A 270 31.63 -7.26 -25.82
N LYS A 271 31.68 -5.95 -25.66
CA LYS A 271 31.66 -5.35 -24.34
C LYS A 271 30.24 -5.37 -23.76
N VAL A 272 30.11 -5.83 -22.53
CA VAL A 272 28.82 -5.91 -21.88
C VAL A 272 28.79 -4.95 -20.69
N TRP A 273 27.60 -4.65 -20.19
CA TRP A 273 27.48 -3.78 -19.03
C TRP A 273 27.49 -4.60 -17.75
N CYS A 274 28.25 -4.15 -16.76
CA CYS A 274 28.22 -4.78 -15.45
C CYS A 274 27.70 -3.75 -14.46
N ALA A 275 26.61 -4.11 -13.80
CA ALA A 275 25.87 -3.16 -13.00
C ALA A 275 25.42 -3.76 -11.68
N SER A 276 25.57 -2.99 -10.60
CA SER A 276 25.16 -3.47 -9.29
C SER A 276 24.50 -2.39 -8.46
N GLY A 277 23.73 -2.81 -7.46
CA GLY A 277 23.10 -1.91 -6.52
C GLY A 277 21.86 -1.26 -7.11
N ARG A 278 21.33 -0.27 -6.40
CA ARG A 278 20.18 0.47 -6.86
C ARG A 278 20.37 1.96 -6.63
N SER A 279 19.89 2.76 -7.57
CA SER A 279 19.89 4.21 -7.40
C SER A 279 18.43 4.60 -7.33
N LYS A 280 18.12 5.60 -6.52
CA LYS A 280 16.75 6.09 -6.46
C LYS A 280 16.53 7.02 -7.64
N VAL A 281 15.59 6.66 -8.49
CA VAL A 281 15.40 7.38 -9.75
C VAL A 281 14.07 8.10 -9.79
N ILE A 282 14.10 9.37 -10.19
CA ILE A 282 12.86 10.10 -10.45
C ILE A 282 12.99 10.90 -11.74
N LYS A 283 11.86 11.24 -12.34
CA LYS A 283 11.87 12.10 -13.50
C LYS A 283 12.26 13.51 -13.11
N GLY A 284 12.96 14.18 -14.02
CA GLY A 284 13.38 15.55 -13.81
C GLY A 284 13.97 16.13 -15.07
N SER A 285 14.54 17.32 -14.95
CA SER A 285 15.18 17.96 -16.10
C SER A 285 16.62 18.37 -15.82
N LEU A 286 17.34 18.69 -16.90
CA LEU A 286 18.76 18.98 -16.83
C LEU A 286 18.89 20.42 -17.31
N PRO A 287 19.88 21.17 -16.82
CA PRO A 287 21.03 20.94 -15.93
C PRO A 287 20.66 20.93 -14.45
N LEU A 288 21.47 20.25 -13.64
CA LEU A 288 21.34 20.32 -12.19
C LEU A 288 21.95 21.62 -11.65
N ILE A 289 21.13 22.43 -10.98
CA ILE A 289 21.61 23.71 -10.49
C ILE A 289 21.55 23.84 -8.96
N GLY A 290 22.72 23.81 -8.33
CA GLY A 290 22.81 24.06 -6.91
C GLY A 290 22.50 22.83 -6.10
N GLU A 291 22.31 23.02 -4.81
CA GLU A 291 21.94 21.92 -3.91
C GLU A 291 20.52 22.12 -3.41
N ALA A 292 19.88 21.03 -3.01
CA ALA A 292 18.57 21.08 -2.39
C ALA A 292 18.40 19.86 -1.49
N ASP A 293 17.50 19.96 -0.52
CA ASP A 293 17.27 18.89 0.42
C ASP A 293 16.48 17.75 -0.22
N CYS A 294 15.60 18.11 -1.15
CA CYS A 294 14.59 17.19 -1.66
C CYS A 294 14.39 17.44 -3.15
N LEU A 295 14.28 16.37 -3.92
CA LEU A 295 13.89 16.48 -5.33
C LEU A 295 12.48 15.97 -5.57
N HIS A 296 11.66 16.79 -6.24
CA HIS A 296 10.24 16.49 -6.41
C HIS A 296 9.94 16.57 -7.90
N GLU A 297 9.20 15.61 -8.43
CA GLU A 297 8.98 15.52 -9.87
C GLU A 297 8.21 16.68 -10.49
N LYS A 298 7.39 17.37 -9.70
CA LYS A 298 6.55 18.44 -10.22
C LYS A 298 7.06 19.84 -9.83
N TYR A 299 7.96 19.90 -8.86
CA TYR A 299 8.43 21.17 -8.32
C TYR A 299 9.94 21.38 -8.46
N GLY A 300 10.65 20.31 -8.81
CA GLY A 300 12.09 20.39 -8.96
C GLY A 300 12.79 20.28 -7.61
N GLY A 301 13.91 20.93 -7.52
CA GLY A 301 14.66 20.98 -6.28
C GLY A 301 13.98 21.86 -5.25
N LEU A 302 14.01 21.44 -3.99
CA LEU A 302 13.42 22.20 -2.91
C LEU A 302 14.05 21.86 -1.56
N ASN A 303 14.05 22.84 -0.66
CA ASN A 303 14.51 22.64 0.71
C ASN A 303 13.33 22.50 1.67
N LYS A 304 13.51 21.77 2.76
CA LYS A 304 12.42 21.50 3.70
C LYS A 304 12.31 22.53 4.81
N SER A 305 11.17 23.19 4.89
CA SER A 305 10.87 24.10 5.99
C SER A 305 9.79 23.54 6.93
N LYS A 306 8.58 23.67 6.50
CA LYS A 306 7.45 23.05 7.18
C LYS A 306 7.56 21.53 7.05
N PRO A 307 6.92 20.78 7.96
CA PRO A 307 7.00 19.31 7.90
C PRO A 307 6.17 18.70 6.78
N TYR A 308 5.11 19.38 6.37
CA TYR A 308 4.21 18.86 5.34
C TYR A 308 4.13 19.83 4.17
N TYR A 309 3.54 19.39 3.07
CA TYR A 309 3.30 20.28 1.95
C TYR A 309 1.99 19.93 1.26
N THR A 310 1.40 20.95 0.64
CA THR A 310 0.21 20.79 -0.16
C THR A 310 0.56 21.07 -1.62
N GLY A 311 -0.30 20.64 -2.53
CA GLY A 311 -0.03 20.84 -3.95
C GLY A 311 -0.16 19.54 -4.72
N GLU A 312 0.68 19.38 -5.74
CA GLU A 312 0.64 18.17 -6.52
C GLU A 312 1.60 17.11 -6.01
N HIS A 313 1.05 15.96 -5.61
CA HIS A 313 1.86 14.83 -5.20
C HIS A 313 2.50 14.17 -6.41
N ALA A 314 3.75 13.75 -6.25
CA ALA A 314 4.47 13.06 -7.30
C ALA A 314 5.62 12.35 -6.63
N LYS A 315 6.37 11.54 -7.37
CA LYS A 315 7.55 10.91 -6.81
C LYS A 315 8.55 11.96 -6.36
N ALA A 316 9.21 11.69 -5.24
CA ALA A 316 10.14 12.65 -4.65
C ALA A 316 11.12 11.93 -3.72
N ILE A 317 12.38 12.33 -3.79
CA ILE A 317 13.42 11.70 -2.98
C ILE A 317 14.23 12.67 -2.11
N GLY A 318 14.69 12.16 -0.97
CA GLY A 318 15.50 12.95 -0.05
C GLY A 318 14.82 13.36 1.25
N ASN A 319 15.32 14.44 1.85
CA ASN A 319 14.76 14.98 3.08
C ASN A 319 13.58 15.85 2.70
N CYS A 320 12.41 15.23 2.59
CA CYS A 320 11.27 15.84 1.95
C CYS A 320 10.12 16.16 2.89
N PRO A 321 9.30 17.15 2.52
CA PRO A 321 8.07 17.37 3.29
C PRO A 321 7.06 16.30 2.90
N ILE A 322 6.13 15.99 3.79
CA ILE A 322 5.16 14.94 3.52
C ILE A 322 3.90 15.54 2.92
N TRP A 323 3.42 14.97 1.82
CA TRP A 323 2.24 15.50 1.16
C TRP A 323 0.98 15.35 2.01
N VAL A 324 0.14 16.39 2.02
CA VAL A 324 -1.16 16.30 2.69
C VAL A 324 -2.24 16.95 1.82
N LYS A 325 -3.48 16.50 1.98
CA LYS A 325 -4.60 16.97 1.17
C LYS A 325 -4.96 18.43 1.44
N THR A 326 -4.62 18.94 2.62
CA THR A 326 -5.15 20.23 3.04
C THR A 326 -4.14 20.99 3.89
N PRO A 327 -4.19 22.34 3.83
CA PRO A 327 -3.22 23.14 4.57
C PRO A 327 -3.46 23.11 6.07
N LEU A 328 -2.87 22.13 6.75
CA LEU A 328 -3.10 21.93 8.18
C LEU A 328 -2.43 23.00 9.01
N LYS A 329 -3.02 23.29 10.15
CA LYS A 329 -2.47 24.27 11.09
C LYS A 329 -2.57 23.69 12.48
N LEU A 330 -1.54 24.05 13.27
CA LEU A 330 -1.56 23.65 14.67
C LEU A 330 -1.88 24.88 15.51
N ALA A 331 -2.92 24.79 16.33
CA ALA A 331 -3.39 25.93 17.11
C ALA A 331 -2.32 26.47 18.05
N ASN A 332 -2.09 27.78 17.99
CA ASN A 332 -1.17 28.44 18.91
C ASN A 332 -1.80 29.70 19.49
N GLY A 333 -2.93 29.51 20.18
CA GLY A 333 -3.67 30.59 20.78
C GLY A 333 -4.89 30.06 21.49
N THR A 334 -5.89 30.92 21.68
CA THR A 334 -7.13 30.49 22.30
C THR A 334 -8.28 30.52 21.30
N LYS A 335 -9.33 29.79 21.68
CA LYS A 335 -10.59 29.83 20.92
C LYS A 335 -11.21 31.23 21.00
N TYR A 336 -11.94 31.62 19.97
CA TYR A 336 -12.56 32.94 19.96
C TYR A 336 -13.52 33.13 21.12
N ARG A 337 -13.46 34.30 21.73
CA ARG A 337 -14.40 34.71 22.75
C ARG A 337 -14.85 36.15 22.43
N PRO A 338 -16.16 36.42 22.45
CA PRO A 338 -16.71 37.77 22.28
C PRO A 338 -16.27 38.63 23.45
N PRO A 339 -15.97 39.91 23.16
CA PRO A 339 -15.54 40.81 24.23
C PRO A 339 -16.61 40.94 25.33
N ALA A 340 -16.17 40.84 26.57
CA ALA A 340 -17.06 40.95 27.71
C ALA A 340 -17.14 42.41 28.15
N LYS A 341 -18.32 42.90 28.48
CA LYS A 341 -18.44 44.29 28.92
C LYS A 341 -19.19 44.37 30.24
N LEU A 342 -19.01 45.49 30.93
CA LEU A 342 -19.54 45.68 32.27
C LEU A 342 -21.07 45.83 32.34
N LEU A 343 -21.59 46.86 31.66
CA LEU A 343 -23.02 47.14 31.70
C LEU A 343 -23.64 47.06 30.32
N PHE B 2 -16.60 23.09 27.43
CA PHE B 2 -17.88 22.46 27.78
C PHE B 2 -18.05 22.53 29.29
N PHE B 3 -16.91 22.47 29.98
CA PHE B 3 -16.87 22.49 31.43
C PHE B 3 -17.40 23.81 31.95
N GLY B 4 -16.82 24.90 31.45
CA GLY B 4 -17.23 26.24 31.83
C GLY B 4 -18.68 26.54 31.50
N ALA B 5 -19.16 26.01 30.38
CA ALA B 5 -20.54 26.23 29.96
C ALA B 5 -21.50 25.66 31.00
N ILE B 6 -21.19 24.48 31.52
CA ILE B 6 -22.04 23.83 32.51
C ILE B 6 -21.84 24.46 33.88
N ALA B 7 -20.61 24.85 34.17
CA ALA B 7 -20.23 25.34 35.49
C ALA B 7 -20.54 26.82 35.60
N GLY B 8 -21.05 27.40 34.51
CA GLY B 8 -21.41 28.81 34.52
C GLY B 8 -20.22 29.74 34.44
N PHE B 9 -19.08 29.25 33.97
CA PHE B 9 -17.93 30.12 33.75
C PHE B 9 -18.27 31.16 32.68
N LEU B 10 -17.67 32.34 32.80
CA LEU B 10 -17.87 33.41 31.84
C LEU B 10 -17.46 32.98 30.43
N GLU B 11 -18.38 33.14 29.48
CA GLU B 11 -18.15 32.71 28.11
C GLU B 11 -17.51 33.78 27.23
N GLY B 12 -17.41 35.00 27.76
CA GLY B 12 -16.73 36.07 27.04
C GLY B 12 -15.26 36.17 27.39
N GLY B 13 -14.55 37.09 26.75
CA GLY B 13 -13.15 37.31 27.02
C GLY B 13 -12.78 38.77 27.17
N TRP B 14 -11.55 39.03 27.62
CA TRP B 14 -11.14 40.39 27.92
C TRP B 14 -10.06 40.88 26.97
N GLU B 15 -10.40 41.87 26.16
CA GLU B 15 -9.49 42.45 25.18
C GLU B 15 -8.25 43.06 25.83
N GLY B 16 -8.37 43.46 27.10
CA GLY B 16 -7.28 44.05 27.86
C GLY B 16 -6.17 43.08 28.18
N MET B 17 -6.51 41.80 28.24
CA MET B 17 -5.57 40.74 28.52
C MET B 17 -4.66 40.55 27.32
N ILE B 18 -3.48 41.17 27.38
CA ILE B 18 -2.62 41.33 26.20
C ILE B 18 -1.28 40.61 26.33
N ALA B 19 -0.76 40.50 27.54
CA ALA B 19 0.54 39.87 27.76
C ALA B 19 0.43 38.35 27.87
N GLY B 20 -0.76 37.82 27.58
CA GLY B 20 -0.99 36.39 27.70
C GLY B 20 -2.36 35.94 27.26
N TRP B 21 -2.64 34.66 27.45
CA TRP B 21 -3.84 34.01 26.93
C TRP B 21 -4.91 33.86 28.01
N HIS B 22 -4.45 33.54 29.23
CA HIS B 22 -5.35 33.42 30.37
C HIS B 22 -4.79 34.15 31.59
N GLY B 23 -5.68 34.50 32.50
CA GLY B 23 -5.30 35.23 33.70
C GLY B 23 -6.49 35.57 34.57
N TYR B 24 -6.50 36.77 35.13
CA TYR B 24 -7.47 37.13 36.14
C TYR B 24 -8.16 38.46 35.85
N THR B 25 -9.38 38.59 36.36
CA THR B 25 -10.07 39.88 36.39
C THR B 25 -10.52 40.20 37.81
N SER B 26 -10.51 41.48 38.16
CA SER B 26 -11.02 41.95 39.44
C SER B 26 -12.19 42.91 39.26
N HIS B 27 -13.22 42.75 40.11
CA HIS B 27 -14.45 43.52 39.96
C HIS B 27 -14.78 44.23 41.27
N GLY B 28 -15.93 44.89 41.32
CA GLY B 28 -16.34 45.58 42.53
C GLY B 28 -16.70 47.05 42.35
N ALA B 29 -15.77 47.93 42.71
CA ALA B 29 -16.03 49.37 42.68
C ALA B 29 -15.02 50.16 41.86
N HIS B 30 -13.83 49.59 41.68
CA HIS B 30 -12.80 50.25 40.88
C HIS B 30 -13.21 50.10 39.43
N GLY B 31 -14.17 49.21 39.20
CA GLY B 31 -14.64 48.81 37.89
C GLY B 31 -14.16 47.44 37.49
N VAL B 32 -13.15 47.38 36.63
CA VAL B 32 -12.65 46.08 36.18
C VAL B 32 -11.18 46.14 35.76
N ALA B 33 -10.37 45.32 36.42
CA ALA B 33 -8.94 45.24 36.08
C ALA B 33 -8.65 43.89 35.45
N VAL B 34 -7.66 43.84 34.57
CA VAL B 34 -7.34 42.61 33.85
C VAL B 34 -5.84 42.35 33.91
N ALA B 35 -5.45 41.13 34.26
CA ALA B 35 -4.03 40.77 34.28
C ALA B 35 -3.78 39.39 33.70
N ALA B 36 -2.83 39.29 32.78
CA ALA B 36 -2.48 38.00 32.20
C ALA B 36 -1.52 37.27 33.12
N ASP B 37 -1.75 35.96 33.29
CA ASP B 37 -0.85 35.10 34.04
C ASP B 37 0.18 34.51 33.10
N LEU B 38 1.45 34.81 33.34
CA LEU B 38 2.51 34.44 32.41
C LEU B 38 2.90 32.97 32.53
N LYS B 39 2.67 32.39 33.70
CA LYS B 39 3.00 30.98 33.93
C LYS B 39 2.10 30.10 33.09
N SER B 40 0.80 30.33 33.17
CA SER B 40 -0.18 29.54 32.42
C SER B 40 0.01 29.68 30.92
N THR B 41 0.34 30.89 30.49
CA THR B 41 0.54 31.17 29.08
C THR B 41 1.79 30.45 28.58
N GLN B 42 2.85 30.49 29.38
CA GLN B 42 4.09 29.82 28.99
C GLN B 42 3.89 28.32 28.95
N GLU B 43 3.11 27.80 29.90
CA GLU B 43 2.81 26.37 29.94
C GLU B 43 2.07 25.93 28.69
N ALA B 44 1.09 26.74 28.27
CA ALA B 44 0.33 26.43 27.06
C ALA B 44 1.21 26.48 25.82
N ILE B 45 2.06 27.52 25.75
CA ILE B 45 2.93 27.68 24.61
C ILE B 45 3.90 26.52 24.52
N ASN B 46 4.42 26.08 25.68
CA ASN B 46 5.34 24.95 25.69
C ASN B 46 4.67 23.64 25.29
N LYS B 47 3.43 23.42 25.73
CA LYS B 47 2.73 22.20 25.35
C LYS B 47 2.53 22.18 23.84
N ILE B 48 2.11 23.32 23.29
CA ILE B 48 1.88 23.42 21.86
C ILE B 48 3.18 23.22 21.09
N THR B 49 4.26 23.78 21.60
CA THR B 49 5.58 23.67 20.96
C THR B 49 6.08 22.22 20.96
N LYS B 50 5.87 21.52 22.06
CA LYS B 50 6.25 20.10 22.14
C LYS B 50 5.41 19.28 21.17
N ASN B 51 4.13 19.66 21.08
CA ASN B 51 3.21 18.98 20.18
C ASN B 51 3.68 19.18 18.74
N LEU B 52 4.13 20.39 18.45
CA LEU B 52 4.69 20.74 17.16
C LEU B 52 5.92 19.90 16.85
N ASN B 53 6.79 19.75 17.84
CA ASN B 53 7.97 18.92 17.64
C ASN B 53 7.57 17.48 17.32
N SER B 54 6.57 16.97 18.03
CA SER B 54 6.14 15.59 17.81
C SER B 54 5.56 15.39 16.42
N LEU B 55 4.80 16.36 15.94
CA LEU B 55 4.22 16.24 14.59
C LEU B 55 5.31 16.37 13.52
N SER B 56 6.39 17.08 13.85
CA SER B 56 7.46 17.32 12.89
C SER B 56 8.49 16.20 12.89
N GLU B 57 8.31 15.25 13.79
CA GLU B 57 9.25 14.14 13.96
C GLU B 57 8.92 12.96 13.06
N LEU B 58 7.70 12.92 12.52
CA LEU B 58 7.31 11.81 11.66
C LEU B 58 8.19 11.71 10.44
N GLU B 59 8.74 10.53 10.20
CA GLU B 59 9.54 10.30 9.01
C GLU B 59 8.88 9.16 8.22
N VAL B 60 8.66 9.37 6.92
CA VAL B 60 8.17 8.29 6.04
C VAL B 60 9.07 8.01 4.83
N LYS B 61 9.00 6.79 4.32
CA LYS B 61 9.82 6.40 3.17
C LYS B 61 9.50 7.24 1.93
N ASN B 62 10.53 7.53 1.14
CA ASN B 62 10.37 8.15 -0.18
C ASN B 62 9.63 7.29 -1.20
N LEU B 63 8.88 7.91 -2.10
CA LEU B 63 8.37 7.22 -3.29
C LEU B 63 9.12 7.58 -4.58
N GLN B 64 9.83 6.63 -5.15
CA GLN B 64 10.50 6.89 -6.43
C GLN B 64 10.08 5.84 -7.46
N ARG B 65 10.66 5.93 -8.65
CA ARG B 65 10.36 4.98 -9.72
C ARG B 65 10.94 3.59 -9.42
N LEU B 66 10.34 2.54 -9.98
CA LEU B 66 11.01 1.24 -10.00
C LEU B 66 12.21 1.36 -10.91
N SER B 67 13.32 0.76 -10.49
CA SER B 67 14.56 0.81 -11.24
C SER B 67 14.57 -0.16 -12.42
N GLY B 68 13.77 -1.22 -12.33
CA GLY B 68 13.80 -2.27 -13.33
C GLY B 68 12.69 -2.16 -14.36
N ALA B 69 11.60 -1.48 -13.98
CA ALA B 69 10.44 -1.37 -14.86
C ALA B 69 10.60 -0.21 -15.83
N MET B 70 10.66 -0.52 -17.12
CA MET B 70 10.85 0.49 -18.16
C MET B 70 9.53 0.94 -18.74
N ASP B 71 9.48 2.21 -19.14
CA ASP B 71 8.34 2.78 -19.84
C ASP B 71 8.09 2.04 -21.16
N GLU B 72 6.84 2.10 -21.65
CA GLU B 72 6.43 1.41 -22.88
C GLU B 72 6.36 -0.10 -22.68
N LEU B 73 7.49 -0.70 -22.31
CA LEU B 73 7.62 -2.14 -22.15
C LEU B 73 6.81 -2.71 -20.99
N HIS B 74 6.72 -1.97 -19.89
CA HIS B 74 6.09 -2.45 -18.66
C HIS B 74 5.00 -1.48 -18.17
N ASN B 75 4.10 -1.09 -19.06
CA ASN B 75 3.10 -0.08 -18.70
C ASN B 75 2.11 -0.53 -17.62
N GLU B 76 1.75 -1.81 -17.62
CA GLU B 76 0.79 -2.33 -16.64
C GLU B 76 1.36 -2.25 -15.23
N ILE B 77 2.62 -2.67 -15.10
CA ILE B 77 3.35 -2.56 -13.85
C ILE B 77 3.45 -1.10 -13.42
N LEU B 78 3.74 -0.21 -14.36
CA LEU B 78 3.91 1.19 -14.00
C LEU B 78 2.57 1.79 -13.53
N GLU B 79 1.48 1.20 -14.02
CA GLU B 79 0.14 1.59 -13.61
C GLU B 79 -0.17 1.14 -12.19
N LEU B 80 0.26 -0.07 -11.87
CA LEU B 80 0.05 -0.60 -10.53
C LEU B 80 0.90 0.22 -9.56
N ASP B 81 2.10 0.58 -10.01
CA ASP B 81 3.00 1.43 -9.26
C ASP B 81 2.41 2.79 -8.95
N GLU B 82 1.76 3.37 -9.96
CA GLU B 82 1.07 4.64 -9.82
C GLU B 82 -0.06 4.55 -8.79
N LYS B 83 -0.79 3.43 -8.85
CA LYS B 83 -1.85 3.17 -7.88
C LYS B 83 -1.29 3.08 -6.46
N VAL B 84 -0.15 2.40 -6.33
CA VAL B 84 0.51 2.27 -5.03
C VAL B 84 0.94 3.62 -4.44
N ASP B 85 1.59 4.44 -5.26
CA ASP B 85 2.00 5.77 -4.81
C ASP B 85 0.79 6.56 -4.33
N ASP B 86 -0.29 6.52 -5.12
CA ASP B 86 -1.45 7.32 -4.80
C ASP B 86 -2.11 6.87 -3.50
N LEU B 87 -2.20 5.56 -3.29
CA LEU B 87 -2.84 5.05 -2.09
C LEU B 87 -2.00 5.32 -0.85
N ARG B 88 -0.68 5.28 -1.02
CA ARG B 88 0.20 5.59 0.10
C ARG B 88 0.00 7.05 0.51
N ALA B 89 0.05 7.95 -0.48
CA ALA B 89 -0.12 9.37 -0.21
C ALA B 89 -1.46 9.63 0.48
N ASP B 90 -2.51 8.97 0.00
CA ASP B 90 -3.84 9.15 0.57
C ASP B 90 -3.90 8.70 2.03
N THR B 91 -3.39 7.50 2.30
CA THR B 91 -3.50 6.92 3.63
C THR B 91 -2.67 7.69 4.65
N ILE B 92 -1.43 8.00 4.30
CA ILE B 92 -0.57 8.73 5.23
C ILE B 92 -1.11 10.15 5.44
N SER B 93 -1.67 10.74 4.39
CA SER B 93 -2.33 12.03 4.53
C SER B 93 -3.44 11.97 5.58
N SER B 94 -4.28 10.94 5.48
CA SER B 94 -5.36 10.74 6.44
C SER B 94 -4.83 10.60 7.87
N GLN B 95 -3.77 9.83 8.02
CA GLN B 95 -3.21 9.53 9.34
C GLN B 95 -2.62 10.81 9.96
N ILE B 96 -2.04 11.65 9.11
CA ILE B 96 -1.48 12.92 9.57
C ILE B 96 -2.59 13.87 10.00
N GLU B 97 -3.65 13.90 9.19
CA GLU B 97 -4.83 14.70 9.50
C GLU B 97 -5.40 14.28 10.85
N LEU B 98 -5.30 12.99 11.16
CA LEU B 98 -5.81 12.49 12.43
C LEU B 98 -4.93 12.95 13.59
N ALA B 99 -3.62 12.85 13.42
CA ALA B 99 -2.68 13.32 14.45
C ALA B 99 -2.90 14.80 14.76
N VAL B 100 -3.13 15.58 13.72
CA VAL B 100 -3.30 17.02 13.88
C VAL B 100 -4.64 17.33 14.53
N LEU B 101 -5.67 16.59 14.12
CA LEU B 101 -7.00 16.76 14.70
C LEU B 101 -6.96 16.52 16.20
N LEU B 102 -6.28 15.46 16.61
CA LEU B 102 -6.21 15.15 18.04
C LEU B 102 -5.39 16.19 18.79
N SER B 103 -4.33 16.68 18.15
CA SER B 103 -3.52 17.75 18.73
C SER B 103 -4.36 19.01 19.04
N ASN B 104 -5.12 19.44 18.04
CA ASN B 104 -5.94 20.64 18.16
C ASN B 104 -7.06 20.47 19.19
N GLU B 105 -7.61 19.26 19.19
CA GLU B 105 -8.62 18.88 20.16
C GLU B 105 -8.05 19.02 21.56
N GLY B 106 -6.82 18.56 21.73
CA GLY B 106 -6.14 18.65 23.01
C GLY B 106 -5.99 20.08 23.48
N ILE B 107 -5.59 20.97 22.57
CA ILE B 107 -5.36 22.37 22.96
C ILE B 107 -6.64 23.11 23.41
N ILE B 108 -7.66 22.96 22.56
CA ILE B 108 -8.93 23.62 22.84
C ILE B 108 -9.51 23.02 24.10
N ASN B 109 -9.31 21.71 24.29
CA ASN B 109 -9.86 21.10 25.49
C ASN B 109 -9.09 21.55 26.73
N SER B 110 -7.81 21.89 26.57
CA SER B 110 -7.00 22.22 27.74
C SER B 110 -7.29 23.62 28.27
N GLU B 111 -8.03 24.41 27.50
CA GLU B 111 -8.29 25.79 27.98
C GLU B 111 -8.93 25.85 29.40
N ASP B 112 -10.04 25.14 29.58
CA ASP B 112 -10.74 25.16 30.86
C ASP B 112 -9.94 24.54 32.01
N GLU B 113 -8.98 23.70 31.66
CA GLU B 113 -8.13 23.09 32.69
C GLU B 113 -7.13 24.14 33.16
N HIS B 114 -6.73 25.00 32.23
CA HIS B 114 -5.87 26.12 32.61
C HIS B 114 -6.63 27.04 33.54
N LEU B 115 -7.90 27.26 33.26
CA LEU B 115 -8.71 28.10 34.15
C LEU B 115 -8.83 27.50 35.57
N LEU B 116 -9.16 26.21 35.64
CA LEU B 116 -9.27 25.50 36.91
C LEU B 116 -7.99 25.57 37.76
N ALA B 117 -6.85 25.48 37.08
CA ALA B 117 -5.57 25.56 37.77
C ALA B 117 -5.35 26.99 38.26
N LEU B 118 -5.76 27.97 37.45
CA LEU B 118 -5.58 29.35 37.86
C LEU B 118 -6.46 29.62 39.09
N GLU B 119 -7.55 28.86 39.23
CA GLU B 119 -8.44 29.08 40.37
C GLU B 119 -7.77 28.52 41.60
N ARG B 120 -7.04 27.42 41.46
CA ARG B 120 -6.35 26.91 42.64
C ARG B 120 -5.22 27.86 43.09
N LYS B 121 -4.53 28.45 42.12
CA LYS B 121 -3.43 29.36 42.46
C LYS B 121 -4.01 30.59 43.16
N LEU B 122 -5.14 31.06 42.63
CA LEU B 122 -5.78 32.24 43.19
C LEU B 122 -6.28 31.92 44.59
N LYS B 123 -6.86 30.72 44.76
CA LYS B 123 -7.40 30.33 46.05
C LYS B 123 -6.33 30.39 47.13
N LYS B 124 -5.15 29.83 46.83
CA LYS B 124 -4.12 29.84 47.86
C LYS B 124 -3.61 31.26 48.13
N MET B 125 -3.42 32.05 47.08
CA MET B 125 -2.90 33.41 47.29
C MET B 125 -3.86 34.36 48.01
N LEU B 126 -5.14 34.20 47.73
CA LEU B 126 -6.16 35.08 48.29
C LEU B 126 -6.37 34.84 49.78
N GLY B 127 -6.01 33.66 50.25
CA GLY B 127 -6.12 33.31 51.66
C GLY B 127 -7.50 32.87 52.11
N PRO B 128 -7.59 32.36 53.36
CA PRO B 128 -8.81 31.75 53.89
C PRO B 128 -9.93 32.73 54.28
N SER B 129 -9.72 34.02 54.06
CA SER B 129 -10.76 35.00 54.34
C SER B 129 -11.65 35.23 53.11
N ALA B 130 -11.15 34.78 51.96
CA ALA B 130 -11.87 34.89 50.70
C ALA B 130 -12.94 33.82 50.59
N VAL B 131 -13.98 34.07 49.80
CA VAL B 131 -15.08 33.13 49.65
C VAL B 131 -15.19 32.58 48.22
N ASP B 132 -15.21 31.25 48.11
CA ASP B 132 -15.27 30.56 46.82
C ASP B 132 -16.71 30.48 46.31
N ILE B 133 -16.96 31.09 45.15
CA ILE B 133 -18.31 31.10 44.61
C ILE B 133 -18.64 29.85 43.78
N GLY B 134 -17.64 29.34 43.06
CA GLY B 134 -17.80 28.12 42.31
C GLY B 134 -17.80 28.32 40.81
N ASN B 135 -17.96 29.56 40.37
CA ASN B 135 -17.95 29.88 38.95
C ASN B 135 -16.61 30.48 38.54
N GLY B 136 -15.58 30.17 39.31
CA GLY B 136 -14.26 30.70 39.01
C GLY B 136 -14.01 32.05 39.66
N CYS B 137 -14.93 32.46 40.52
CA CYS B 137 -14.87 33.78 41.14
C CYS B 137 -14.73 33.69 42.66
N PHE B 138 -13.97 34.62 43.23
CA PHE B 138 -13.82 34.70 44.68
C PHE B 138 -14.25 36.06 45.20
N GLU B 139 -14.96 36.08 46.33
CA GLU B 139 -15.37 37.32 46.95
C GLU B 139 -14.40 37.74 48.05
N THR B 140 -13.91 38.96 47.95
CA THR B 140 -12.90 39.43 48.88
C THR B 140 -13.46 40.51 49.82
N LYS B 141 -12.81 40.67 50.97
CA LYS B 141 -13.17 41.68 51.95
C LYS B 141 -12.52 43.02 51.64
N HIS B 142 -11.56 43.00 50.72
CA HIS B 142 -10.75 44.18 50.43
C HIS B 142 -10.91 44.64 48.99
N LYS B 143 -10.33 45.81 48.72
CA LYS B 143 -10.33 46.36 47.37
C LYS B 143 -9.17 45.76 46.59
N CYS B 144 -9.37 45.57 45.28
CA CYS B 144 -8.29 45.09 44.44
C CYS B 144 -8.24 45.83 43.10
N ASN B 145 -7.53 46.95 43.06
CA ASN B 145 -7.36 47.70 41.82
C ASN B 145 -6.27 47.05 40.97
N GLN B 146 -5.90 47.70 39.87
CA GLN B 146 -4.96 47.13 38.92
C GLN B 146 -3.63 46.71 39.57
N THR B 147 -3.16 47.51 40.53
CA THR B 147 -1.90 47.22 41.19
C THR B 147 -2.00 45.96 42.05
N CYS B 148 -3.07 45.67 42.60
CA CYS B 148 -3.35 44.47 43.39
C CYS B 148 -3.46 43.25 42.50
N LEU B 149 -4.17 43.39 41.39
CA LEU B 149 -4.36 42.27 40.49
C LEU B 149 -2.99 41.91 39.91
N ASP B 150 -2.18 42.94 39.64
CA ASP B 150 -0.84 42.76 39.11
C ASP B 150 0.00 41.97 40.11
N ARG B 151 -0.28 42.19 41.40
CA ARG B 151 0.44 41.50 42.45
C ARG B 151 -0.04 40.07 42.57
N ILE B 152 -1.29 39.83 42.17
CA ILE B 152 -1.84 38.49 42.14
C ILE B 152 -1.18 37.68 41.01
N ALA B 153 -1.11 38.30 39.84
CA ALA B 153 -0.46 37.70 38.66
C ALA B 153 1.00 37.31 38.86
N ALA B 154 1.70 38.01 39.74
CA ALA B 154 3.12 37.74 39.97
C ALA B 154 3.34 36.81 41.16
N GLY B 155 2.25 36.47 41.85
CA GLY B 155 2.33 35.54 42.97
C GLY B 155 2.97 36.21 44.17
N THR B 156 3.01 37.53 44.15
CA THR B 156 3.59 38.31 45.23
C THR B 156 2.51 38.84 46.16
N PHE B 157 1.25 38.57 45.81
CA PHE B 157 0.11 39.07 46.58
C PHE B 157 0.15 38.55 48.01
N ASN B 158 -0.10 39.44 48.96
CA ASN B 158 -0.13 39.08 50.37
C ASN B 158 -1.37 39.65 51.04
N ALA B 159 -2.16 38.78 51.68
CA ALA B 159 -3.40 39.25 52.30
C ALA B 159 -3.11 40.00 53.59
N GLY B 160 -1.87 39.86 54.07
CA GLY B 160 -1.44 40.54 55.26
C GLY B 160 -1.47 42.04 55.07
N GLU B 161 -1.19 42.46 53.84
CA GLU B 161 -1.21 43.88 53.50
C GLU B 161 -2.60 44.49 53.66
N PHE B 162 -3.61 43.63 53.81
CA PHE B 162 -4.96 44.11 54.05
C PHE B 162 -5.41 43.64 55.42
N SER B 163 -4.43 43.24 56.23
CA SER B 163 -4.65 42.77 57.60
C SER B 163 -5.59 41.56 57.63
N LEU B 164 -5.42 40.66 56.67
CA LEU B 164 -6.24 39.47 56.55
C LEU B 164 -5.40 38.22 56.71
N PRO B 165 -6.02 37.12 57.19
CA PRO B 165 -5.31 35.86 57.39
C PRO B 165 -4.73 35.32 56.07
N THR B 166 -3.63 34.59 56.17
CA THR B 166 -2.98 34.01 55.00
C THR B 166 -2.63 32.56 55.23
N PHE B 167 -2.47 31.82 54.13
CA PHE B 167 -1.88 30.49 54.21
C PHE B 167 -0.39 30.70 54.09
N ASP B 168 0.37 30.03 54.95
CA ASP B 168 1.82 30.05 54.84
C ASP B 168 2.28 28.99 53.85
N SER B 169 3.56 29.04 53.49
CA SER B 169 4.11 28.08 52.55
C SER B 169 5.12 27.16 53.22
N LEU B 170 5.05 25.88 52.90
CA LEU B 170 5.96 24.89 53.46
C LEU B 170 7.38 25.10 52.94
N ASN B 171 8.36 25.00 53.83
CA ASN B 171 9.75 25.12 53.40
C ASN B 171 10.14 23.81 52.73
N ILE B 172 10.27 23.83 51.40
CA ILE B 172 10.67 22.66 50.64
C ILE B 172 11.79 22.97 49.65
N ASP C 1 -30.65 19.27 54.55
CA ASP C 1 -30.70 18.21 53.55
C ASP C 1 -29.37 18.09 52.79
N ARG C 2 -29.19 16.96 52.12
CA ARG C 2 -28.00 16.74 51.30
C ARG C 2 -28.28 16.68 49.81
N ILE C 3 -27.50 17.43 49.03
CA ILE C 3 -27.71 17.51 47.59
C ILE C 3 -26.45 17.12 46.84
N CYS C 4 -26.59 16.24 45.85
CA CYS C 4 -25.44 15.63 45.18
C CYS C 4 -25.62 15.62 43.67
N THR C 5 -24.52 15.58 42.94
CA THR C 5 -24.54 15.33 41.50
C THR C 5 -24.63 13.83 41.25
N GLY C 6 -25.29 13.45 40.15
CA GLY C 6 -25.43 12.04 39.82
C GLY C 6 -25.63 11.75 38.33
N ILE C 7 -25.52 10.48 37.96
CA ILE C 7 -25.68 10.04 36.58
C ILE C 7 -26.78 8.98 36.51
N THR C 8 -27.54 8.98 35.42
CA THR C 8 -28.66 8.06 35.26
C THR C 8 -28.26 6.59 35.23
N SER C 9 -29.26 5.73 35.39
CA SER C 9 -29.11 4.30 35.26
C SER C 9 -30.26 3.83 34.39
N SER C 10 -29.93 3.17 33.30
CA SER C 10 -30.92 2.66 32.36
C SER C 10 -30.38 1.38 31.77
N ASN C 11 -31.23 0.69 31.01
CA ASN C 11 -30.80 -0.52 30.32
C ASN C 11 -29.62 -0.21 29.42
N SER C 12 -28.59 -1.04 29.52
CA SER C 12 -27.34 -0.77 28.81
C SER C 12 -26.84 -2.00 28.07
N PRO C 13 -27.53 -2.35 26.97
CA PRO C 13 -27.22 -3.56 26.22
C PRO C 13 -26.10 -3.33 25.19
N HIS C 14 -25.72 -2.07 24.98
CA HIS C 14 -24.74 -1.79 23.95
C HIS C 14 -23.31 -1.84 24.47
N VAL C 15 -22.37 -2.30 23.67
CA VAL C 15 -21.00 -2.40 24.16
C VAL C 15 -20.08 -1.58 23.27
N VAL C 16 -19.15 -0.84 23.87
CA VAL C 16 -18.12 -0.20 23.06
C VAL C 16 -16.73 -0.42 23.66
N LYS C 17 -15.69 -0.35 22.82
CA LYS C 17 -14.34 -0.53 23.32
C LYS C 17 -13.72 0.81 23.68
N THR C 18 -13.01 0.84 24.80
CA THR C 18 -12.22 2.00 25.20
C THR C 18 -10.76 1.60 25.40
N ALA C 19 -9.87 2.59 25.49
CA ALA C 19 -8.46 2.33 25.71
C ALA C 19 -8.10 2.03 27.16
N THR C 20 -8.74 2.70 28.11
CA THR C 20 -8.33 2.59 29.51
C THR C 20 -9.31 1.79 30.37
N GLN C 21 -10.49 1.51 29.85
CA GLN C 21 -11.49 0.77 30.61
C GLN C 21 -11.92 -0.55 29.95
N GLY C 22 -11.30 -0.86 28.82
CA GLY C 22 -11.66 -2.06 28.07
C GLY C 22 -13.03 -1.88 27.42
N GLU C 23 -13.77 -2.97 27.26
CA GLU C 23 -15.15 -2.95 26.79
C GLU C 23 -16.06 -2.51 27.93
N VAL C 24 -16.95 -1.57 27.66
CA VAL C 24 -17.90 -1.12 28.67
C VAL C 24 -19.32 -1.17 28.13
N ASN C 25 -20.29 -1.45 29.00
CA ASN C 25 -21.69 -1.47 28.57
C ASN C 25 -22.23 -0.04 28.59
N VAL C 26 -23.03 0.32 27.60
CA VAL C 26 -23.55 1.67 27.52
C VAL C 26 -25.05 1.67 27.22
N THR C 27 -25.70 2.80 27.51
CA THR C 27 -27.15 2.91 27.36
C THR C 27 -27.57 3.13 25.91
N GLY C 28 -26.71 3.65 25.09
CA GLY C 28 -27.00 3.96 23.70
C GLY C 28 -25.79 4.13 22.82
N VAL C 29 -25.98 3.82 21.54
CA VAL C 29 -24.93 3.96 20.53
C VAL C 29 -25.48 4.50 19.22
N ILE C 30 -24.58 5.03 18.41
CA ILE C 30 -24.85 5.38 17.03
C ILE C 30 -24.04 4.40 16.21
N PRO C 31 -24.72 3.47 15.52
CA PRO C 31 -24.00 2.52 14.66
C PRO C 31 -23.33 3.25 13.52
N LEU C 32 -22.09 2.86 13.19
CA LEU C 32 -21.35 3.54 12.15
C LEU C 32 -21.29 2.68 10.89
N THR C 33 -21.75 1.44 11.02
CA THR C 33 -21.63 0.48 9.92
C THR C 33 -22.96 -0.17 9.61
N THR C 34 -23.08 -0.68 8.38
CA THR C 34 -24.15 -1.58 8.00
C THR C 34 -23.52 -2.69 7.17
N THR C 35 -24.22 -3.81 7.02
CA THR C 35 -23.83 -4.78 6.01
C THR C 35 -24.80 -4.69 4.85
N PRO C 36 -24.31 -4.28 3.67
CA PRO C 36 -25.16 -4.09 2.50
C PRO C 36 -25.75 -5.41 2.02
N THR C 37 -26.81 -5.32 1.23
CA THR C 37 -27.42 -6.50 0.64
C THR C 37 -27.18 -6.50 -0.85
N LYS C 38 -27.13 -7.69 -1.44
CA LYS C 38 -26.86 -7.84 -2.86
C LYS C 38 -28.01 -7.29 -3.70
N SER C 39 -27.70 -6.26 -4.49
CA SER C 39 -28.67 -5.66 -5.37
C SER C 39 -28.13 -5.69 -6.80
N HIS C 40 -28.98 -5.39 -7.76
CA HIS C 40 -28.54 -5.30 -9.15
C HIS C 40 -27.62 -4.11 -9.30
N PHE C 41 -26.87 -4.07 -10.40
CA PHE C 41 -25.98 -2.95 -10.66
C PHE C 41 -26.77 -1.79 -11.25
N ALA C 42 -26.14 -0.63 -11.35
CA ALA C 42 -26.85 0.57 -11.75
C ALA C 42 -25.90 1.58 -12.37
N ASN C 43 -26.44 2.75 -12.71
CA ASN C 43 -25.62 3.85 -13.18
C ASN C 43 -24.97 4.56 -12.00
N LEU C 44 -23.76 5.07 -12.21
CA LEU C 44 -23.11 5.83 -11.16
C LEU C 44 -23.66 7.25 -11.15
N LYS C 45 -24.22 7.65 -10.01
CA LYS C 45 -24.71 9.01 -9.84
C LYS C 45 -23.57 9.98 -10.07
N GLY C 46 -23.74 10.90 -11.02
CA GLY C 46 -22.73 11.91 -11.28
C GLY C 46 -21.65 11.45 -12.25
N THR C 47 -21.83 10.27 -12.83
CA THR C 47 -20.86 9.70 -13.77
C THR C 47 -21.55 8.80 -14.78
N LYS C 48 -21.49 9.16 -16.06
CA LYS C 48 -22.05 8.31 -17.11
C LYS C 48 -21.38 6.93 -17.11
N THR C 49 -22.18 5.87 -17.15
CA THR C 49 -21.68 4.53 -16.90
C THR C 49 -21.80 3.60 -18.11
N ARG C 50 -20.67 3.09 -18.57
CA ARG C 50 -20.59 2.28 -19.79
C ARG C 50 -20.91 0.81 -19.54
N GLY C 51 -21.75 0.22 -20.41
CA GLY C 51 -22.01 -1.20 -20.36
C GLY C 51 -21.47 -1.88 -21.61
N LYS C 52 -22.26 -1.90 -22.67
CA LYS C 52 -21.77 -2.33 -23.97
C LYS C 52 -20.98 -1.18 -24.57
N LEU C 53 -19.95 -1.51 -25.35
CA LEU C 53 -19.11 -0.50 -25.99
C LEU C 53 -19.94 0.36 -26.93
N CYS C 54 -20.75 -0.29 -27.76
CA CYS C 54 -21.61 0.42 -28.70
C CYS C 54 -23.04 -0.05 -28.45
N PRO C 55 -23.76 0.67 -27.58
CA PRO C 55 -25.13 0.33 -27.14
C PRO C 55 -26.15 0.41 -28.26
N THR C 56 -25.86 1.22 -29.28
CA THR C 56 -26.75 1.36 -30.43
C THR C 56 -26.66 0.15 -31.36
N CYS C 57 -25.61 -0.61 -31.19
CA CYS C 57 -25.39 -1.80 -32.01
C CYS C 57 -26.09 -3.04 -31.43
N LEU C 58 -27.27 -3.34 -31.95
CA LEU C 58 -28.11 -4.41 -31.41
C LEU C 58 -27.71 -5.79 -31.93
N ASN C 59 -28.08 -6.84 -31.19
CA ASN C 59 -27.64 -8.22 -31.46
C ASN C 59 -26.13 -8.41 -31.53
N CYS C 60 -25.39 -7.35 -31.25
CA CYS C 60 -23.93 -7.40 -31.31
C CYS C 60 -23.31 -7.50 -29.92
N THR C 61 -22.19 -8.22 -29.81
CA THR C 61 -21.48 -8.34 -28.55
C THR C 61 -20.25 -7.43 -28.55
N ASP C 62 -19.65 -7.19 -27.40
CA ASP C 62 -18.50 -6.30 -27.25
C ASP C 62 -17.28 -6.70 -28.08
N LEU C 63 -16.98 -8.00 -28.14
CA LEU C 63 -15.92 -8.47 -29.03
C LEU C 63 -16.24 -8.19 -30.49
N ASP C 64 -17.49 -8.43 -30.89
CA ASP C 64 -17.93 -8.16 -32.26
C ASP C 64 -17.69 -6.70 -32.62
N VAL C 65 -18.01 -5.82 -31.69
CA VAL C 65 -17.84 -4.39 -31.87
C VAL C 65 -16.36 -4.03 -31.96
N ALA C 66 -15.55 -4.66 -31.10
CA ALA C 66 -14.12 -4.39 -31.05
C ALA C 66 -13.41 -4.83 -32.32
N LEU C 67 -13.92 -5.88 -32.96
CA LEU C 67 -13.32 -6.38 -34.20
C LEU C 67 -13.83 -5.65 -35.44
N GLY C 68 -14.91 -4.90 -35.29
CA GLY C 68 -15.47 -4.17 -36.42
C GLY C 68 -16.27 -5.04 -37.36
N ARG C 69 -17.05 -5.96 -36.79
CA ARG C 69 -17.95 -6.82 -37.56
C ARG C 69 -19.00 -6.00 -38.31
N PRO C 70 -19.27 -6.39 -39.57
CA PRO C 70 -20.34 -5.79 -40.38
C PRO C 70 -21.72 -5.84 -39.72
N MET C 71 -22.45 -4.73 -39.82
CA MET C 71 -23.74 -4.48 -39.15
C MET C 71 -23.55 -4.07 -37.69
N CYS C 72 -22.34 -4.27 -37.19
CA CYS C 72 -22.02 -4.04 -35.78
C CYS C 72 -21.02 -2.91 -35.58
N VAL C 73 -21.09 -1.92 -36.47
CA VAL C 73 -20.24 -0.74 -36.39
C VAL C 73 -21.04 0.53 -36.12
N GLY C 74 -20.85 1.12 -34.94
CA GLY C 74 -21.62 2.28 -34.56
C GLY C 74 -20.89 3.14 -33.53
N VAL C 75 -21.63 4.01 -32.85
CA VAL C 75 -21.02 4.92 -31.90
C VAL C 75 -20.63 4.23 -30.59
N THR C 76 -19.42 4.51 -30.14
CA THR C 76 -18.92 4.04 -28.86
C THR C 76 -18.67 5.26 -27.95
N PRO C 77 -19.68 5.58 -27.13
CA PRO C 77 -19.72 6.77 -26.27
C PRO C 77 -18.61 6.80 -25.22
N SER C 78 -18.14 8.01 -24.89
CA SER C 78 -17.20 8.17 -23.80
C SER C 78 -17.86 7.94 -22.45
N ALA C 79 -17.06 7.49 -21.49
CA ALA C 79 -17.54 7.21 -20.13
C ALA C 79 -16.36 7.19 -19.17
N LYS C 80 -16.54 7.78 -17.99
CA LYS C 80 -15.48 7.83 -17.00
C LYS C 80 -15.56 6.65 -16.02
N ALA C 81 -16.61 5.84 -16.15
CA ALA C 81 -16.72 4.62 -15.36
C ALA C 81 -17.30 3.50 -16.22
N SER C 82 -16.80 2.28 -16.01
CA SER C 82 -17.22 1.14 -16.82
C SER C 82 -17.38 -0.18 -16.04
N ILE C 83 -18.34 -0.98 -16.49
CA ILE C 83 -18.59 -2.31 -15.94
C ILE C 83 -18.06 -3.41 -16.86
N LEU C 84 -17.27 -4.32 -16.28
CA LEU C 84 -16.74 -5.48 -16.96
C LEU C 84 -17.63 -6.70 -16.72
N HIS C 85 -18.42 -7.03 -17.73
CA HIS C 85 -19.45 -8.07 -17.61
C HIS C 85 -19.04 -9.39 -18.26
N GLU C 86 -18.01 -9.33 -19.10
CA GLU C 86 -17.48 -10.52 -19.73
C GLU C 86 -16.00 -10.71 -19.44
N VAL C 87 -15.68 -11.71 -18.62
CA VAL C 87 -14.28 -12.03 -18.36
C VAL C 87 -13.68 -12.77 -19.54
N ARG C 88 -14.55 -13.42 -20.32
CA ARG C 88 -14.16 -14.03 -21.59
C ARG C 88 -15.13 -13.63 -22.69
N PRO C 89 -14.97 -12.42 -23.25
CA PRO C 89 -15.90 -11.92 -24.26
C PRO C 89 -16.02 -12.84 -25.47
N VAL C 90 -17.24 -13.19 -25.88
CA VAL C 90 -17.42 -14.09 -27.00
C VAL C 90 -17.87 -13.27 -28.21
N THR C 91 -17.70 -13.85 -29.39
CA THR C 91 -18.25 -13.32 -30.62
C THR C 91 -19.62 -13.93 -30.93
N SER C 92 -20.37 -13.31 -31.85
CA SER C 92 -21.67 -13.82 -32.23
C SER C 92 -21.93 -13.79 -33.74
N GLY C 93 -20.86 -13.84 -34.52
CA GLY C 93 -21.01 -13.81 -35.97
C GLY C 93 -19.71 -13.76 -36.75
N CYS C 94 -19.85 -13.56 -38.07
CA CYS C 94 -18.72 -13.45 -38.99
C CYS C 94 -17.87 -14.72 -39.04
N PHE C 95 -16.62 -14.57 -39.48
CA PHE C 95 -15.76 -15.71 -39.76
C PHE C 95 -15.21 -16.42 -38.52
N PRO C 96 -15.19 -17.77 -38.55
CA PRO C 96 -14.74 -18.58 -37.40
C PRO C 96 -13.33 -18.23 -36.94
N ILE C 97 -13.20 -17.95 -35.65
CA ILE C 97 -11.92 -17.57 -35.07
C ILE C 97 -11.45 -18.61 -34.06
N MET C 98 -10.16 -18.89 -34.06
CA MET C 98 -9.56 -19.72 -33.01
C MET C 98 -9.07 -18.82 -31.87
N HIS C 99 -10.00 -18.42 -31.01
CA HIS C 99 -9.77 -17.33 -30.04
C HIS C 99 -8.64 -17.58 -29.07
N ASP C 100 -8.57 -18.79 -28.53
CA ASP C 100 -7.65 -19.06 -27.43
C ASP C 100 -6.20 -19.22 -27.89
N ARG C 101 -5.95 -18.99 -29.18
CA ARG C 101 -4.60 -19.09 -29.69
C ARG C 101 -3.88 -17.75 -29.61
N THR C 102 -4.61 -16.73 -29.19
CA THR C 102 -4.07 -15.39 -28.94
C THR C 102 -4.74 -14.76 -27.73
N LYS C 103 -4.47 -13.48 -27.54
CA LYS C 103 -5.05 -12.70 -26.44
C LYS C 103 -6.27 -11.90 -26.90
N ILE C 104 -6.82 -12.23 -28.07
CA ILE C 104 -7.82 -11.36 -28.73
C ILE C 104 -9.10 -11.11 -27.93
N ARG C 105 -9.55 -12.11 -27.17
CA ARG C 105 -10.77 -11.98 -26.38
C ARG C 105 -10.76 -10.79 -25.46
N GLN C 106 -9.57 -10.41 -24.99
CA GLN C 106 -9.47 -9.36 -24.00
C GLN C 106 -9.51 -7.96 -24.62
N LEU C 107 -9.50 -7.89 -25.96
CA LEU C 107 -9.53 -6.60 -26.65
C LEU C 107 -10.65 -5.65 -26.17
N PRO C 108 -11.90 -6.13 -26.08
CA PRO C 108 -12.93 -5.19 -25.62
C PRO C 108 -12.76 -4.79 -24.15
N ASN C 109 -12.18 -5.66 -23.33
CA ASN C 109 -11.89 -5.31 -21.95
C ASN C 109 -10.78 -4.27 -21.84
N LEU C 110 -9.86 -4.29 -22.80
CA LEU C 110 -8.81 -3.29 -22.87
C LEU C 110 -9.37 -1.92 -23.27
N LEU C 111 -10.32 -1.93 -24.21
CA LEU C 111 -10.92 -0.70 -24.70
C LEU C 111 -11.70 0.06 -23.64
N ARG C 112 -12.39 -0.68 -22.77
CA ARG C 112 -13.27 -0.04 -21.78
C ARG C 112 -12.51 0.66 -20.66
N GLY C 113 -11.21 0.41 -20.57
CA GLY C 113 -10.39 1.05 -19.56
C GLY C 113 -10.00 2.46 -19.97
N TYR C 114 -10.27 2.79 -21.23
CA TYR C 114 -10.08 4.15 -21.72
C TYR C 114 -11.39 4.93 -21.57
N GLU C 115 -11.30 6.25 -21.49
CA GLU C 115 -12.50 7.07 -21.41
C GLU C 115 -13.13 7.19 -22.78
N LYS C 116 -12.35 7.64 -23.75
CA LYS C 116 -12.83 7.82 -25.11
C LYS C 116 -12.28 6.75 -26.03
N ILE C 117 -13.17 6.09 -26.77
CA ILE C 117 -12.77 5.12 -27.77
C ILE C 117 -13.49 5.46 -29.06
N ARG C 118 -12.73 5.56 -30.14
CA ARG C 118 -13.30 5.80 -31.46
C ARG C 118 -12.59 4.97 -32.51
N LEU C 119 -13.33 4.51 -33.51
CA LEU C 119 -12.70 3.80 -34.61
C LEU C 119 -12.27 4.81 -35.66
N SER C 120 -11.03 4.68 -36.14
CA SER C 120 -10.46 5.58 -37.14
C SER C 120 -11.35 5.59 -38.38
N THR C 121 -11.38 6.70 -39.09
CA THR C 121 -12.18 6.78 -40.31
C THR C 121 -11.39 6.41 -41.56
N GLN C 122 -10.08 6.53 -41.50
CA GLN C 122 -9.22 6.14 -42.62
C GLN C 122 -8.48 4.85 -42.27
N ASN C 123 -8.08 4.11 -43.31
CA ASN C 123 -7.32 2.88 -43.13
C ASN C 123 -5.84 3.18 -42.87
N VAL C 124 -5.23 2.40 -41.99
CA VAL C 124 -3.85 2.66 -41.59
C VAL C 124 -2.89 2.12 -42.64
N ILE C 125 -3.37 1.18 -43.46
CA ILE C 125 -2.55 0.55 -44.49
C ILE C 125 -3.41 0.35 -45.73
N ASN C 126 -2.83 0.61 -46.90
CA ASN C 126 -3.46 0.29 -48.17
C ASN C 126 -3.18 -1.17 -48.50
N ALA C 127 -4.18 -2.04 -48.29
CA ALA C 127 -3.96 -3.46 -48.42
C ALA C 127 -3.74 -3.91 -49.87
N GLU C 128 -4.44 -3.26 -50.81
CA GLU C 128 -4.32 -3.60 -52.22
C GLU C 128 -2.90 -3.39 -52.73
N LYS C 129 -2.24 -2.37 -52.21
CA LYS C 129 -0.92 -1.99 -52.68
C LYS C 129 0.15 -2.44 -51.68
N ALA C 130 -0.27 -3.22 -50.68
CA ALA C 130 0.65 -3.65 -49.64
C ALA C 130 1.67 -4.62 -50.22
N PRO C 131 2.85 -4.73 -49.57
CA PRO C 131 3.92 -5.62 -50.03
C PRO C 131 3.49 -7.05 -50.32
N GLY C 132 3.98 -7.61 -51.42
CA GLY C 132 3.71 -8.98 -51.79
C GLY C 132 2.73 -9.12 -52.93
N GLY C 133 2.96 -8.38 -54.01
CA GLY C 133 2.04 -8.39 -55.13
C GLY C 133 0.74 -7.69 -54.77
N PRO C 134 -0.03 -7.30 -55.78
CA PRO C 134 -1.34 -6.69 -55.49
C PRO C 134 -2.30 -7.72 -54.91
N TYR C 135 -3.13 -7.29 -53.98
CA TYR C 135 -4.08 -8.18 -53.32
C TYR C 135 -5.51 -7.77 -53.62
N ARG C 136 -6.40 -8.74 -53.70
CA ARG C 136 -7.82 -8.43 -53.63
C ARG C 136 -8.16 -8.56 -52.16
N LEU C 137 -9.16 -7.79 -51.74
CA LEU C 137 -9.54 -7.74 -50.35
C LEU C 137 -10.64 -8.77 -50.15
N GLY C 138 -10.29 -9.89 -49.53
CA GLY C 138 -11.19 -11.01 -49.44
C GLY C 138 -12.45 -10.70 -48.66
N THR C 139 -13.49 -11.49 -48.93
CA THR C 139 -14.80 -11.26 -48.36
C THR C 139 -15.46 -12.59 -48.08
N SER C 140 -16.56 -12.58 -47.33
CA SER C 140 -17.24 -13.83 -47.01
C SER C 140 -18.71 -13.62 -46.67
N GLY C 141 -19.53 -14.61 -47.04
CA GLY C 141 -20.96 -14.57 -46.76
C GLY C 141 -21.25 -14.79 -45.29
N SER C 142 -20.20 -15.17 -44.56
CA SER C 142 -20.29 -15.34 -43.11
C SER C 142 -20.42 -13.99 -42.42
N CYS C 143 -19.96 -13.02 -43.11
CA CYS C 143 -20.01 -11.67 -42.56
C CYS C 143 -20.94 -10.79 -43.38
N PRO C 144 -22.26 -11.06 -43.31
CA PRO C 144 -23.19 -10.34 -44.19
C PRO C 144 -23.47 -8.92 -43.72
N ASN C 145 -23.60 -8.00 -44.67
CA ASN C 145 -24.08 -6.67 -44.31
C ASN C 145 -25.60 -6.62 -44.29
N ALA C 146 -26.15 -5.41 -44.16
CA ALA C 146 -27.57 -5.17 -44.33
C ALA C 146 -27.87 -4.84 -45.79
N THR C 147 -26.84 -4.41 -46.51
CA THR C 147 -26.96 -4.08 -47.93
C THR C 147 -26.01 -4.95 -48.75
N SER C 148 -25.62 -6.10 -48.18
CA SER C 148 -24.74 -7.05 -48.86
C SER C 148 -24.82 -8.41 -48.18
N ARG C 149 -24.58 -9.46 -48.96
CA ARG C 149 -24.58 -10.83 -48.44
C ARG C 149 -23.21 -11.20 -47.90
N SER C 150 -22.20 -10.45 -48.31
CA SER C 150 -20.81 -10.78 -47.94
C SER C 150 -20.04 -9.55 -47.50
N GLY C 151 -19.01 -9.77 -46.69
CA GLY C 151 -18.18 -8.70 -46.17
C GLY C 151 -17.06 -9.24 -45.30
N PHE C 152 -16.52 -8.41 -44.43
CA PHE C 152 -15.46 -8.81 -43.53
C PHE C 152 -15.27 -7.73 -42.47
N PHE C 153 -14.50 -8.05 -41.43
CA PHE C 153 -14.23 -7.10 -40.36
C PHE C 153 -13.64 -5.80 -40.91
N ALA C 154 -14.18 -4.69 -40.43
CA ALA C 154 -13.75 -3.35 -40.88
C ALA C 154 -12.32 -3.05 -40.47
N THR C 155 -11.84 -3.75 -39.45
CA THR C 155 -10.53 -3.47 -38.86
C THR C 155 -9.42 -4.20 -39.61
N MET C 156 -9.80 -5.16 -40.44
CA MET C 156 -8.81 -5.95 -41.17
C MET C 156 -9.15 -6.10 -42.65
N ALA C 157 -8.14 -6.46 -43.43
CA ALA C 157 -8.29 -6.75 -44.84
C ALA C 157 -7.70 -8.11 -45.17
N TRP C 158 -8.55 -9.00 -45.68
CA TRP C 158 -8.15 -10.33 -46.09
C TRP C 158 -7.38 -10.21 -47.41
N ALA C 159 -6.07 -10.05 -47.30
CA ALA C 159 -5.22 -9.80 -48.46
C ALA C 159 -4.88 -11.08 -49.21
N VAL C 160 -5.52 -11.28 -50.37
CA VAL C 160 -5.23 -12.48 -51.16
C VAL C 160 -4.65 -12.14 -52.53
N PRO C 161 -3.54 -12.82 -52.92
CA PRO C 161 -2.82 -12.50 -54.16
C PRO C 161 -3.73 -12.50 -55.38
N LYS C 162 -3.65 -11.45 -56.19
CA LYS C 162 -4.63 -11.29 -57.26
C LYS C 162 -4.26 -12.08 -58.52
N ASP C 163 -2.99 -12.11 -58.77
CA ASP C 163 -2.53 -12.62 -60.05
C ASP C 163 -2.58 -14.15 -60.13
N ASN C 164 -2.53 -14.66 -61.36
CA ASN C 164 -2.32 -16.08 -61.58
C ASN C 164 -0.90 -16.48 -61.19
N ASN C 165 -0.70 -17.78 -61.01
CA ASN C 165 0.62 -18.32 -60.68
C ASN C 165 1.16 -17.70 -59.39
N LYS C 166 0.26 -17.41 -58.47
CA LYS C 166 0.60 -16.94 -57.14
C LYS C 166 1.50 -17.98 -56.47
N THR C 167 2.47 -17.51 -55.70
CA THR C 167 3.48 -18.42 -55.15
C THR C 167 3.74 -18.19 -53.66
N ALA C 168 4.64 -19.03 -53.11
CA ALA C 168 5.12 -18.84 -51.75
C ALA C 168 5.97 -17.59 -51.69
N THR C 169 6.03 -16.97 -50.51
CA THR C 169 6.81 -15.75 -50.35
C THR C 169 7.71 -15.78 -49.12
N ASN C 170 8.83 -15.05 -49.20
CA ASN C 170 9.66 -14.78 -48.03
C ASN C 170 8.86 -13.94 -47.04
N PRO C 171 9.26 -13.91 -45.76
CA PRO C 171 8.59 -12.99 -44.83
C PRO C 171 8.72 -11.51 -45.20
N LEU C 172 7.64 -10.70 -45.29
CA LEU C 172 7.66 -9.30 -45.67
C LEU C 172 7.32 -8.42 -44.48
N THR C 173 7.80 -7.24 -44.41
CA THR C 173 7.55 -6.35 -43.29
C THR C 173 6.74 -5.11 -43.68
N VAL C 174 5.66 -4.85 -42.95
CA VAL C 174 4.99 -3.55 -43.02
C VAL C 174 5.20 -2.79 -41.73
N GLU C 175 5.38 -1.48 -41.85
CA GLU C 175 5.32 -0.58 -40.72
C GLU C 175 3.89 -0.13 -40.52
N VAL C 176 3.42 -0.16 -39.28
CA VAL C 176 2.10 0.37 -38.97
C VAL C 176 2.27 1.68 -38.22
N PRO C 177 1.98 2.80 -38.90
CA PRO C 177 2.15 4.15 -38.35
C PRO C 177 1.11 4.49 -37.31
N HIS C 178 1.43 5.45 -36.44
CA HIS C 178 0.46 5.95 -35.48
C HIS C 178 -0.34 7.05 -36.14
N ILE C 179 -1.64 6.82 -36.32
CA ILE C 179 -2.48 7.77 -37.04
C ILE C 179 -3.51 8.46 -36.15
N CYS C 180 -3.36 8.29 -34.83
CA CYS C 180 -4.22 8.97 -33.88
C CYS C 180 -3.55 10.27 -33.47
N THR C 181 -4.19 11.02 -32.57
CA THR C 181 -3.61 12.27 -32.08
C THR C 181 -2.46 12.01 -31.11
N LYS C 182 -1.82 13.07 -30.66
CA LYS C 182 -0.71 12.98 -29.71
C LYS C 182 -1.22 12.62 -28.31
N GLU C 183 -2.55 12.68 -28.13
CA GLU C 183 -3.16 12.41 -26.84
C GLU C 183 -3.75 11.00 -26.78
N GLU C 184 -3.63 10.26 -27.87
CA GLU C 184 -4.32 8.98 -28.03
C GLU C 184 -3.41 7.75 -28.16
N ASP C 185 -3.82 6.65 -27.54
CA ASP C 185 -3.20 5.36 -27.82
C ASP C 185 -3.86 4.81 -29.08
N GLN C 186 -3.12 4.03 -29.86
CA GLN C 186 -3.71 3.38 -31.02
C GLN C 186 -3.70 1.88 -30.80
N ILE C 187 -4.86 1.25 -30.92
CA ILE C 187 -4.93 -0.21 -30.84
C ILE C 187 -5.18 -0.81 -32.22
N THR C 188 -4.15 -1.46 -32.74
CA THR C 188 -4.13 -1.98 -34.10
C THR C 188 -4.51 -3.45 -34.08
N VAL C 189 -5.53 -3.82 -34.85
CA VAL C 189 -5.97 -5.20 -34.94
C VAL C 189 -5.45 -5.85 -36.23
N TRP C 190 -4.87 -7.04 -36.12
CA TRP C 190 -4.33 -7.72 -37.29
C TRP C 190 -4.43 -9.22 -37.08
N GLY C 191 -4.11 -10.01 -38.09
CA GLY C 191 -4.20 -11.46 -37.96
C GLY C 191 -3.86 -12.21 -39.23
N PHE C 192 -4.24 -13.48 -39.29
CA PHE C 192 -4.00 -14.28 -40.49
C PHE C 192 -5.05 -15.37 -40.74
N HIS C 193 -5.29 -15.63 -42.01
CA HIS C 193 -6.23 -16.66 -42.44
C HIS C 193 -5.51 -17.93 -42.85
N SER C 194 -6.09 -19.07 -42.49
CA SER C 194 -5.58 -20.36 -42.95
C SER C 194 -6.75 -21.24 -43.38
N ASP C 195 -6.44 -22.35 -44.04
CA ASP C 195 -7.47 -23.21 -44.64
C ASP C 195 -6.88 -24.60 -44.83
N ASP C 196 -7.56 -25.44 -45.61
CA ASP C 196 -7.02 -26.76 -45.87
C ASP C 196 -6.04 -26.70 -47.05
N LYS C 197 -5.33 -27.79 -47.27
CA LYS C 197 -4.22 -27.84 -48.22
C LYS C 197 -4.58 -27.31 -49.62
N THR C 198 -5.66 -27.84 -50.19
CA THR C 198 -6.05 -27.48 -51.54
C THR C 198 -6.45 -26.00 -51.65
N GLN C 199 -7.31 -25.56 -50.73
CA GLN C 199 -7.76 -24.16 -50.74
C GLN C 199 -6.58 -23.23 -50.50
N MET C 200 -5.63 -23.66 -49.66
CA MET C 200 -4.41 -22.90 -49.45
C MET C 200 -3.66 -22.72 -50.77
N LYS C 201 -3.56 -23.82 -51.53
CA LYS C 201 -2.95 -23.78 -52.85
C LYS C 201 -3.68 -22.78 -53.75
N ASN C 202 -4.99 -22.93 -53.85
CA ASN C 202 -5.86 -22.03 -54.60
C ASN C 202 -5.71 -20.54 -54.27
N LEU C 203 -5.80 -20.21 -52.98
CA LEU C 203 -5.78 -18.83 -52.52
C LEU C 203 -4.42 -18.15 -52.53
N TYR C 204 -3.38 -18.88 -52.14
CA TYR C 204 -2.09 -18.24 -51.87
C TYR C 204 -0.91 -18.83 -52.64
N GLY C 205 -1.08 -20.01 -53.20
CA GLY C 205 -0.01 -20.63 -53.97
C GLY C 205 1.05 -21.33 -53.15
N ASP C 206 0.70 -21.69 -51.92
CA ASP C 206 1.59 -22.41 -51.03
C ASP C 206 0.71 -23.17 -50.05
N SER C 207 1.08 -24.42 -49.76
CA SER C 207 0.26 -25.26 -48.90
C SER C 207 0.99 -25.56 -47.59
N ASN C 208 2.13 -24.91 -47.39
CA ASN C 208 2.91 -25.03 -46.16
C ASN C 208 2.43 -24.04 -45.12
N PRO C 209 2.69 -24.33 -43.83
CA PRO C 209 2.34 -23.40 -42.76
C PRO C 209 3.03 -22.06 -42.95
N GLN C 210 2.32 -20.97 -42.67
CA GLN C 210 2.91 -19.65 -42.85
C GLN C 210 3.28 -19.08 -41.49
N LYS C 211 4.26 -18.18 -41.48
CA LYS C 211 4.76 -17.61 -40.22
C LYS C 211 4.49 -16.12 -40.12
N PHE C 212 4.29 -15.65 -38.89
CA PHE C 212 3.93 -14.25 -38.64
C PHE C 212 4.57 -13.74 -37.35
N THR C 213 5.04 -12.50 -37.37
CA THR C 213 5.62 -11.91 -36.17
C THR C 213 5.23 -10.46 -36.05
N SER C 214 4.78 -10.04 -34.87
CA SER C 214 4.50 -8.62 -34.68
C SER C 214 5.43 -8.04 -33.64
N SER C 215 5.73 -6.75 -33.81
CA SER C 215 6.58 -6.06 -32.86
C SER C 215 6.05 -4.64 -32.63
N ALA C 216 5.76 -4.33 -31.38
CA ALA C 216 5.29 -3.00 -30.99
C ALA C 216 5.62 -2.72 -29.53
N ASN C 217 6.07 -1.51 -29.27
CA ASN C 217 6.44 -1.06 -27.91
C ASN C 217 7.28 -2.06 -27.11
N GLY C 218 8.21 -2.72 -27.79
CA GLY C 218 9.12 -3.66 -27.16
C GLY C 218 8.62 -5.08 -27.00
N VAL C 219 7.37 -5.33 -27.37
CA VAL C 219 6.80 -6.66 -27.26
C VAL C 219 6.79 -7.37 -28.61
N THR C 220 7.43 -8.53 -28.69
CA THR C 220 7.38 -9.34 -29.90
C THR C 220 6.52 -10.57 -29.70
N THR C 221 5.69 -10.87 -30.70
CA THR C 221 4.90 -12.10 -30.68
C THR C 221 5.12 -12.87 -31.98
N HIS C 222 5.19 -14.19 -31.87
CA HIS C 222 5.45 -15.03 -33.04
C HIS C 222 4.38 -16.12 -33.15
N TYR C 223 3.88 -16.32 -34.37
CA TYR C 223 2.83 -17.30 -34.66
C TYR C 223 3.17 -18.15 -35.89
N VAL C 224 2.82 -19.43 -35.85
CA VAL C 224 2.93 -20.31 -37.02
C VAL C 224 1.55 -20.92 -37.29
N SER C 225 1.15 -20.96 -38.56
CA SER C 225 -0.22 -21.35 -38.89
C SER C 225 -0.45 -22.87 -38.92
N GLN C 226 -1.72 -23.24 -39.10
CA GLN C 226 -2.13 -24.64 -39.16
C GLN C 226 -2.86 -24.93 -40.47
N ILE C 227 -2.51 -26.04 -41.12
CA ILE C 227 -3.14 -26.42 -42.38
C ILE C 227 -4.09 -27.60 -42.22
N GLY C 228 -5.40 -27.32 -42.23
CA GLY C 228 -6.40 -28.34 -42.04
C GLY C 228 -6.52 -28.84 -40.61
N GLY C 229 -7.49 -29.71 -40.36
CA GLY C 229 -7.66 -30.34 -39.07
C GLY C 229 -7.96 -29.34 -37.99
N PHE C 230 -8.80 -28.37 -38.33
CA PHE C 230 -9.13 -27.26 -37.43
C PHE C 230 -10.12 -27.72 -36.38
N PRO C 231 -10.17 -27.03 -35.23
CA PRO C 231 -11.25 -27.35 -34.30
C PRO C 231 -12.56 -26.79 -34.84
N ASP C 232 -13.68 -27.30 -34.35
CA ASP C 232 -14.99 -26.96 -34.90
C ASP C 232 -15.27 -25.47 -34.83
N GLN C 233 -16.03 -24.97 -35.80
CA GLN C 233 -16.41 -23.56 -35.78
C GLN C 233 -17.31 -23.29 -34.58
N THR C 234 -17.09 -22.14 -33.97
CA THR C 234 -17.90 -21.70 -32.84
C THR C 234 -17.92 -20.18 -32.77
N GLU C 235 -18.93 -19.63 -32.10
CA GLU C 235 -19.04 -18.17 -31.95
C GLU C 235 -18.94 -17.39 -33.26
N ASP C 236 -19.46 -17.97 -34.34
CA ASP C 236 -19.33 -17.36 -35.65
C ASP C 236 -20.68 -17.10 -36.32
N GLY C 237 -20.70 -16.91 -37.63
CA GLY C 237 -21.91 -16.53 -38.34
C GLY C 237 -22.91 -17.62 -38.63
N GLY C 238 -22.54 -18.87 -38.36
CA GLY C 238 -23.45 -19.98 -38.54
C GLY C 238 -23.26 -20.68 -39.86
N LEU C 239 -22.47 -20.06 -40.74
CA LEU C 239 -22.16 -20.63 -42.05
C LEU C 239 -20.97 -21.58 -41.94
N PRO C 240 -21.09 -22.77 -42.52
CA PRO C 240 -19.96 -23.72 -42.58
C PRO C 240 -18.79 -23.17 -43.39
N GLN C 241 -17.58 -23.26 -42.84
CA GLN C 241 -16.39 -22.83 -43.56
C GLN C 241 -15.29 -23.87 -43.37
N SER C 242 -14.36 -23.95 -44.33
CA SER C 242 -13.29 -24.93 -44.26
C SER C 242 -12.02 -24.38 -43.59
N GLY C 243 -11.94 -23.06 -43.50
CA GLY C 243 -10.77 -22.41 -42.93
C GLY C 243 -11.06 -21.67 -41.64
N ARG C 244 -10.01 -21.10 -41.05
CA ARG C 244 -10.16 -20.37 -39.79
C ARG C 244 -9.22 -19.18 -39.85
N ILE C 245 -9.52 -18.17 -39.04
CA ILE C 245 -8.60 -17.06 -38.85
C ILE C 245 -8.10 -16.98 -37.42
N VAL C 246 -6.92 -16.40 -37.26
CA VAL C 246 -6.38 -16.14 -35.93
C VAL C 246 -6.22 -14.63 -35.91
N VAL C 247 -6.69 -13.99 -34.85
CA VAL C 247 -6.70 -12.54 -34.80
C VAL C 247 -6.02 -12.09 -33.51
N ASP C 248 -5.27 -11.00 -33.59
CA ASP C 248 -4.50 -10.46 -32.49
C ASP C 248 -4.54 -8.93 -32.49
N TYR C 249 -3.97 -8.32 -31.45
CA TYR C 249 -3.84 -6.87 -31.39
C TYR C 249 -2.49 -6.35 -30.88
N MET C 250 -2.10 -5.18 -31.38
CA MET C 250 -0.92 -4.47 -30.95
C MET C 250 -1.31 -3.13 -30.35
N VAL C 251 -0.74 -2.79 -29.21
CA VAL C 251 -0.94 -1.46 -28.66
C VAL C 251 0.25 -0.58 -29.05
N GLN C 252 -0.04 0.57 -29.64
CA GLN C 252 1.01 1.51 -30.03
C GLN C 252 0.75 2.81 -29.29
N LYS C 253 1.71 3.18 -28.45
CA LYS C 253 1.66 4.44 -27.73
C LYS C 253 1.84 5.56 -28.75
N PRO C 254 1.40 6.78 -28.42
CA PRO C 254 1.50 7.89 -29.39
C PRO C 254 2.91 8.13 -29.92
N GLY C 255 3.03 8.22 -31.24
CA GLY C 255 4.31 8.43 -31.90
C GLY C 255 5.16 7.19 -32.00
N LYS C 256 4.56 6.02 -31.79
CA LYS C 256 5.30 4.76 -31.89
C LYS C 256 4.78 3.95 -33.07
N THR C 257 5.65 3.68 -34.03
CA THR C 257 5.31 2.82 -35.16
C THR C 257 5.52 1.37 -34.76
N GLY C 258 4.61 0.50 -35.21
CA GLY C 258 4.77 -0.93 -35.03
C GLY C 258 5.03 -1.63 -36.34
N THR C 259 5.57 -2.84 -36.28
CA THR C 259 5.78 -3.61 -37.50
C THR C 259 5.10 -4.97 -37.46
N ILE C 260 4.67 -5.43 -38.64
CA ILE C 260 4.21 -6.80 -38.81
C ILE C 260 4.98 -7.49 -39.93
N VAL C 261 5.49 -8.67 -39.65
CA VAL C 261 6.15 -9.49 -40.65
C VAL C 261 5.29 -10.70 -40.96
N TYR C 262 4.95 -10.87 -42.23
CA TYR C 262 3.92 -11.81 -42.62
C TYR C 262 4.27 -12.55 -43.91
N GLN C 263 3.55 -13.65 -44.15
CA GLN C 263 3.63 -14.36 -45.41
C GLN C 263 2.21 -14.44 -45.99
N ARG C 264 1.82 -15.60 -46.48
CA ARG C 264 0.52 -15.73 -47.13
C ARG C 264 -0.61 -15.93 -46.11
N GLY C 265 -1.76 -15.32 -46.37
CA GLY C 265 -2.91 -15.46 -45.51
C GLY C 265 -3.10 -14.29 -44.57
N ILE C 266 -2.31 -13.24 -44.78
CA ILE C 266 -2.28 -12.08 -43.89
C ILE C 266 -3.60 -11.30 -43.86
N LEU C 267 -4.04 -10.95 -42.66
CA LEU C 267 -5.18 -10.06 -42.48
C LEU C 267 -4.62 -8.72 -42.02
N LEU C 268 -4.34 -7.86 -42.99
CA LEU C 268 -3.69 -6.56 -42.72
C LEU C 268 -4.59 -5.57 -42.00
N PRO C 269 -4.02 -4.76 -41.09
CA PRO C 269 -4.81 -3.77 -40.37
C PRO C 269 -5.39 -2.69 -41.29
N GLN C 270 -6.61 -2.25 -40.99
CA GLN C 270 -7.30 -1.19 -41.74
C GLN C 270 -7.71 -0.07 -40.81
N LYS C 271 -8.93 -0.17 -40.28
CA LYS C 271 -9.39 0.75 -39.24
C LYS C 271 -8.75 0.38 -37.91
N VAL C 272 -8.21 1.37 -37.23
CA VAL C 272 -7.57 1.14 -35.94
C VAL C 272 -8.36 1.85 -34.85
N TRP C 273 -8.11 1.47 -33.60
CA TRP C 273 -8.78 2.12 -32.48
C TRP C 273 -7.98 3.30 -31.97
N CYS C 274 -8.64 4.42 -31.72
CA CYS C 274 -8.01 5.57 -31.11
C CYS C 274 -8.66 5.78 -29.75
N ALA C 275 -7.84 5.75 -28.71
CA ALA C 275 -8.35 5.69 -27.35
C ALA C 275 -7.59 6.60 -26.41
N SER C 276 -8.32 7.34 -25.58
CA SER C 276 -7.67 8.24 -24.63
C SER C 276 -8.36 8.25 -23.27
N GLY C 277 -7.59 8.68 -22.26
CA GLY C 277 -8.09 8.84 -20.90
C GLY C 277 -8.20 7.54 -20.13
N ARG C 278 -8.82 7.59 -18.95
CA ARG C 278 -9.05 6.38 -18.18
C ARG C 278 -10.46 6.34 -17.59
N SER C 279 -11.04 5.14 -17.56
CA SER C 279 -12.34 4.92 -16.92
C SER C 279 -12.11 4.01 -15.73
N LYS C 280 -12.85 4.22 -14.65
CA LYS C 280 -12.75 3.35 -13.50
C LYS C 280 -13.57 2.11 -13.81
N VAL C 281 -12.92 0.96 -13.83
CA VAL C 281 -13.58 -0.26 -14.29
C VAL C 281 -13.72 -1.23 -13.14
N ILE C 282 -14.92 -1.79 -12.98
CA ILE C 282 -15.13 -2.88 -12.03
C ILE C 282 -16.00 -3.95 -12.64
N LYS C 283 -15.87 -5.15 -12.09
CA LYS C 283 -16.61 -6.30 -12.55
C LYS C 283 -18.05 -6.06 -12.26
N GLY C 284 -18.93 -6.52 -13.14
CA GLY C 284 -20.33 -6.16 -13.06
C GLY C 284 -21.29 -7.10 -13.78
N SER C 285 -22.58 -6.88 -13.57
CA SER C 285 -23.60 -7.61 -14.27
C SER C 285 -24.58 -6.66 -14.91
N LEU C 286 -25.04 -7.00 -16.10
CA LEU C 286 -25.88 -6.18 -16.95
C LEU C 286 -27.27 -6.79 -16.84
N PRO C 287 -28.33 -5.98 -16.96
CA PRO C 287 -28.53 -4.57 -17.30
C PRO C 287 -28.30 -3.62 -16.12
N LEU C 288 -27.96 -2.37 -16.43
CA LEU C 288 -27.88 -1.32 -15.40
C LEU C 288 -29.27 -0.83 -15.05
N ILE C 289 -29.65 -0.96 -13.77
CA ILE C 289 -30.99 -0.56 -13.34
C ILE C 289 -31.00 0.56 -12.32
N GLY C 290 -31.46 1.81 -12.79
CA GLY C 290 -31.60 2.94 -11.90
C GLY C 290 -30.27 3.61 -11.60
N GLU C 291 -30.28 4.48 -10.60
CA GLU C 291 -29.07 5.16 -10.15
C GLU C 291 -28.66 4.67 -8.77
N ALA C 292 -27.37 4.84 -8.46
CA ALA C 292 -26.85 4.53 -7.15
C ALA C 292 -25.63 5.40 -6.90
N ASP C 293 -25.31 5.60 -5.63
CA ASP C 293 -24.18 6.43 -5.24
C ASP C 293 -22.86 5.71 -5.48
N CYS C 294 -22.89 4.39 -5.33
CA CYS C 294 -21.68 3.58 -5.27
C CYS C 294 -21.90 2.27 -6.00
N LEU C 295 -20.90 1.84 -6.77
CA LEU C 295 -20.94 0.52 -7.37
C LEU C 295 -19.94 -0.43 -6.71
N HIS C 296 -20.41 -1.60 -6.28
CA HIS C 296 -19.59 -2.51 -5.51
C HIS C 296 -19.61 -3.89 -6.16
N GLU C 297 -18.45 -4.53 -6.27
CA GLU C 297 -18.34 -5.80 -7.00
C GLU C 297 -19.14 -6.97 -6.40
N LYS C 298 -19.35 -6.95 -5.09
CA LYS C 298 -20.03 -8.06 -4.43
C LYS C 298 -21.47 -7.75 -4.02
N TYR C 299 -21.84 -6.47 -4.04
CA TYR C 299 -23.16 -6.02 -3.59
C TYR C 299 -23.96 -5.31 -4.67
N GLY C 300 -23.32 -4.96 -5.77
CA GLY C 300 -23.99 -4.26 -6.86
C GLY C 300 -24.10 -2.77 -6.58
N GLY C 301 -25.10 -2.18 -7.09
CA GLY C 301 -25.38 -0.77 -6.85
C GLY C 301 -25.90 -0.56 -5.44
N LEU C 302 -25.47 0.53 -4.81
CA LEU C 302 -25.90 0.86 -3.46
C LEU C 302 -25.78 2.35 -3.19
N ASN C 303 -26.63 2.86 -2.30
CA ASN C 303 -26.53 4.24 -1.84
C ASN C 303 -25.89 4.29 -0.46
N LYS C 304 -25.21 5.39 -0.16
CA LYS C 304 -24.46 5.54 1.09
C LYS C 304 -25.29 6.14 2.22
N SER C 305 -25.42 5.39 3.32
CA SER C 305 -26.06 5.91 4.53
C SER C 305 -25.05 6.15 5.66
N LYS C 306 -24.70 5.08 6.32
CA LYS C 306 -23.63 5.10 7.31
C LYS C 306 -22.29 5.39 6.62
N PRO C 307 -21.29 5.88 7.37
CA PRO C 307 -19.99 6.18 6.76
C PRO C 307 -19.17 4.92 6.48
N TYR C 308 -19.40 3.84 7.21
CA TYR C 308 -18.62 2.62 7.02
C TYR C 308 -19.53 1.44 6.72
N TYR C 309 -18.94 0.34 6.28
CA TYR C 309 -19.70 -0.88 6.07
C TYR C 309 -18.88 -2.12 6.42
N THR C 310 -19.59 -3.16 6.83
CA THR C 310 -19.01 -4.47 7.10
C THR C 310 -19.49 -5.47 6.06
N GLY C 311 -18.80 -6.59 5.92
CA GLY C 311 -19.18 -7.58 4.92
C GLY C 311 -18.01 -7.99 4.04
N GLU C 312 -18.28 -8.24 2.77
CA GLU C 312 -17.21 -8.62 1.86
C GLU C 312 -16.61 -7.44 1.13
N HIS C 313 -15.32 -7.22 1.35
CA HIS C 313 -14.59 -6.18 0.64
C HIS C 313 -14.32 -6.60 -0.79
N ALA C 314 -14.43 -5.62 -1.69
CA ALA C 314 -14.17 -5.85 -3.10
C ALA C 314 -13.93 -4.49 -3.72
N LYS C 315 -13.54 -4.46 -4.98
CA LYS C 315 -13.36 -3.20 -5.67
C LYS C 315 -14.71 -2.47 -5.73
N ALA C 316 -14.66 -1.15 -5.59
CA ALA C 316 -15.88 -0.34 -5.54
C ALA C 316 -15.59 1.10 -5.94
N ILE C 317 -16.48 1.69 -6.73
CA ILE C 317 -16.28 3.06 -7.20
C ILE C 317 -17.43 4.03 -6.87
N GLY C 318 -17.08 5.29 -6.68
CA GLY C 318 -18.07 6.33 -6.41
C GLY C 318 -18.05 6.85 -4.99
N ASN C 319 -19.20 7.40 -4.56
CA ASN C 319 -19.37 7.89 -3.21
C ASN C 319 -19.73 6.71 -2.32
N CYS C 320 -18.70 6.06 -1.80
CA CYS C 320 -18.86 4.75 -1.19
C CYS C 320 -18.58 4.77 0.31
N PRO C 321 -19.20 3.84 1.05
CA PRO C 321 -18.83 3.71 2.47
C PRO C 321 -17.48 3.02 2.58
N ILE C 322 -16.76 3.26 3.68
CA ILE C 322 -15.43 2.70 3.82
C ILE C 322 -15.50 1.40 4.60
N TRP C 323 -14.85 0.36 4.07
CA TRP C 323 -14.88 -0.95 4.70
C TRP C 323 -14.17 -0.98 6.05
N VAL C 324 -14.79 -1.66 7.03
CA VAL C 324 -14.13 -1.91 8.31
C VAL C 324 -14.33 -3.37 8.70
N LYS C 325 -13.40 -3.90 9.49
CA LYS C 325 -13.41 -5.30 9.88
C LYS C 325 -14.56 -5.64 10.83
N THR C 326 -15.07 -4.65 11.55
CA THR C 326 -15.98 -4.94 12.65
C THR C 326 -17.03 -3.83 12.78
N PRO C 327 -18.24 -4.19 13.24
CA PRO C 327 -19.33 -3.21 13.35
C PRO C 327 -19.09 -2.18 14.45
N LEU C 328 -18.43 -1.10 14.08
CA LEU C 328 -18.04 -0.07 15.04
C LEU C 328 -19.27 0.72 15.48
N LYS C 329 -19.22 1.23 16.70
CA LYS C 329 -20.32 2.04 17.23
C LYS C 329 -19.74 3.23 17.95
N LEU C 330 -20.48 4.35 17.84
CA LEU C 330 -20.05 5.52 18.57
C LEU C 330 -20.94 5.67 19.79
N ALA C 331 -20.33 5.70 20.97
CA ALA C 331 -21.10 5.77 22.20
C ALA C 331 -21.96 7.03 22.22
N ASN C 332 -23.24 6.85 22.46
CA ASN C 332 -24.15 7.97 22.58
C ASN C 332 -25.09 7.84 23.79
N GLY C 333 -24.46 7.74 24.97
CA GLY C 333 -25.17 7.59 26.22
C GLY C 333 -24.14 7.53 27.33
N THR C 334 -24.51 6.94 28.46
CA THR C 334 -23.54 6.79 29.56
C THR C 334 -23.18 5.33 29.78
N LYS C 335 -22.06 5.16 30.52
CA LYS C 335 -21.62 3.84 30.96
C LYS C 335 -22.62 3.26 31.95
N TYR C 336 -22.74 1.94 31.97
CA TYR C 336 -23.69 1.28 32.85
C TYR C 336 -23.43 1.59 34.32
N ARG C 337 -24.51 1.84 35.05
CA ARG C 337 -24.42 2.02 36.49
C ARG C 337 -25.52 1.19 37.13
N PRO C 338 -25.15 0.39 38.14
CA PRO C 338 -26.17 -0.34 38.89
C PRO C 338 -27.10 0.63 39.61
N PRO C 339 -28.40 0.31 39.66
CA PRO C 339 -29.38 1.15 40.34
C PRO C 339 -29.02 1.26 41.82
N ALA C 340 -29.03 2.49 42.33
CA ALA C 340 -28.72 2.75 43.72
C ALA C 340 -29.99 2.72 44.56
N LYS C 341 -29.90 2.13 45.74
CA LYS C 341 -31.07 2.03 46.61
C LYS C 341 -30.76 2.52 48.02
N LEU C 342 -31.81 2.83 48.77
CA LEU C 342 -31.67 3.42 50.10
C LEU C 342 -31.13 2.43 51.14
N LEU C 343 -31.87 1.34 51.34
CA LEU C 343 -31.51 0.37 52.38
C LEU C 343 -31.25 -1.00 51.80
N PHE D 2 -12.85 6.72 36.89
CA PHE D 2 -11.75 6.30 37.77
C PHE D 2 -11.63 7.37 38.85
N PHE D 3 -11.96 8.60 38.44
CA PHE D 3 -11.89 9.79 39.29
C PHE D 3 -12.84 9.63 40.46
N GLY D 4 -14.10 9.32 40.13
CA GLY D 4 -15.14 9.11 41.12
C GLY D 4 -14.84 7.95 42.05
N ALA D 5 -14.20 6.92 41.52
CA ALA D 5 -13.83 5.75 42.32
C ALA D 5 -12.86 6.15 43.43
N ILE D 6 -11.90 7.02 43.09
CA ILE D 6 -10.91 7.45 44.07
C ILE D 6 -11.51 8.49 45.01
N ALA D 7 -12.34 9.36 44.45
CA ALA D 7 -12.88 10.49 45.18
C ALA D 7 -14.12 10.10 45.98
N GLY D 8 -14.51 8.84 45.86
CA GLY D 8 -15.66 8.34 46.60
C GLY D 8 -16.99 8.81 46.05
N PHE D 9 -17.03 9.22 44.79
CA PHE D 9 -18.29 9.57 44.15
C PHE D 9 -19.15 8.33 44.06
N LEU D 10 -20.47 8.51 44.12
CA LEU D 10 -21.42 7.39 44.02
C LEU D 10 -21.24 6.61 42.72
N GLU D 11 -21.06 5.30 42.86
CA GLU D 11 -20.81 4.45 41.71
C GLU D 11 -22.09 3.88 41.08
N GLY D 12 -23.21 4.09 41.75
CA GLY D 12 -24.50 3.69 41.22
C GLY D 12 -25.16 4.81 40.42
N GLY D 13 -26.32 4.52 39.86
CA GLY D 13 -27.05 5.52 39.11
C GLY D 13 -28.52 5.54 39.47
N TRP D 14 -29.24 6.56 38.99
CA TRP D 14 -30.61 6.74 39.40
C TRP D 14 -31.55 6.56 38.22
N GLU D 15 -32.36 5.50 38.28
CA GLU D 15 -33.31 5.17 37.22
C GLU D 15 -34.35 6.27 36.98
N GLY D 16 -34.61 7.08 38.01
CA GLY D 16 -35.57 8.16 37.91
C GLY D 16 -35.10 9.27 36.98
N MET D 17 -33.78 9.39 36.84
CA MET D 17 -33.19 10.41 35.98
C MET D 17 -33.44 10.01 34.53
N ILE D 18 -34.50 10.58 33.95
CA ILE D 18 -35.04 10.12 32.68
C ILE D 18 -34.92 11.15 31.55
N ALA D 19 -34.98 12.42 31.89
CA ALA D 19 -34.91 13.48 30.88
C ALA D 19 -33.47 13.82 30.51
N GLY D 20 -32.53 13.01 30.99
CA GLY D 20 -31.13 13.27 30.76
C GLY D 20 -30.18 12.22 31.31
N TRP D 21 -28.89 12.49 31.15
CA TRP D 21 -27.84 11.53 31.46
C TRP D 21 -27.20 11.80 32.81
N HIS D 22 -27.02 13.09 33.12
CA HIS D 22 -26.47 13.51 34.40
C HIS D 22 -27.32 14.63 35.01
N GLY D 23 -27.23 14.78 36.33
CA GLY D 23 -28.00 15.77 37.04
C GLY D 23 -27.77 15.71 38.53
N TYR D 24 -28.85 15.86 39.31
CA TYR D 24 -28.72 16.03 40.75
C TYR D 24 -29.64 15.11 41.53
N THR D 25 -29.22 14.76 42.74
CA THR D 25 -30.08 14.09 43.71
C THR D 25 -30.13 14.89 45.01
N SER D 26 -31.27 14.86 45.68
CA SER D 26 -31.42 15.47 47.00
C SER D 26 -31.79 14.42 48.04
N HIS D 27 -31.19 14.53 49.22
CA HIS D 27 -31.36 13.51 50.27
C HIS D 27 -31.82 14.21 51.54
N GLY D 28 -31.96 13.46 52.63
CA GLY D 28 -32.38 14.06 53.88
C GLY D 28 -33.60 13.46 54.56
N ALA D 29 -34.75 14.11 54.41
CA ALA D 29 -35.97 13.68 55.09
C ALA D 29 -37.14 13.44 54.13
N HIS D 30 -37.11 14.08 52.97
CA HIS D 30 -38.17 13.91 51.99
C HIS D 30 -37.98 12.53 51.37
N GLY D 31 -36.80 11.97 51.62
CA GLY D 31 -36.32 10.73 51.03
C GLY D 31 -35.29 10.98 49.95
N VAL D 32 -35.68 10.87 48.69
CA VAL D 32 -34.72 11.06 47.61
C VAL D 32 -35.41 11.57 46.34
N ALA D 33 -34.95 12.73 45.87
CA ALA D 33 -35.47 13.30 44.64
C ALA D 33 -34.39 13.25 43.56
N VAL D 34 -34.80 13.12 42.31
CA VAL D 34 -33.86 12.99 41.21
C VAL D 34 -34.24 13.97 40.10
N ALA D 35 -33.27 14.72 39.60
CA ALA D 35 -33.54 15.64 38.49
C ALA D 35 -32.42 15.65 37.45
N ALA D 36 -32.78 15.50 36.18
CA ALA D 36 -31.77 15.56 35.12
C ALA D 36 -31.45 17.01 34.77
N ASP D 37 -30.17 17.29 34.58
CA ASP D 37 -29.72 18.60 34.12
C ASP D 37 -29.62 18.61 32.60
N LEU D 38 -30.38 19.48 31.95
CA LEU D 38 -30.48 19.46 30.50
C LEU D 38 -29.28 20.10 29.80
N LYS D 39 -28.60 21.01 30.49
CA LYS D 39 -27.44 21.67 29.91
C LYS D 39 -26.30 20.68 29.71
N SER D 40 -25.97 19.92 30.75
CA SER D 40 -24.89 18.95 30.69
C SER D 40 -25.19 17.85 29.66
N THR D 41 -26.46 17.46 29.61
CA THR D 41 -26.88 16.40 28.71
C THR D 41 -26.78 16.88 27.27
N GLN D 42 -27.24 18.11 27.01
CA GLN D 42 -27.17 18.64 25.66
C GLN D 42 -25.72 18.83 25.25
N GLU D 43 -24.87 19.24 26.18
CA GLU D 43 -23.45 19.42 25.89
C GLU D 43 -22.81 18.09 25.48
N ALA D 44 -23.16 17.03 26.20
CA ALA D 44 -22.62 15.71 25.88
C ALA D 44 -23.11 15.24 24.52
N ILE D 45 -24.40 15.44 24.27
CA ILE D 45 -25.01 15.02 23.02
C ILE D 45 -24.38 15.77 21.86
N ASN D 46 -24.10 17.05 22.05
CA ASN D 46 -23.47 17.86 21.02
C ASN D 46 -22.04 17.44 20.76
N LYS D 47 -21.30 17.08 21.82
CA LYS D 47 -19.93 16.63 21.62
C LYS D 47 -19.92 15.36 20.79
N ILE D 48 -20.82 14.44 21.14
CA ILE D 48 -20.92 13.18 20.42
C ILE D 48 -21.33 13.43 18.97
N THR D 49 -22.24 14.37 18.75
CA THR D 49 -22.68 14.69 17.39
C THR D 49 -21.55 15.27 16.53
N LYS D 50 -20.74 16.13 17.13
CA LYS D 50 -19.58 16.69 16.45
C LYS D 50 -18.55 15.60 16.16
N ASN D 51 -18.41 14.67 17.10
CA ASN D 51 -17.48 13.56 16.94
C ASN D 51 -17.93 12.71 15.76
N LEU D 52 -19.24 12.50 15.69
CA LEU D 52 -19.84 11.76 14.60
C LEU D 52 -19.57 12.42 13.27
N ASN D 53 -19.74 13.74 13.22
CA ASN D 53 -19.45 14.45 11.98
C ASN D 53 -17.99 14.26 11.57
N SER D 54 -17.09 14.35 12.55
CA SER D 54 -15.67 14.24 12.26
C SER D 54 -15.34 12.85 11.72
N LEU D 55 -15.94 11.82 12.29
CA LEU D 55 -15.69 10.47 11.82
C LEU D 55 -16.34 10.23 10.45
N SER D 56 -17.41 10.96 10.17
CA SER D 56 -18.13 10.76 8.91
C SER D 56 -17.52 11.59 7.80
N GLU D 57 -16.52 12.39 8.16
CA GLU D 57 -15.89 13.28 7.19
C GLU D 57 -14.70 12.64 6.48
N LEU D 58 -14.19 11.54 7.01
CA LEU D 58 -13.05 10.87 6.36
C LEU D 58 -13.42 10.40 4.96
N GLU D 59 -12.59 10.77 3.98
CA GLU D 59 -12.77 10.33 2.62
C GLU D 59 -11.52 9.57 2.13
N VAL D 60 -11.71 8.39 1.54
CA VAL D 60 -10.62 7.63 0.92
C VAL D 60 -10.79 7.29 -0.57
N LYS D 61 -9.67 7.09 -1.26
CA LYS D 61 -9.66 6.76 -2.69
C LYS D 61 -10.41 5.46 -2.97
N ASN D 62 -11.09 5.39 -4.11
CA ASN D 62 -11.66 4.14 -4.59
C ASN D 62 -10.61 3.08 -4.94
N LEU D 63 -10.96 1.80 -4.75
CA LEU D 63 -10.18 0.72 -5.33
C LEU D 63 -10.94 0.14 -6.52
N GLN D 64 -10.40 0.29 -7.72
CA GLN D 64 -11.00 -0.33 -8.89
C GLN D 64 -9.97 -1.18 -9.61
N ARG D 65 -10.36 -1.77 -10.74
CA ARG D 65 -9.46 -2.60 -11.52
C ARG D 65 -8.37 -1.75 -12.16
N LEU D 66 -7.23 -2.36 -12.43
CA LEU D 66 -6.25 -1.73 -13.30
C LEU D 66 -6.84 -1.69 -14.70
N SER D 67 -6.66 -0.57 -15.39
CA SER D 67 -7.23 -0.40 -16.73
C SER D 67 -6.43 -1.11 -17.82
N GLY D 68 -5.14 -1.33 -17.57
CA GLY D 68 -4.27 -1.87 -18.58
C GLY D 68 -3.98 -3.34 -18.44
N ALA D 69 -4.16 -3.87 -17.23
CA ALA D 69 -3.87 -5.27 -16.96
C ALA D 69 -5.05 -6.16 -17.30
N MET D 70 -4.85 -7.04 -18.27
CA MET D 70 -5.91 -7.93 -18.73
C MET D 70 -5.80 -9.26 -18.01
N ASP D 71 -6.95 -9.89 -17.80
CA ASP D 71 -7.02 -11.23 -17.23
C ASP D 71 -6.26 -12.25 -18.09
N GLU D 72 -5.81 -13.33 -17.45
CA GLU D 72 -5.05 -14.40 -18.13
C GLU D 72 -3.63 -13.96 -18.54
N LEU D 73 -3.56 -12.92 -19.36
CA LEU D 73 -2.30 -12.41 -19.89
C LEU D 73 -1.40 -11.84 -18.81
N HIS D 74 -2.00 -11.19 -17.80
CA HIS D 74 -1.27 -10.48 -16.77
C HIS D 74 -1.69 -10.92 -15.36
N ASN D 75 -1.73 -12.23 -15.12
CA ASN D 75 -2.20 -12.74 -13.83
C ASN D 75 -1.33 -12.36 -12.61
N GLU D 76 -0.02 -12.29 -12.80
CA GLU D 76 0.88 -11.97 -11.69
C GLU D 76 0.63 -10.54 -11.19
N ILE D 77 0.53 -9.63 -12.15
CA ILE D 77 0.17 -8.24 -11.86
C ILE D 77 -1.17 -8.18 -11.17
N LEU D 78 -2.15 -8.95 -11.64
CA LEU D 78 -3.48 -8.89 -11.03
C LEU D 78 -3.46 -9.43 -9.59
N GLU D 79 -2.52 -10.33 -9.33
CA GLU D 79 -2.32 -10.87 -7.99
C GLU D 79 -1.73 -9.84 -7.05
N LEU D 80 -0.78 -9.07 -7.57
CA LEU D 80 -0.14 -8.03 -6.76
C LEU D 80 -1.20 -6.95 -6.50
N ASP D 81 -2.02 -6.70 -7.52
CA ASP D 81 -3.12 -5.74 -7.42
C ASP D 81 -4.12 -6.10 -6.33
N GLU D 82 -4.44 -7.40 -6.29
CA GLU D 82 -5.33 -7.97 -5.28
C GLU D 82 -4.74 -7.80 -3.88
N LYS D 83 -3.43 -8.04 -3.77
CA LYS D 83 -2.71 -7.83 -2.52
C LYS D 83 -2.73 -6.38 -2.07
N VAL D 84 -2.58 -5.46 -3.03
CA VAL D 84 -2.63 -4.04 -2.73
C VAL D 84 -4.00 -3.64 -2.18
N ASP D 85 -5.06 -4.10 -2.83
CA ASP D 85 -6.41 -3.82 -2.34
C ASP D 85 -6.59 -4.33 -0.90
N ASP D 86 -6.15 -5.55 -0.65
CA ASP D 86 -6.36 -6.15 0.66
C ASP D 86 -5.61 -5.40 1.75
N LEU D 87 -4.37 -4.99 1.45
CA LEU D 87 -3.58 -4.31 2.47
C LEU D 87 -4.12 -2.91 2.71
N ARG D 88 -4.66 -2.27 1.68
CA ARG D 88 -5.26 -0.96 1.87
C ARG D 88 -6.47 -1.07 2.78
N ALA D 89 -7.37 -2.02 2.46
CA ALA D 89 -8.57 -2.22 3.27
C ALA D 89 -8.20 -2.51 4.72
N ASP D 90 -7.19 -3.35 4.91
CA ASP D 90 -6.74 -3.74 6.25
C ASP D 90 -6.25 -2.54 7.05
N THR D 91 -5.36 -1.76 6.42
CA THR D 91 -4.71 -0.65 7.11
C THR D 91 -5.69 0.46 7.44
N ILE D 92 -6.52 0.82 6.49
CA ILE D 92 -7.51 1.87 6.72
C ILE D 92 -8.54 1.41 7.75
N SER D 93 -8.89 0.12 7.71
CA SER D 93 -9.77 -0.44 8.73
C SER D 93 -9.18 -0.24 10.13
N SER D 94 -7.90 -0.56 10.27
CA SER D 94 -7.22 -0.36 11.55
C SER D 94 -7.22 1.09 12.00
N GLN D 95 -6.98 2.00 11.06
CA GLN D 95 -6.88 3.42 11.39
C GLN D 95 -8.26 3.95 11.83
N ILE D 96 -9.30 3.44 11.20
CA ILE D 96 -10.66 3.83 11.56
C ILE D 96 -11.04 3.29 12.93
N GLU D 97 -10.70 2.03 13.21
CA GLU D 97 -10.93 1.45 14.53
C GLU D 97 -10.23 2.29 15.57
N LEU D 98 -9.07 2.85 15.23
CA LEU D 98 -8.32 3.66 16.19
C LEU D 98 -9.05 4.98 16.44
N ALA D 99 -9.51 5.63 15.38
CA ALA D 99 -10.25 6.88 15.52
C ALA D 99 -11.50 6.70 16.39
N VAL D 100 -12.21 5.60 16.18
CA VAL D 100 -13.44 5.36 16.91
C VAL D 100 -13.12 5.02 18.37
N LEU D 101 -12.07 4.24 18.57
CA LEU D 101 -11.63 3.89 19.91
C LEU D 101 -11.33 5.14 20.74
N LEU D 102 -10.60 6.07 20.13
CA LEU D 102 -10.23 7.28 20.86
C LEU D 102 -11.46 8.14 21.12
N SER D 103 -12.39 8.15 20.17
CA SER D 103 -13.66 8.86 20.36
C SER D 103 -14.43 8.36 21.58
N ASN D 104 -14.58 7.04 21.66
CA ASN D 104 -15.34 6.42 22.74
C ASN D 104 -14.64 6.60 24.08
N GLU D 105 -13.32 6.52 24.04
CA GLU D 105 -12.50 6.78 25.22
C GLU D 105 -12.77 8.18 25.73
N GLY D 106 -12.84 9.13 24.79
CA GLY D 106 -13.12 10.51 25.14
C GLY D 106 -14.47 10.68 25.82
N ILE D 107 -15.49 10.01 25.30
CA ILE D 107 -16.84 10.15 25.88
C ILE D 107 -16.96 9.58 27.31
N ILE D 108 -16.45 8.36 27.45
CA ILE D 108 -16.51 7.68 28.73
C ILE D 108 -15.67 8.47 29.72
N ASN D 109 -14.55 9.02 29.28
CA ASN D 109 -13.72 9.76 30.21
C ASN D 109 -14.39 11.09 30.58
N SER D 110 -15.19 11.65 29.67
CA SER D 110 -15.77 12.96 29.94
C SER D 110 -16.94 12.91 30.92
N GLU D 111 -17.41 11.70 31.23
CA GLU D 111 -18.57 11.61 32.17
C GLU D 111 -18.32 12.31 33.52
N ASP D 112 -17.21 11.95 34.17
CA ASP D 112 -16.87 12.50 35.47
C ASP D 112 -16.56 13.99 35.44
N GLU D 113 -16.18 14.47 34.26
CA GLU D 113 -15.90 15.89 34.08
C GLU D 113 -17.22 16.65 34.03
N HIS D 114 -18.23 15.96 33.48
CA HIS D 114 -19.58 16.53 33.49
C HIS D 114 -20.04 16.64 34.94
N LEU D 115 -19.73 15.62 35.74
CA LEU D 115 -20.11 15.69 37.14
C LEU D 115 -19.44 16.84 37.89
N LEU D 116 -18.13 16.99 37.71
CA LEU D 116 -17.35 18.08 38.31
C LEU D 116 -17.92 19.46 37.95
N ALA D 117 -18.35 19.60 36.70
CA ALA D 117 -18.91 20.88 36.26
C ALA D 117 -20.27 21.09 36.94
N LEU D 118 -21.05 20.01 37.07
CA LEU D 118 -22.35 20.15 37.70
C LEU D 118 -22.13 20.54 39.16
N GLU D 119 -20.99 20.17 39.74
CA GLU D 119 -20.74 20.50 41.15
C GLU D 119 -20.42 21.98 41.24
N ARG D 120 -19.73 22.54 40.26
CA ARG D 120 -19.50 23.99 40.33
C ARG D 120 -20.80 24.77 40.17
N LYS D 121 -21.67 24.30 39.28
CA LYS D 121 -22.93 25.00 39.05
C LYS D 121 -23.78 24.93 40.32
N LEU D 122 -23.78 23.76 40.95
CA LEU D 122 -24.57 23.57 42.16
C LEU D 122 -23.99 24.43 43.27
N LYS D 123 -22.67 24.45 43.38
CA LYS D 123 -22.01 25.23 44.43
C LYS D 123 -22.42 26.68 44.35
N LYS D 124 -22.39 27.25 43.16
CA LYS D 124 -22.74 28.67 43.07
C LYS D 124 -24.21 28.88 43.40
N MET D 125 -25.08 28.01 42.91
CA MET D 125 -26.52 28.20 43.18
C MET D 125 -26.93 28.01 44.63
N LEU D 126 -26.28 27.08 45.33
CA LEU D 126 -26.64 26.76 46.69
C LEU D 126 -26.28 27.88 47.67
N GLY D 127 -25.31 28.71 47.27
CA GLY D 127 -24.89 29.82 48.10
C GLY D 127 -23.90 29.43 49.18
N PRO D 128 -23.33 30.43 49.86
CA PRO D 128 -22.24 30.25 50.84
C PRO D 128 -22.66 29.65 52.18
N SER D 129 -23.93 29.32 52.36
CA SER D 129 -24.36 28.70 53.61
C SER D 129 -24.28 27.18 53.56
N ALA D 130 -24.15 26.66 52.35
CA ALA D 130 -24.04 25.22 52.14
C ALA D 130 -22.62 24.75 52.44
N VAL D 131 -22.48 23.47 52.78
CA VAL D 131 -21.17 22.92 53.10
C VAL D 131 -20.74 21.86 52.09
N ASP D 132 -19.55 22.03 51.54
CA ASP D 132 -18.99 21.14 50.52
C ASP D 132 -18.34 19.93 51.18
N ILE D 133 -18.84 18.74 50.87
CA ILE D 133 -18.31 17.51 51.46
C ILE D 133 -17.08 16.99 50.71
N GLY D 134 -17.09 17.14 49.40
CA GLY D 134 -15.96 16.75 48.58
C GLY D 134 -16.21 15.55 47.69
N ASN D 135 -17.28 14.82 47.96
CA ASN D 135 -17.61 13.64 47.16
C ASN D 135 -18.74 13.98 46.20
N GLY D 136 -18.86 15.27 45.87
CA GLY D 136 -19.90 15.72 44.97
C GLY D 136 -21.20 16.07 45.68
N CYS D 137 -21.15 16.07 47.00
CA CYS D 137 -22.34 16.29 47.82
C CYS D 137 -22.24 17.55 48.65
N PHE D 138 -23.37 18.24 48.83
CA PHE D 138 -23.40 19.43 49.66
C PHE D 138 -24.42 19.28 50.78
N GLU D 139 -24.05 19.74 51.97
CA GLU D 139 -24.98 19.71 53.10
C GLU D 139 -25.65 21.06 53.24
N THR D 140 -26.99 21.05 53.28
CA THR D 140 -27.73 22.30 53.31
C THR D 140 -28.41 22.52 54.66
N LYS D 141 -28.72 23.77 54.96
CA LYS D 141 -29.44 24.14 56.17
C LYS D 141 -30.94 23.99 55.97
N HIS D 142 -31.36 23.84 54.73
CA HIS D 142 -32.78 23.86 54.39
C HIS D 142 -33.23 22.54 53.75
N LYS D 143 -34.57 22.42 53.59
CA LYS D 143 -35.18 21.29 52.93
C LYS D 143 -35.16 21.47 51.42
N CYS D 144 -35.05 20.38 50.69
CA CYS D 144 -35.12 20.42 49.24
C CYS D 144 -35.95 19.27 48.68
N ASN D 145 -37.26 19.49 48.55
CA ASN D 145 -38.09 18.46 47.95
C ASN D 145 -37.98 18.51 46.42
N GLN D 146 -38.79 17.72 45.73
CA GLN D 146 -38.69 17.63 44.28
C GLN D 146 -38.80 18.98 43.58
N THR D 147 -39.67 19.85 44.09
CA THR D 147 -39.87 21.16 43.49
C THR D 147 -38.62 22.02 43.63
N CYS D 148 -37.88 21.92 44.66
CA CYS D 148 -36.62 22.60 44.90
C CYS D 148 -35.54 22.08 43.97
N LEU D 149 -35.46 20.76 43.84
CA LEU D 149 -34.42 20.17 43.00
C LEU D 149 -34.70 20.61 41.57
N ASP D 150 -35.98 20.64 41.20
CA ASP D 150 -36.40 21.05 39.87
C ASP D 150 -35.99 22.50 39.61
N ARG D 151 -35.99 23.30 40.68
CA ARG D 151 -35.60 24.71 40.55
C ARG D 151 -34.07 24.82 40.45
N ILE D 152 -33.38 23.83 41.01
CA ILE D 152 -31.93 23.78 40.89
C ILE D 152 -31.50 23.42 39.47
N ALA D 153 -32.15 22.40 38.91
CA ALA D 153 -31.91 21.94 37.54
C ALA D 153 -32.12 23.02 36.47
N ALA D 154 -33.01 23.97 36.73
CA ALA D 154 -33.32 25.02 35.78
C ALA D 154 -32.53 26.30 36.04
N GLY D 155 -31.76 26.29 37.13
CA GLY D 155 -30.93 27.44 37.46
C GLY D 155 -31.76 28.59 37.98
N THR D 156 -32.98 28.29 38.39
CA THR D 156 -33.89 29.30 38.91
C THR D 156 -33.86 29.29 40.44
N PHE D 157 -33.08 28.36 40.99
CA PHE D 157 -33.00 28.19 42.44
C PHE D 157 -32.45 29.45 43.12
N ASN D 158 -33.10 29.86 44.21
CA ASN D 158 -32.66 31.01 44.97
C ASN D 158 -32.60 30.70 46.46
N ALA D 159 -31.45 30.89 47.09
CA ALA D 159 -31.32 30.56 48.50
C ALA D 159 -32.02 31.62 49.35
N GLY D 160 -32.35 32.73 48.70
CA GLY D 160 -33.07 33.83 49.32
C GLY D 160 -34.44 33.36 49.78
N GLU D 161 -35.02 32.44 49.01
CA GLU D 161 -36.32 31.88 49.33
C GLU D 161 -36.31 31.12 50.65
N PHE D 162 -35.12 30.85 51.18
CA PHE D 162 -35.01 30.19 52.46
C PHE D 162 -34.36 31.13 53.46
N SER D 163 -34.34 32.41 53.10
CA SER D 163 -33.76 33.47 53.94
C SER D 163 -32.28 33.16 54.20
N LEU D 164 -31.59 32.69 53.16
CA LEU D 164 -30.19 32.33 53.25
C LEU D 164 -29.35 33.20 52.32
N PRO D 165 -28.07 33.42 52.69
CA PRO D 165 -27.19 34.24 51.86
C PRO D 165 -27.01 33.64 50.46
N THR D 166 -26.77 34.51 49.48
CA THR D 166 -26.58 34.09 48.09
C THR D 166 -25.40 34.80 47.48
N PHE D 167 -24.83 34.19 46.43
CA PHE D 167 -23.86 34.88 45.60
C PHE D 167 -24.64 35.61 44.52
N ASP D 168 -24.29 36.86 44.27
CA ASP D 168 -24.88 37.62 43.17
C ASP D 168 -24.16 37.39 41.86
N SER D 169 -24.76 37.86 40.77
CA SER D 169 -24.21 37.71 39.43
C SER D 169 -23.80 39.06 38.84
N LEU D 170 -22.63 39.09 38.20
CA LEU D 170 -22.10 40.30 37.60
C LEU D 170 -22.97 40.72 36.40
N ASN D 171 -23.24 42.01 36.30
CA ASN D 171 -23.99 42.54 35.16
C ASN D 171 -23.11 42.70 33.93
N ASP E 1 -1.78 20.53 62.21
CA ASP E 1 -0.92 19.94 61.20
C ASP E 1 -1.44 20.21 59.79
N ARG E 2 -0.57 20.02 58.79
CA ARG E 2 -0.95 20.16 57.39
C ARG E 2 -0.89 18.82 56.65
N ILE E 3 -1.95 18.52 55.90
CA ILE E 3 -2.03 17.24 55.20
C ILE E 3 -2.24 17.45 53.70
N CYS E 4 -1.43 16.77 52.88
CA CYS E 4 -1.39 17.04 51.45
C CYS E 4 -1.39 15.76 50.61
N THR E 5 -1.87 15.87 49.37
CA THR E 5 -1.75 14.80 48.39
C THR E 5 -0.35 14.86 47.78
N GLY E 6 0.20 13.71 47.41
CA GLY E 6 1.53 13.66 46.82
C GLY E 6 1.81 12.48 45.92
N ILE E 7 2.92 12.54 45.18
CA ILE E 7 3.31 11.47 44.27
C ILE E 7 4.71 10.99 44.62
N THR E 8 4.95 9.69 44.46
CA THR E 8 6.22 9.07 44.80
C THR E 8 7.42 9.57 44.01
N SER E 9 8.60 9.25 44.52
CA SER E 9 9.85 9.51 43.84
C SER E 9 10.70 8.25 43.96
N SER E 10 11.11 7.74 42.80
CA SER E 10 11.94 6.54 42.73
C SER E 10 12.87 6.70 41.54
N ASN E 11 13.82 5.79 41.42
CA ASN E 11 14.73 5.80 40.28
C ASN E 11 13.93 5.72 38.99
N SER E 12 14.26 6.59 38.04
CA SER E 12 13.47 6.70 36.82
C SER E 12 14.32 6.70 35.56
N PRO E 13 14.88 5.53 35.22
CA PRO E 13 15.80 5.40 34.11
C PRO E 13 15.07 5.17 32.79
N HIS E 14 13.77 4.91 32.84
CA HIS E 14 13.06 4.59 31.60
C HIS E 14 12.52 5.84 30.92
N VAL E 15 12.52 5.87 29.59
CA VAL E 15 12.07 7.07 28.89
C VAL E 15 10.89 6.74 27.99
N VAL E 16 9.86 7.58 27.99
CA VAL E 16 8.79 7.42 27.00
C VAL E 16 8.47 8.74 26.32
N LYS E 17 7.92 8.67 25.10
CA LYS E 17 7.56 9.89 24.37
C LYS E 17 6.11 10.29 24.64
N THR E 18 5.88 11.59 24.80
CA THR E 18 4.54 12.15 24.90
C THR E 18 4.31 13.22 23.84
N ALA E 19 3.06 13.61 23.66
CA ALA E 19 2.72 14.66 22.70
C ALA E 19 2.94 16.08 23.24
N THR E 20 2.65 16.29 24.52
CA THR E 20 2.69 17.64 25.07
C THR E 20 3.87 17.91 26.01
N GLN E 21 4.57 16.86 26.41
CA GLN E 21 5.69 17.01 27.32
C GLN E 21 7.03 16.52 26.76
N GLY E 22 7.01 16.07 25.50
CA GLY E 22 8.20 15.53 24.88
C GLY E 22 8.57 14.18 25.47
N GLU E 23 9.87 13.90 25.50
CA GLU E 23 10.35 12.68 26.14
C GLU E 23 10.39 12.91 27.63
N VAL E 24 9.84 11.97 28.40
CA VAL E 24 9.85 12.10 29.85
C VAL E 24 10.43 10.86 30.53
N ASN E 25 11.11 11.08 31.65
CA ASN E 25 11.69 9.96 32.39
C ASN E 25 10.63 9.36 33.30
N VAL E 26 10.58 8.04 33.40
CA VAL E 26 9.57 7.38 34.22
C VAL E 26 10.16 6.30 35.10
N THR E 27 9.42 5.91 36.14
CA THR E 27 9.91 4.93 37.10
C THR E 27 9.80 3.50 36.58
N GLY E 28 8.98 3.22 35.64
CA GLY E 28 8.74 1.89 35.10
C GLY E 28 8.06 1.89 33.75
N VAL E 29 8.35 0.84 32.98
CA VAL E 29 7.74 0.65 31.67
C VAL E 29 7.40 -0.80 31.43
N ILE E 30 6.50 -1.02 30.47
CA ILE E 30 6.23 -2.33 29.92
C ILE E 30 6.79 -2.32 28.51
N PRO E 31 7.86 -3.09 28.27
CA PRO E 31 8.39 -3.13 26.91
C PRO E 31 7.37 -3.76 25.97
N LEU E 32 7.21 -3.19 24.78
CA LEU E 32 6.22 -3.69 23.84
C LEU E 32 6.88 -4.43 22.69
N THR E 33 8.21 -4.36 22.62
CA THR E 33 8.93 -4.95 21.50
C THR E 33 10.06 -5.85 21.98
N THR E 34 10.47 -6.77 21.12
CA THR E 34 11.72 -7.50 21.30
C THR E 34 12.42 -7.59 19.97
N THR E 35 13.71 -7.89 19.99
CA THR E 35 14.40 -8.26 18.75
C THR E 35 14.62 -9.76 18.74
N PRO E 36 14.02 -10.45 17.77
CA PRO E 36 14.11 -11.90 17.69
C PRO E 36 15.55 -12.34 17.39
N THR E 37 15.85 -13.60 17.66
CA THR E 37 17.16 -14.12 17.32
C THR E 37 16.99 -15.12 16.20
N LYS E 38 18.04 -15.29 15.40
CA LYS E 38 17.98 -16.19 14.26
C LYS E 38 17.90 -17.64 14.73
N SER E 39 16.78 -18.28 14.38
CA SER E 39 16.55 -19.68 14.72
C SER E 39 16.27 -20.49 13.48
N HIS E 40 16.24 -21.81 13.62
CA HIS E 40 15.89 -22.69 12.52
C HIS E 40 14.42 -22.49 12.18
N PHE E 41 14.03 -22.95 11.00
CA PHE E 41 12.63 -22.87 10.59
C PHE E 41 11.84 -24.02 11.21
N ALA E 42 10.52 -23.97 11.09
CA ALA E 42 9.67 -24.94 11.78
C ALA E 42 8.33 -25.10 11.08
N ASN E 43 7.44 -25.90 11.66
CA ASN E 43 6.09 -26.03 11.16
C ASN E 43 5.22 -24.87 11.64
N LEU E 44 4.27 -24.46 10.81
CA LEU E 44 3.35 -23.42 11.23
C LEU E 44 2.29 -24.06 12.12
N LYS E 45 2.19 -23.59 13.36
CA LYS E 45 1.16 -24.06 14.27
C LYS E 45 -0.22 -23.80 13.66
N GLY E 46 -1.03 -24.85 13.51
CA GLY E 46 -2.37 -24.68 12.99
C GLY E 46 -2.44 -24.70 11.47
N THR E 47 -1.31 -25.01 10.83
CA THR E 47 -1.23 -25.04 9.37
C THR E 47 -0.16 -26.04 8.92
N LYS E 48 -0.57 -27.08 8.19
CA LYS E 48 0.40 -28.04 7.65
C LYS E 48 1.40 -27.38 6.70
N THR E 49 2.69 -27.66 6.88
CA THR E 49 3.71 -26.88 6.20
C THR E 49 4.56 -27.70 5.23
N ARG E 50 4.55 -27.29 3.97
CA ARG E 50 5.20 -28.01 2.87
C ARG E 50 6.68 -27.67 2.73
N GLY E 51 7.54 -28.68 2.57
CA GLY E 51 8.94 -28.44 2.28
C GLY E 51 9.28 -28.92 0.89
N LYS E 52 9.60 -30.21 0.77
CA LYS E 52 9.75 -30.83 -0.54
C LYS E 52 8.35 -31.16 -1.02
N LEU E 53 8.14 -31.11 -2.34
CA LEU E 53 6.83 -31.39 -2.93
C LEU E 53 6.33 -32.80 -2.63
N CYS E 54 7.21 -33.78 -2.82
CA CYS E 54 6.87 -35.17 -2.53
C CYS E 54 7.88 -35.72 -1.54
N PRO E 55 7.56 -35.61 -0.24
CA PRO E 55 8.45 -35.99 0.87
C PRO E 55 8.72 -37.49 0.94
N THR E 56 7.80 -38.30 0.41
CA THR E 56 7.99 -39.73 0.38
C THR E 56 9.00 -40.15 -0.69
N CYS E 57 9.20 -39.28 -1.61
CA CYS E 57 10.14 -39.56 -2.69
C CYS E 57 11.57 -39.22 -2.27
N LEU E 58 12.33 -40.23 -1.86
CA LEU E 58 13.66 -40.02 -1.29
C LEU E 58 14.73 -39.87 -2.37
N ASN E 59 15.84 -39.23 -2.01
CA ASN E 59 16.90 -38.88 -2.97
C ASN E 59 16.47 -38.04 -4.16
N CYS E 60 15.21 -37.64 -4.19
CA CYS E 60 14.70 -36.86 -5.30
C CYS E 60 14.61 -35.39 -4.92
N THR E 61 14.84 -34.51 -5.90
CA THR E 61 14.74 -33.08 -5.66
C THR E 61 13.41 -32.57 -6.18
N ASP E 62 13.04 -31.41 -5.80
CA ASP E 62 11.76 -30.81 -6.20
C ASP E 62 11.59 -30.62 -7.71
N LEU E 63 12.66 -30.23 -8.40
CA LEU E 63 12.62 -30.18 -9.85
C LEU E 63 12.40 -31.60 -10.43
N ASP E 64 13.11 -32.57 -9.87
CA ASP E 64 12.98 -33.97 -10.30
C ASP E 64 11.53 -34.42 -10.20
N VAL E 65 10.89 -34.07 -9.09
CA VAL E 65 9.50 -34.42 -8.84
C VAL E 65 8.58 -33.70 -9.82
N ALA E 66 8.87 -32.42 -10.06
CA ALA E 66 8.05 -31.60 -10.92
C ALA E 66 8.09 -32.06 -12.37
N LEU E 67 9.22 -32.62 -12.80
CA LEU E 67 9.35 -33.12 -14.16
C LEU E 67 8.82 -34.54 -14.30
N GLY E 68 8.62 -35.21 -13.16
CA GLY E 68 8.12 -36.58 -13.16
C GLY E 68 9.21 -37.57 -13.50
N ARG E 69 10.40 -37.35 -12.97
CA ARG E 69 11.51 -38.28 -13.12
C ARG E 69 11.16 -39.64 -12.52
N PRO E 70 11.52 -40.73 -13.20
CA PRO E 70 11.39 -42.12 -12.75
C PRO E 70 12.03 -42.40 -11.39
N MET E 71 11.31 -43.16 -10.56
CA MET E 71 11.61 -43.48 -9.16
C MET E 71 11.20 -42.35 -8.20
N CYS E 72 10.93 -41.19 -8.78
CA CYS E 72 10.64 -39.99 -7.98
C CYS E 72 9.20 -39.51 -8.19
N VAL E 73 8.28 -40.44 -8.38
CA VAL E 73 6.86 -40.13 -8.53
C VAL E 73 6.03 -40.70 -7.38
N GLY E 74 5.47 -39.81 -6.57
CA GLY E 74 4.72 -40.22 -5.41
C GLY E 74 3.72 -39.15 -4.99
N VAL E 75 3.21 -39.24 -3.77
CA VAL E 75 2.20 -38.30 -3.30
C VAL E 75 2.78 -36.92 -2.95
N THR E 76 2.09 -35.90 -3.44
CA THR E 76 2.40 -34.51 -3.14
C THR E 76 1.24 -33.91 -2.34
N PRO E 77 1.37 -33.91 -1.01
CA PRO E 77 0.32 -33.51 -0.06
C PRO E 77 -0.12 -32.06 -0.23
N SER E 78 -1.39 -31.79 0.05
CA SER E 78 -1.86 -30.41 0.06
C SER E 78 -1.32 -29.68 1.28
N ALA E 79 -1.14 -28.37 1.15
CA ALA E 79 -0.61 -27.53 2.22
C ALA E 79 -1.01 -26.07 2.01
N LYS E 80 -1.40 -25.40 3.09
CA LYS E 80 -1.81 -24.00 2.99
C LYS E 80 -0.64 -23.04 3.25
N ALA E 81 0.51 -23.59 3.62
CA ALA E 81 1.71 -22.78 3.77
C ALA E 81 2.92 -23.54 3.24
N SER E 82 3.84 -22.84 2.60
CA SER E 82 5.02 -23.46 2.00
C SER E 82 6.32 -22.66 2.15
N ILE E 83 7.41 -23.40 2.27
CA ILE E 83 8.75 -22.84 2.33
C ILE E 83 9.49 -23.01 1.00
N LEU E 84 10.04 -21.91 0.50
CA LEU E 84 10.84 -21.91 -0.71
C LEU E 84 12.33 -21.99 -0.38
N HIS E 85 12.91 -23.17 -0.57
CA HIS E 85 14.29 -23.40 -0.15
C HIS E 85 15.26 -23.40 -1.33
N GLU E 86 14.71 -23.50 -2.54
CA GLU E 86 15.54 -23.44 -3.73
C GLU E 86 15.09 -22.33 -4.68
N VAL E 87 15.91 -21.29 -4.77
CA VAL E 87 15.65 -20.20 -5.71
C VAL E 87 16.05 -20.65 -7.12
N ARG E 88 16.96 -21.60 -7.18
CA ARG E 88 17.33 -22.25 -8.44
C ARG E 88 17.30 -23.76 -8.24
N PRO E 89 16.10 -24.36 -8.30
CA PRO E 89 15.96 -25.80 -8.08
C PRO E 89 16.80 -26.60 -9.06
N VAL E 90 17.56 -27.57 -8.56
CA VAL E 90 18.41 -28.35 -9.44
C VAL E 90 17.79 -29.73 -9.61
N THR E 91 18.20 -30.42 -10.66
CA THR E 91 17.89 -31.83 -10.83
C THR E 91 19.01 -32.70 -10.26
N SER E 92 18.73 -33.99 -10.08
CA SER E 92 19.74 -34.91 -9.58
C SER E 92 19.74 -36.23 -10.34
N GLY E 93 19.28 -36.21 -11.58
CA GLY E 93 19.23 -37.42 -12.38
C GLY E 93 18.59 -37.28 -13.74
N CYS E 94 18.40 -38.44 -14.38
CA CYS E 94 17.77 -38.55 -15.70
C CYS E 94 18.54 -37.81 -16.80
N PHE E 95 17.84 -37.49 -17.88
CA PHE E 95 18.49 -36.97 -19.08
C PHE E 95 18.94 -35.51 -18.97
N PRO E 96 20.13 -35.21 -19.50
CA PRO E 96 20.73 -33.87 -19.44
C PRO E 96 19.84 -32.80 -20.05
N ILE E 97 19.59 -31.75 -19.26
CA ILE E 97 18.73 -30.65 -19.65
C ILE E 97 19.59 -29.40 -19.73
N MET E 98 19.35 -28.57 -20.74
CA MET E 98 19.97 -27.26 -20.78
C MET E 98 19.05 -26.25 -20.07
N HIS E 99 19.14 -26.26 -18.74
CA HIS E 99 18.16 -25.61 -17.87
C HIS E 99 18.00 -24.12 -18.10
N ASP E 100 19.11 -23.41 -18.24
CA ASP E 100 19.04 -21.96 -18.25
C ASP E 100 18.55 -21.40 -19.58
N ARG E 101 18.16 -22.29 -20.49
CA ARG E 101 17.68 -21.84 -21.78
C ARG E 101 16.16 -21.62 -21.79
N THR E 102 15.53 -21.96 -20.67
CA THR E 102 14.09 -21.71 -20.44
C THR E 102 13.84 -21.30 -19.00
N LYS E 103 12.56 -21.26 -18.62
CA LYS E 103 12.16 -20.93 -17.26
C LYS E 103 11.90 -22.17 -16.41
N ILE E 104 12.35 -23.33 -16.86
CA ILE E 104 11.92 -24.61 -16.29
C ILE E 104 12.27 -24.80 -14.81
N ARG E 105 13.41 -24.26 -14.38
CA ARG E 105 13.86 -24.40 -12.99
C ARG E 105 12.80 -23.89 -12.00
N GLN E 106 12.02 -22.91 -12.41
CA GLN E 106 11.09 -22.28 -11.51
C GLN E 106 9.79 -23.07 -11.38
N LEU E 107 9.64 -24.11 -12.20
CA LEU E 107 8.44 -24.95 -12.17
C LEU E 107 8.01 -25.46 -10.79
N PRO E 108 8.94 -26.04 -10.00
CA PRO E 108 8.51 -26.52 -8.69
C PRO E 108 8.12 -25.38 -7.73
N ASN E 109 8.75 -24.22 -7.90
CA ASN E 109 8.41 -23.05 -7.10
C ASN E 109 7.03 -22.51 -7.45
N LEU E 110 6.61 -22.71 -8.69
CA LEU E 110 5.27 -22.33 -9.11
C LEU E 110 4.22 -23.26 -8.49
N LEU E 111 4.54 -24.55 -8.43
CA LEU E 111 3.62 -25.55 -7.89
C LEU E 111 3.32 -25.33 -6.42
N ARG E 112 4.33 -24.93 -5.66
CA ARG E 112 4.20 -24.81 -4.22
C ARG E 112 3.32 -23.62 -3.83
N GLY E 113 3.06 -22.74 -4.80
CA GLY E 113 2.22 -21.59 -4.55
C GLY E 113 0.75 -21.98 -4.60
N TYR E 114 0.47 -23.19 -5.07
CA TYR E 114 -0.88 -23.72 -5.05
C TYR E 114 -1.08 -24.50 -3.76
N GLU E 115 -2.32 -24.66 -3.33
CA GLU E 115 -2.61 -25.43 -2.13
C GLU E 115 -2.53 -26.92 -2.45
N LYS E 116 -3.30 -27.33 -3.46
CA LYS E 116 -3.35 -28.73 -3.86
C LYS E 116 -2.64 -28.93 -5.19
N ILE E 117 -1.72 -29.89 -5.23
CA ILE E 117 -1.05 -30.25 -6.47
C ILE E 117 -1.14 -31.77 -6.65
N ARG E 118 -1.60 -32.19 -7.82
CA ARG E 118 -1.65 -33.61 -8.14
C ARG E 118 -1.22 -33.85 -9.58
N LEU E 119 -0.54 -34.96 -9.82
CA LEU E 119 -0.21 -35.32 -11.19
C LEU E 119 -1.35 -36.13 -11.79
N SER E 120 -1.76 -35.75 -12.99
CA SER E 120 -2.86 -36.40 -13.69
C SER E 120 -2.59 -37.88 -13.86
N THR E 121 -3.65 -38.69 -13.87
CA THR E 121 -3.51 -40.12 -14.05
C THR E 121 -3.59 -40.56 -15.51
N GLN E 122 -4.20 -39.73 -16.35
CA GLN E 122 -4.27 -39.99 -17.79
C GLN E 122 -3.35 -39.06 -18.57
N ASN E 123 -2.94 -39.49 -19.76
CA ASN E 123 -2.12 -38.67 -20.64
C ASN E 123 -2.99 -37.65 -21.38
N VAL E 124 -2.48 -36.43 -21.55
CA VAL E 124 -3.26 -35.36 -22.14
C VAL E 124 -3.25 -35.46 -23.67
N ILE E 125 -2.26 -36.18 -24.20
CA ILE E 125 -2.09 -36.34 -25.64
C ILE E 125 -1.65 -37.78 -25.90
N ASN E 126 -2.18 -38.40 -26.96
CA ASN E 126 -1.69 -39.69 -27.40
C ASN E 126 -0.47 -39.50 -28.28
N ALA E 127 0.72 -39.73 -27.71
CA ALA E 127 1.96 -39.40 -28.41
C ALA E 127 2.24 -40.29 -29.62
N GLU E 128 1.90 -41.57 -29.52
CA GLU E 128 2.16 -42.51 -30.62
C GLU E 128 1.39 -42.10 -31.87
N LYS E 129 0.20 -41.56 -31.65
CA LYS E 129 -0.69 -41.21 -32.75
C LYS E 129 -0.71 -39.72 -33.04
N ALA E 130 0.20 -38.98 -32.40
CA ALA E 130 0.25 -37.53 -32.56
C ALA E 130 0.72 -37.16 -33.98
N PRO E 131 0.37 -35.96 -34.46
CA PRO E 131 0.73 -35.48 -35.80
C PRO E 131 2.21 -35.62 -36.18
N GLY E 132 2.45 -36.07 -37.40
CA GLY E 132 3.78 -36.18 -37.96
C GLY E 132 4.26 -37.62 -38.02
N GLY E 133 3.44 -38.50 -38.59
CA GLY E 133 3.75 -39.91 -38.66
C GLY E 133 3.64 -40.56 -37.29
N PRO E 134 3.51 -41.89 -37.25
CA PRO E 134 3.49 -42.58 -35.96
C PRO E 134 4.85 -42.50 -35.26
N TYR E 135 4.83 -42.39 -33.94
CA TYR E 135 6.07 -42.28 -33.17
C TYR E 135 6.23 -43.46 -32.23
N ARG E 136 7.48 -43.86 -32.00
CA ARG E 136 7.78 -44.72 -30.87
C ARG E 136 8.17 -43.77 -29.76
N LEU E 137 7.92 -44.20 -28.52
CA LEU E 137 8.17 -43.36 -27.36
C LEU E 137 9.56 -43.66 -26.83
N GLY E 138 10.48 -42.74 -27.08
CA GLY E 138 11.88 -42.95 -26.77
C GLY E 138 12.14 -43.16 -25.29
N THR E 139 13.27 -43.80 -25.00
CA THR E 139 13.62 -44.15 -23.63
C THR E 139 15.13 -44.03 -23.48
N SER E 140 15.61 -44.07 -22.24
CA SER E 140 17.04 -43.96 -22.00
C SER E 140 17.47 -44.58 -20.67
N GLY E 141 18.68 -45.13 -20.65
CA GLY E 141 19.24 -45.74 -19.47
C GLY E 141 19.64 -44.71 -18.43
N SER E 142 19.56 -43.45 -18.81
CA SER E 142 19.83 -42.33 -17.91
C SER E 142 18.70 -42.15 -16.91
N CYS E 143 17.54 -42.62 -17.31
CA CYS E 143 16.36 -42.48 -16.46
C CYS E 143 15.79 -43.82 -15.99
N PRO E 144 16.51 -44.53 -15.12
CA PRO E 144 16.12 -45.88 -14.73
C PRO E 144 14.99 -45.96 -13.72
N ASN E 145 14.13 -46.97 -13.86
CA ASN E 145 13.18 -47.30 -12.80
C ASN E 145 13.87 -48.18 -11.77
N ALA E 146 13.08 -48.73 -10.85
CA ALA E 146 13.54 -49.77 -9.94
C ALA E 146 13.31 -51.14 -10.58
N THR E 147 12.43 -51.18 -11.58
CA THR E 147 12.11 -52.42 -12.28
C THR E 147 12.48 -52.33 -13.75
N SER E 148 13.34 -51.38 -14.07
CA SER E 148 13.80 -51.18 -15.44
C SER E 148 15.13 -50.44 -15.48
N ARG E 149 15.90 -50.68 -16.53
CA ARG E 149 17.18 -50.02 -16.73
C ARG E 149 17.00 -48.70 -17.46
N SER E 150 15.84 -48.57 -18.11
CA SER E 150 15.57 -47.41 -18.96
C SER E 150 14.15 -46.87 -18.74
N GLY E 151 13.97 -45.59 -19.03
CA GLY E 151 12.68 -44.93 -18.87
C GLY E 151 12.75 -43.49 -19.33
N PHE E 152 11.81 -42.67 -18.86
CA PHE E 152 11.80 -41.26 -19.22
C PHE E 152 10.82 -40.50 -18.32
N PHE E 153 10.87 -39.18 -18.35
CA PHE E 153 9.99 -38.35 -17.55
C PHE E 153 8.51 -38.67 -17.80
N ALA E 154 7.76 -38.82 -16.72
CA ALA E 154 6.35 -39.19 -16.80
C ALA E 154 5.51 -38.08 -17.45
N THR E 155 6.04 -36.86 -17.44
CA THR E 155 5.28 -35.72 -17.92
C THR E 155 5.44 -35.52 -19.42
N MET E 156 6.41 -36.20 -20.01
CA MET E 156 6.68 -36.06 -21.44
C MET E 156 6.85 -37.39 -22.16
N ALA E 157 6.71 -37.35 -23.48
CA ALA E 157 6.93 -38.50 -24.35
C ALA E 157 7.90 -38.10 -25.45
N TRP E 158 9.02 -38.80 -25.49
CA TRP E 158 10.05 -38.60 -26.50
C TRP E 158 9.56 -39.17 -27.83
N ALA E 159 8.91 -38.34 -28.64
CA ALA E 159 8.32 -38.82 -29.88
C ALA E 159 9.33 -38.95 -31.01
N VAL E 160 9.72 -40.18 -31.34
CA VAL E 160 10.67 -40.39 -32.44
C VAL E 160 10.08 -41.24 -33.55
N PRO E 161 10.22 -40.81 -34.82
CA PRO E 161 9.57 -41.49 -35.95
C PRO E 161 9.86 -42.98 -35.99
N LYS E 162 8.84 -43.82 -36.15
CA LYS E 162 9.03 -45.26 -36.00
C LYS E 162 9.56 -45.89 -37.27
N ASP E 163 9.04 -45.42 -38.43
CA ASP E 163 9.27 -46.08 -39.72
C ASP E 163 10.64 -45.77 -40.30
N ASN E 164 11.07 -46.61 -41.24
CA ASN E 164 12.22 -46.34 -42.08
C ASN E 164 11.94 -45.17 -43.01
N ASN E 165 12.99 -44.62 -43.62
CA ASN E 165 12.82 -43.57 -44.60
C ASN E 165 12.12 -42.34 -44.00
N LYS E 166 12.37 -42.13 -42.71
CA LYS E 166 11.91 -40.96 -41.95
C LYS E 166 12.46 -39.65 -42.54
N THR E 167 11.67 -38.58 -42.50
CA THR E 167 12.08 -37.35 -43.14
C THR E 167 11.86 -36.11 -42.26
N ALA E 168 12.29 -34.91 -42.78
CA ALA E 168 12.03 -33.62 -42.18
C ALA E 168 10.54 -33.32 -42.27
N THR E 169 10.04 -32.49 -41.36
CA THR E 169 8.62 -32.16 -41.36
C THR E 169 8.36 -30.65 -41.23
N ASN E 170 7.25 -30.22 -41.80
CA ASN E 170 6.73 -28.88 -41.58
C ASN E 170 6.32 -28.70 -40.12
N PRO E 171 6.21 -27.45 -39.66
CA PRO E 171 5.70 -27.23 -38.30
C PRO E 171 4.28 -27.76 -38.14
N LEU E 172 4.07 -28.65 -37.17
CA LEU E 172 2.75 -29.23 -36.92
C LEU E 172 2.15 -28.66 -35.64
N THR E 173 0.83 -28.66 -35.53
CA THR E 173 0.16 -28.09 -34.35
C THR E 173 -0.62 -29.15 -33.59
N VAL E 174 -0.38 -29.22 -32.28
CA VAL E 174 -1.28 -29.96 -31.39
C VAL E 174 -2.00 -28.99 -30.46
N GLU E 175 -3.27 -29.27 -30.20
CA GLU E 175 -3.98 -28.61 -29.13
C GLU E 175 -3.78 -29.40 -27.85
N VAL E 176 -3.48 -28.69 -26.77
CA VAL E 176 -3.40 -29.34 -25.47
C VAL E 176 -4.63 -28.93 -24.67
N PRO E 177 -5.58 -29.87 -24.52
CA PRO E 177 -6.86 -29.63 -23.84
C PRO E 177 -6.69 -29.49 -22.34
N HIS E 178 -7.66 -28.85 -21.69
CA HIS E 178 -7.67 -28.77 -20.24
C HIS E 178 -8.38 -30.00 -19.67
N ILE E 179 -7.63 -30.83 -18.95
CA ILE E 179 -8.18 -32.09 -18.46
C ILE E 179 -8.33 -32.12 -16.93
N CYS E 180 -8.20 -30.96 -16.30
CA CYS E 180 -8.41 -30.85 -14.86
C CYS E 180 -9.85 -30.44 -14.62
N THR E 181 -10.23 -30.26 -13.35
CA THR E 181 -11.58 -29.82 -13.04
C THR E 181 -11.76 -28.34 -13.38
N LYS E 182 -12.97 -27.83 -13.21
CA LYS E 182 -13.24 -26.43 -13.49
C LYS E 182 -12.66 -25.55 -12.39
N GLU E 183 -12.20 -26.18 -11.31
CA GLU E 183 -11.64 -25.46 -10.18
C GLU E 183 -10.10 -25.51 -10.18
N GLU E 184 -9.52 -26.17 -11.18
CA GLU E 184 -8.09 -26.43 -11.21
C GLU E 184 -7.34 -25.76 -12.37
N ASP E 185 -6.13 -25.26 -12.09
CA ASP E 185 -5.21 -24.85 -13.14
C ASP E 185 -4.49 -26.08 -13.65
N GLN E 186 -4.13 -26.08 -14.94
CA GLN E 186 -3.35 -27.16 -15.49
C GLN E 186 -1.96 -26.67 -15.88
N ILE E 187 -0.92 -27.32 -15.38
CA ILE E 187 0.44 -27.01 -15.78
C ILE E 187 0.99 -28.11 -16.69
N THR E 188 1.15 -27.75 -17.96
CA THR E 188 1.52 -28.67 -19.03
C THR E 188 3.02 -28.59 -19.26
N VAL E 189 3.70 -29.73 -19.17
CA VAL E 189 5.14 -29.77 -19.40
C VAL E 189 5.48 -30.30 -20.78
N TRP E 190 6.36 -29.61 -21.49
CA TRP E 190 6.72 -30.04 -22.84
C TRP E 190 8.15 -29.63 -23.13
N GLY E 191 8.68 -30.04 -24.27
CA GLY E 191 10.05 -29.70 -24.60
C GLY E 191 10.51 -30.32 -25.90
N PHE E 192 11.82 -30.32 -26.13
CA PHE E 192 12.37 -30.93 -27.34
C PHE E 192 13.76 -31.52 -27.15
N HIS E 193 14.02 -32.61 -27.88
CA HIS E 193 15.32 -33.26 -27.84
C HIS E 193 16.14 -32.88 -29.06
N SER E 194 17.44 -32.68 -28.86
CA SER E 194 18.36 -32.44 -29.96
C SER E 194 19.65 -33.24 -29.76
N ASP E 195 20.48 -33.29 -30.79
CA ASP E 195 21.66 -34.15 -30.78
C ASP E 195 22.69 -33.66 -31.80
N ASP E 196 23.69 -34.50 -32.07
CA ASP E 196 24.69 -34.18 -33.08
C ASP E 196 24.19 -34.58 -34.46
N LYS E 197 24.90 -34.13 -35.49
CA LYS E 197 24.45 -34.26 -36.88
C LYS E 197 24.03 -35.69 -37.29
N THR E 198 24.90 -36.66 -37.00
CA THR E 198 24.65 -38.03 -37.42
C THR E 198 23.45 -38.64 -36.72
N GLN E 199 23.42 -38.51 -35.39
CA GLN E 199 22.33 -39.05 -34.59
C GLN E 199 21.02 -38.35 -34.95
N MET E 200 21.09 -37.06 -35.27
CA MET E 200 19.90 -36.33 -35.73
C MET E 200 19.38 -36.98 -37.01
N LYS E 201 20.30 -37.29 -37.92
CA LYS E 201 19.93 -37.99 -39.15
C LYS E 201 19.26 -39.33 -38.85
N ASN E 202 19.93 -40.14 -38.02
CA ASN E 202 19.40 -41.43 -37.56
C ASN E 202 18.01 -41.38 -36.95
N LEU E 203 17.81 -40.51 -35.96
CA LEU E 203 16.58 -40.41 -35.20
C LEU E 203 15.41 -39.77 -35.93
N TYR E 204 15.67 -38.70 -36.68
CA TYR E 204 14.58 -37.87 -37.18
C TYR E 204 14.60 -37.67 -38.70
N GLY E 205 15.74 -37.95 -39.32
CA GLY E 205 15.86 -37.79 -40.76
C GLY E 205 16.10 -36.36 -41.19
N ASP E 206 16.62 -35.55 -40.27
CA ASP E 206 16.96 -34.17 -40.57
C ASP E 206 18.06 -33.73 -39.60
N SER E 207 19.04 -33.00 -40.12
CA SER E 207 20.18 -32.58 -39.30
C SER E 207 20.19 -31.07 -39.13
N ASN E 208 19.13 -30.42 -39.60
CA ASN E 208 18.99 -28.98 -39.45
C ASN E 208 18.32 -28.63 -38.12
N PRO E 209 18.54 -27.40 -37.63
CA PRO E 209 17.87 -26.97 -36.40
C PRO E 209 16.36 -27.03 -36.54
N GLN E 210 15.67 -27.44 -35.49
CA GLN E 210 14.22 -27.52 -35.54
C GLN E 210 13.63 -26.35 -34.76
N LYS E 211 12.42 -25.95 -35.12
CA LYS E 211 11.79 -24.81 -34.49
C LYS E 211 10.55 -25.21 -33.72
N PHE E 212 10.26 -24.48 -32.65
CA PHE E 212 9.16 -24.80 -31.76
C PHE E 212 8.52 -23.53 -31.22
N THR E 213 7.20 -23.52 -31.13
CA THR E 213 6.50 -22.37 -30.60
C THR E 213 5.34 -22.83 -29.75
N SER E 214 5.20 -22.26 -28.55
CA SER E 214 4.04 -22.59 -27.74
C SER E 214 3.18 -21.35 -27.57
N SER E 215 1.88 -21.57 -27.44
CA SER E 215 0.96 -20.48 -27.19
C SER E 215 -0.11 -20.90 -26.21
N ALA E 216 -0.19 -20.18 -25.11
CA ALA E 216 -1.20 -20.43 -24.08
C ALA E 216 -1.45 -19.14 -23.30
N ASN E 217 -2.73 -18.89 -23.01
CA ASN E 217 -3.15 -17.71 -22.26
C ASN E 217 -2.54 -16.38 -22.72
N GLY E 218 -2.39 -16.23 -24.02
CA GLY E 218 -1.89 -15.00 -24.62
C GLY E 218 -0.39 -14.88 -24.68
N VAL E 219 0.31 -15.87 -24.12
CA VAL E 219 1.76 -15.86 -24.12
C VAL E 219 2.33 -16.77 -25.20
N THR E 220 3.13 -16.22 -26.11
CA THR E 220 3.82 -17.03 -27.10
C THR E 220 5.30 -17.13 -26.78
N THR E 221 5.85 -18.33 -26.91
CA THR E 221 7.29 -18.51 -26.74
C THR E 221 7.83 -19.25 -27.95
N HIS E 222 9.01 -18.84 -28.42
CA HIS E 222 9.62 -19.42 -29.60
C HIS E 222 11.04 -19.90 -29.32
N TYR E 223 11.35 -21.11 -29.78
CA TYR E 223 12.66 -21.70 -29.57
C TYR E 223 13.23 -22.30 -30.87
N VAL E 224 14.53 -22.16 -31.08
CA VAL E 224 15.19 -22.83 -32.21
C VAL E 224 16.32 -23.68 -31.62
N SER E 225 16.45 -24.91 -32.11
CA SER E 225 17.37 -25.87 -31.49
C SER E 225 18.84 -25.72 -31.90
N GLN E 226 19.69 -26.51 -31.25
CA GLN E 226 21.12 -26.52 -31.50
C GLN E 226 21.58 -27.93 -31.86
N ILE E 227 22.38 -28.05 -32.91
CA ILE E 227 22.88 -29.37 -33.35
C ILE E 227 24.35 -29.55 -33.01
N GLY E 228 24.63 -30.35 -31.98
CA GLY E 228 25.99 -30.56 -31.53
C GLY E 228 26.57 -29.39 -30.77
N GLY E 229 27.76 -29.58 -30.22
CA GLY E 229 28.48 -28.52 -29.56
C GLY E 229 27.75 -28.06 -28.31
N PHE E 230 27.19 -29.02 -27.59
CA PHE E 230 26.36 -28.75 -26.43
C PHE E 230 27.24 -28.41 -25.24
N PRO E 231 26.69 -27.68 -24.25
CA PRO E 231 27.48 -27.51 -23.03
C PRO E 231 27.50 -28.81 -22.23
N ASP E 232 28.46 -28.96 -21.32
CA ASP E 232 28.67 -30.21 -20.61
C ASP E 232 27.43 -30.63 -19.82
N GLN E 233 27.22 -31.94 -19.69
CA GLN E 233 26.12 -32.46 -18.89
C GLN E 233 26.31 -32.12 -17.41
N THR E 234 25.21 -31.78 -16.76
CA THR E 234 25.22 -31.48 -15.33
C THR E 234 23.85 -31.79 -14.76
N GLU E 235 23.78 -32.01 -13.44
CA GLU E 235 22.51 -32.31 -12.78
C GLU E 235 21.72 -33.43 -13.43
N ASP E 236 22.41 -34.43 -13.98
CA ASP E 236 21.75 -35.50 -14.73
C ASP E 236 22.02 -36.87 -14.12
N GLY E 237 21.81 -37.93 -14.91
CA GLY E 237 21.89 -39.28 -14.40
C GLY E 237 23.29 -39.86 -14.25
N GLY E 238 24.30 -39.16 -14.77
CA GLY E 238 25.67 -39.60 -14.61
C GLY E 238 26.16 -40.36 -15.82
N LEU E 239 25.24 -40.68 -16.72
CA LEU E 239 25.59 -41.37 -17.95
C LEU E 239 25.97 -40.37 -19.03
N PRO E 240 27.08 -40.62 -19.73
CA PRO E 240 27.47 -39.78 -20.85
C PRO E 240 26.44 -39.83 -21.98
N GLN E 241 26.06 -38.68 -22.51
CA GLN E 241 25.12 -38.65 -23.63
C GLN E 241 25.61 -37.63 -24.66
N SER E 242 25.24 -37.84 -25.93
CA SER E 242 25.68 -36.95 -26.99
C SER E 242 24.70 -35.82 -27.27
N GLY E 243 23.47 -35.97 -26.78
CA GLY E 243 22.43 -34.99 -27.00
C GLY E 243 21.95 -34.33 -25.73
N ARG E 244 21.03 -33.38 -25.88
CA ARG E 244 20.48 -32.65 -24.74
C ARG E 244 19.01 -32.42 -25.00
N ILE E 245 18.24 -32.21 -23.93
CA ILE E 245 16.87 -31.78 -24.06
C ILE E 245 16.66 -30.38 -23.48
N VAL E 246 15.64 -29.70 -23.98
CA VAL E 246 15.24 -28.41 -23.45
C VAL E 246 13.81 -28.61 -22.99
N VAL E 247 13.51 -28.13 -21.79
CA VAL E 247 12.20 -28.37 -21.21
C VAL E 247 11.56 -27.06 -20.77
N ASP E 248 10.25 -26.98 -20.96
CA ASP E 248 9.49 -25.78 -20.65
C ASP E 248 8.12 -26.16 -20.08
N TYR E 249 7.36 -25.15 -19.66
CA TYR E 249 5.99 -25.36 -19.21
C TYR E 249 5.00 -24.29 -19.67
N MET E 250 3.75 -24.71 -19.86
CA MET E 250 2.65 -23.82 -20.20
C MET E 250 1.62 -23.87 -19.08
N VAL E 251 1.13 -22.71 -18.66
CA VAL E 251 0.03 -22.70 -17.71
C VAL E 251 -1.27 -22.50 -18.48
N GLN E 252 -2.24 -23.38 -18.25
CA GLN E 252 -3.54 -23.30 -18.88
C GLN E 252 -4.59 -23.17 -17.79
N LYS E 253 -5.25 -22.01 -17.79
CA LYS E 253 -6.34 -21.74 -16.87
C LYS E 253 -7.53 -22.62 -17.24
N PRO E 254 -8.45 -22.88 -16.29
CA PRO E 254 -9.58 -23.76 -16.58
C PRO E 254 -10.38 -23.36 -17.82
N GLY E 255 -10.63 -24.31 -18.70
CA GLY E 255 -11.37 -24.06 -19.92
C GLY E 255 -10.56 -23.38 -21.00
N LYS E 256 -9.24 -23.38 -20.86
CA LYS E 256 -8.37 -22.76 -21.85
C LYS E 256 -7.50 -23.84 -22.52
N THR E 257 -7.64 -23.99 -23.82
CA THR E 257 -6.80 -24.92 -24.57
C THR E 257 -5.50 -24.22 -24.95
N GLY E 258 -4.38 -24.94 -24.88
CA GLY E 258 -3.11 -24.40 -25.34
C GLY E 258 -2.66 -25.10 -26.62
N THR E 259 -1.75 -24.48 -27.35
CA THR E 259 -1.20 -25.13 -28.54
C THR E 259 0.32 -25.23 -28.53
N ILE E 260 0.82 -26.29 -29.14
CA ILE E 260 2.25 -26.41 -29.43
C ILE E 260 2.47 -26.65 -30.92
N VAL E 261 3.37 -25.87 -31.51
CA VAL E 261 3.78 -26.06 -32.89
C VAL E 261 5.23 -26.56 -32.89
N TYR E 262 5.46 -27.70 -33.52
CA TYR E 262 6.72 -28.40 -33.38
C TYR E 262 7.22 -29.04 -34.66
N GLN E 263 8.49 -29.43 -34.68
CA GLN E 263 9.02 -30.22 -35.78
C GLN E 263 9.61 -31.50 -35.18
N ARG E 264 10.83 -31.86 -35.60
CA ARG E 264 11.42 -33.10 -35.13
C ARG E 264 12.11 -32.93 -33.78
N GLY E 265 12.01 -33.95 -32.95
CA GLY E 265 12.66 -33.95 -31.65
C GLY E 265 11.71 -33.58 -30.52
N ILE E 266 10.43 -33.49 -30.84
CA ILE E 266 9.42 -33.02 -29.88
C ILE E 266 9.24 -33.95 -28.69
N LEU E 267 9.18 -33.36 -27.50
CA LEU E 267 8.85 -34.09 -26.28
C LEU E 267 7.43 -33.70 -25.88
N LEU E 268 6.46 -34.45 -26.38
CA LEU E 268 5.04 -34.13 -26.18
C LEU E 268 4.53 -34.32 -24.76
N PRO E 269 3.63 -33.45 -24.30
CA PRO E 269 3.10 -33.58 -22.94
C PRO E 269 2.29 -34.86 -22.76
N GLN E 270 2.38 -35.46 -21.57
CA GLN E 270 1.65 -36.69 -21.24
C GLN E 270 0.85 -36.43 -19.97
N LYS E 271 1.44 -36.73 -18.83
CA LYS E 271 0.85 -36.39 -17.54
C LYS E 271 1.07 -34.90 -17.27
N VAL E 272 0.00 -34.22 -16.87
CA VAL E 272 0.07 -32.80 -16.57
C VAL E 272 -0.21 -32.57 -15.10
N TRP E 273 0.13 -31.38 -14.61
CA TRP E 273 -0.14 -31.04 -13.23
C TRP E 273 -1.52 -30.40 -13.08
N CYS E 274 -2.27 -30.83 -12.08
CA CYS E 274 -3.54 -30.20 -11.76
C CYS E 274 -3.41 -29.58 -10.39
N ALA E 275 -3.66 -28.28 -10.32
CA ALA E 275 -3.35 -27.51 -9.13
C ALA E 275 -4.45 -26.52 -8.79
N SER E 276 -4.81 -26.45 -7.51
CA SER E 276 -5.84 -25.51 -7.09
C SER E 276 -5.51 -24.83 -5.78
N GLY E 277 -6.14 -23.68 -5.55
CA GLY E 277 -5.99 -22.94 -4.30
C GLY E 277 -4.69 -22.16 -4.23
N ARG E 278 -4.40 -21.63 -3.04
CA ARG E 278 -3.17 -20.90 -2.80
C ARG E 278 -2.54 -21.31 -1.48
N SER E 279 -1.22 -21.38 -1.44
CA SER E 279 -0.50 -21.62 -0.20
C SER E 279 0.31 -20.36 0.07
N LYS E 280 0.46 -19.99 1.34
CA LYS E 280 1.26 -18.82 1.67
C LYS E 280 2.72 -19.24 1.65
N VAL E 281 3.51 -18.64 0.77
CA VAL E 281 4.87 -19.09 0.55
C VAL E 281 5.87 -18.05 0.99
N ILE E 282 6.89 -18.49 1.73
CA ILE E 282 8.01 -17.60 2.04
C ILE E 282 9.32 -18.34 1.88
N LYS E 283 10.40 -17.59 1.68
CA LYS E 283 11.72 -18.20 1.63
C LYS E 283 12.12 -18.68 3.01
N GLY E 284 12.85 -19.79 3.04
CA GLY E 284 13.32 -20.36 4.28
C GLY E 284 14.29 -21.48 3.99
N SER E 285 14.70 -22.20 5.02
CA SER E 285 15.59 -23.33 4.85
C SER E 285 15.04 -24.62 5.43
N LEU E 286 15.67 -25.72 5.07
CA LEU E 286 15.21 -27.05 5.43
C LEU E 286 16.34 -27.64 6.27
N PRO E 287 16.02 -28.53 7.22
CA PRO E 287 14.80 -29.21 7.66
C PRO E 287 13.92 -28.35 8.57
N LEU E 288 12.62 -28.66 8.57
CA LEU E 288 11.69 -28.06 9.52
C LEU E 288 11.81 -28.74 10.88
N ILE E 289 12.13 -27.94 11.90
CA ILE E 289 12.33 -28.49 13.24
C ILE E 289 11.34 -27.93 14.25
N GLY E 290 10.39 -28.77 14.65
CA GLY E 290 9.47 -28.41 15.72
C GLY E 290 8.31 -27.57 15.22
N GLU E 291 7.58 -26.99 16.17
CA GLU E 291 6.47 -26.11 15.84
C GLU E 291 6.83 -24.68 16.23
N ALA E 292 6.17 -23.72 15.60
CA ALA E 292 6.34 -22.32 15.96
C ALA E 292 5.07 -21.57 15.58
N ASP E 293 4.86 -20.42 16.23
CA ASP E 293 3.67 -19.62 15.98
C ASP E 293 3.77 -18.88 14.65
N CYS E 294 5.00 -18.49 14.31
CA CYS E 294 5.24 -17.56 13.21
C CYS E 294 6.50 -17.97 12.45
N LEU E 295 6.44 -17.92 11.12
CA LEU E 295 7.64 -18.12 10.32
C LEU E 295 8.12 -16.82 9.69
N HIS E 296 9.38 -16.49 9.90
CA HIS E 296 9.91 -15.19 9.49
C HIS E 296 11.15 -15.42 8.62
N GLU E 297 11.26 -14.71 7.51
CA GLU E 297 12.34 -14.96 6.55
C GLU E 297 13.77 -14.70 7.04
N LYS E 298 13.93 -13.79 7.99
CA LYS E 298 15.27 -13.43 8.45
C LYS E 298 15.64 -14.03 9.81
N TYR E 299 14.65 -14.52 10.53
CA TYR E 299 14.84 -15.01 11.89
C TYR E 299 14.44 -16.48 12.04
N GLY E 300 13.75 -17.02 11.04
CA GLY E 300 13.29 -18.39 11.08
C GLY E 300 12.01 -18.53 11.88
N GLY E 301 11.90 -19.66 12.52
CA GLY E 301 10.75 -19.91 13.36
C GLY E 301 10.81 -19.14 14.67
N LEU E 302 9.66 -18.65 15.12
CA LEU E 302 9.58 -17.91 16.37
C LEU E 302 8.17 -17.97 16.97
N ASN E 303 8.10 -17.90 18.30
CA ASN E 303 6.82 -17.81 18.99
C ASN E 303 6.57 -16.36 19.42
N LYS E 304 5.30 -15.97 19.50
CA LYS E 304 4.92 -14.59 19.79
C LYS E 304 4.79 -14.32 21.28
N SER E 305 5.58 -13.39 21.79
CA SER E 305 5.44 -12.92 23.16
C SER E 305 4.89 -11.50 23.23
N LYS E 306 5.76 -10.53 22.98
CA LYS E 306 5.38 -9.13 22.84
C LYS E 306 4.52 -8.95 21.59
N PRO E 307 3.72 -7.88 21.54
CA PRO E 307 2.86 -7.64 20.37
C PRO E 307 3.64 -7.14 19.16
N TYR E 308 4.76 -6.47 19.38
CA TYR E 308 5.54 -5.90 18.29
C TYR E 308 6.96 -6.43 18.33
N TYR E 309 7.71 -6.21 17.26
CA TYR E 309 9.12 -6.59 17.26
C TYR E 309 9.95 -5.58 16.48
N THR E 310 11.21 -5.46 16.87
CA THR E 310 12.19 -4.64 16.19
C THR E 310 13.24 -5.54 15.53
N GLY E 311 13.99 -4.99 14.58
CA GLY E 311 14.99 -5.79 13.90
C GLY E 311 14.84 -5.70 12.40
N GLU E 312 15.10 -6.81 11.70
CA GLU E 312 14.98 -6.80 10.25
C GLU E 312 13.59 -7.23 9.79
N HIS E 313 12.91 -6.32 9.10
CA HIS E 313 11.62 -6.67 8.51
C HIS E 313 11.79 -7.54 7.28
N ALA E 314 10.90 -8.52 7.14
CA ALA E 314 10.92 -9.42 6.01
C ALA E 314 9.54 -10.06 5.95
N LYS E 315 9.29 -10.83 4.88
CA LYS E 315 8.04 -11.56 4.79
C LYS E 315 7.91 -12.54 5.95
N ALA E 316 6.70 -12.70 6.46
CA ALA E 316 6.47 -13.54 7.63
C ALA E 316 5.01 -13.98 7.68
N ILE E 317 4.78 -15.25 8.00
CA ILE E 317 3.42 -15.81 8.02
C ILE E 317 3.04 -16.43 9.36
N GLY E 318 1.75 -16.36 9.70
CA GLY E 318 1.23 -16.95 10.92
C GLY E 318 0.85 -15.94 11.99
N ASN E 319 0.87 -16.40 13.25
CA ASN E 319 0.58 -15.55 14.39
C ASN E 319 1.84 -14.79 14.76
N CYS E 320 2.03 -13.64 14.14
CA CYS E 320 3.32 -12.95 14.18
C CYS E 320 3.28 -11.62 14.92
N PRO E 321 4.44 -11.21 15.46
CA PRO E 321 4.50 -9.87 16.02
C PRO E 321 4.60 -8.84 14.91
N ILE E 322 4.14 -7.62 15.16
CA ILE E 322 4.13 -6.59 14.13
C ILE E 322 5.40 -5.76 14.18
N TRP E 323 6.03 -5.55 13.04
CA TRP E 323 7.29 -4.80 12.99
C TRP E 323 7.06 -3.34 13.34
N VAL E 324 7.98 -2.77 14.13
CA VAL E 324 7.96 -1.34 14.41
C VAL E 324 9.39 -0.81 14.29
N LYS E 325 9.52 0.47 13.94
CA LYS E 325 10.82 1.06 13.69
C LYS E 325 11.67 1.19 14.96
N THR E 326 11.04 1.22 16.13
CA THR E 326 11.76 1.59 17.34
C THR E 326 11.21 0.80 18.53
N PRO E 327 12.06 0.50 19.52
CA PRO E 327 11.64 -0.30 20.68
C PRO E 327 10.69 0.47 21.60
N LEU E 328 9.40 0.37 21.31
CA LEU E 328 8.37 1.12 22.01
C LEU E 328 8.14 0.59 23.41
N LYS E 329 7.73 1.49 24.31
CA LYS E 329 7.46 1.11 25.68
C LYS E 329 6.17 1.79 26.13
N LEU E 330 5.44 1.06 26.96
CA LEU E 330 4.23 1.61 27.53
C LEU E 330 4.49 1.97 28.99
N ALA E 331 4.26 3.22 29.35
CA ALA E 331 4.55 3.69 30.70
C ALA E 331 3.75 2.92 31.75
N ASN E 332 4.44 2.39 32.76
CA ASN E 332 3.79 1.71 33.87
C ASN E 332 4.37 2.22 35.19
N GLY E 333 4.22 3.52 35.41
CA GLY E 333 4.73 4.18 36.60
C GLY E 333 4.41 5.66 36.56
N THR E 334 5.18 6.45 37.29
CA THR E 334 4.99 7.89 37.29
C THR E 334 6.16 8.61 36.63
N LYS E 335 5.92 9.91 36.24
CA LYS E 335 6.97 10.77 35.72
C LYS E 335 7.98 11.05 36.83
N TYR E 336 9.24 11.24 36.45
CA TYR E 336 10.30 11.49 37.43
C TYR E 336 10.02 12.71 38.27
N ARG E 337 10.26 12.60 39.57
CA ARG E 337 10.16 13.72 40.49
C ARG E 337 11.41 13.71 41.39
N PRO E 338 12.09 14.87 41.52
CA PRO E 338 13.24 15.05 42.41
C PRO E 338 12.75 14.90 43.84
N PRO E 339 13.58 14.26 44.69
CA PRO E 339 13.21 14.06 46.10
C PRO E 339 12.96 15.37 46.85
N ALA E 340 11.87 15.42 47.58
CA ALA E 340 11.49 16.59 48.35
C ALA E 340 12.08 16.50 49.76
N LYS E 341 12.60 17.60 50.29
CA LYS E 341 13.16 17.55 51.63
C LYS E 341 12.65 18.70 52.50
N LEU E 342 12.81 18.54 53.81
CA LEU E 342 12.27 19.47 54.80
C LEU E 342 12.97 20.84 54.84
N LEU E 343 14.27 20.84 55.12
CA LEU E 343 15.00 22.10 55.28
C LEU E 343 16.15 22.21 54.29
N PHE F 2 1.15 19.94 34.08
CA PHE F 2 1.06 21.38 33.76
C PHE F 2 0.10 22.02 34.75
N PHE F 3 -0.89 21.24 35.17
CA PHE F 3 -1.93 21.67 36.09
C PHE F 3 -1.34 22.03 37.44
N GLY F 4 -0.59 21.11 38.02
CA GLY F 4 0.06 21.30 39.31
C GLY F 4 1.04 22.46 39.29
N ALA F 5 1.72 22.63 38.16
CA ALA F 5 2.68 23.71 37.99
C ALA F 5 2.00 25.07 38.12
N ILE F 6 0.81 25.20 37.53
CA ILE F 6 0.09 26.46 37.59
C ILE F 6 -0.59 26.62 38.93
N ALA F 7 -1.08 25.51 39.48
CA ALA F 7 -1.87 25.54 40.70
C ALA F 7 -0.98 25.53 41.92
N GLY F 8 0.33 25.47 41.69
CA GLY F 8 1.28 25.50 42.77
C GLY F 8 1.37 24.19 43.53
N PHE F 9 0.93 23.09 42.90
CA PHE F 9 1.08 21.78 43.53
C PHE F 9 2.56 21.48 43.66
N LEU F 10 2.93 20.73 44.69
CA LEU F 10 4.32 20.33 44.90
C LEU F 10 4.87 19.58 43.69
N GLU F 11 5.99 20.05 43.16
CA GLU F 11 6.59 19.47 41.96
C GLU F 11 7.58 18.35 42.28
N GLY F 12 7.91 18.19 43.56
CA GLY F 12 8.79 17.11 43.98
C GLY F 12 8.02 15.87 44.38
N GLY F 13 8.76 14.83 44.76
CA GLY F 13 8.12 13.60 45.20
C GLY F 13 8.72 13.04 46.48
N TRP F 14 8.06 12.02 47.04
CA TRP F 14 8.44 11.48 48.33
C TRP F 14 8.96 10.05 48.19
N GLU F 15 10.25 9.89 48.47
CA GLU F 15 10.90 8.58 48.37
C GLU F 15 10.32 7.54 49.32
N GLY F 16 9.69 8.00 50.40
CA GLY F 16 9.06 7.11 51.36
C GLY F 16 7.82 6.41 50.84
N MET F 17 7.17 7.04 49.87
CA MET F 17 5.97 6.48 49.26
C MET F 17 6.38 5.28 48.41
N ILE F 18 6.27 4.10 49.00
CA ILE F 18 6.89 2.89 48.47
C ILE F 18 5.85 1.84 48.06
N ALA F 19 4.72 1.81 48.77
CA ALA F 19 3.70 0.81 48.49
C ALA F 19 2.78 1.28 47.36
N GLY F 20 3.15 2.39 46.72
CA GLY F 20 2.33 2.95 45.68
C GLY F 20 2.91 4.17 44.98
N TRP F 21 2.12 4.73 44.07
CA TRP F 21 2.56 5.80 43.17
C TRP F 21 2.12 7.17 43.64
N HIS F 22 0.90 7.24 44.19
CA HIS F 22 0.39 8.48 44.76
C HIS F 22 -0.26 8.24 46.12
N GLY F 23 -0.35 9.30 46.92
CA GLY F 23 -0.91 9.20 48.26
C GLY F 23 -0.86 10.52 49.01
N TYR F 24 -0.52 10.47 50.29
CA TYR F 24 -0.64 11.62 51.15
C TYR F 24 0.63 11.90 51.96
N THR F 25 0.84 13.17 52.31
CA THR F 25 1.84 13.55 53.30
C THR F 25 1.24 14.36 54.44
N SER F 26 1.79 14.21 55.63
CA SER F 26 1.40 15.04 56.78
C SER F 26 2.59 15.84 57.27
N HIS F 27 2.35 17.09 57.63
CA HIS F 27 3.43 18.00 58.02
C HIS F 27 3.11 18.63 59.37
N GLY F 28 3.94 19.57 59.83
CA GLY F 28 3.70 20.21 61.10
C GLY F 28 4.83 20.17 62.11
N ALA F 29 4.71 19.29 63.10
CA ALA F 29 5.69 19.22 64.19
C ALA F 29 6.29 17.83 64.36
N HIS F 30 5.58 16.80 63.91
CA HIS F 30 6.07 15.43 64.00
C HIS F 30 7.19 15.26 62.98
N GLY F 31 7.25 16.24 62.06
CA GLY F 31 8.14 16.21 60.92
C GLY F 31 7.43 15.92 59.61
N VAL F 32 7.56 14.70 59.11
CA VAL F 32 6.92 14.37 57.84
C VAL F 32 6.57 12.89 57.71
N ALA F 33 5.29 12.60 57.49
CA ALA F 33 4.87 11.23 57.28
C ALA F 33 4.42 11.05 55.83
N VAL F 34 4.60 9.84 55.30
CA VAL F 34 4.25 9.58 53.91
C VAL F 34 3.44 8.29 53.82
N ALA F 35 2.31 8.33 53.10
CA ALA F 35 1.52 7.10 52.94
C ALA F 35 1.00 6.93 51.51
N ALA F 36 1.19 5.75 50.95
CA ALA F 36 0.69 5.48 49.61
C ALA F 36 -0.79 5.14 49.67
N ASP F 37 -1.56 5.67 48.74
CA ASP F 37 -2.97 5.31 48.60
C ASP F 37 -3.08 4.17 47.60
N LEU F 38 -3.57 3.02 48.05
CA LEU F 38 -3.55 1.83 47.22
C LEU F 38 -4.68 1.82 46.18
N LYS F 39 -5.75 2.57 46.46
CA LYS F 39 -6.87 2.62 45.53
C LYS F 39 -6.45 3.33 44.24
N SER F 40 -5.86 4.51 44.38
CA SER F 40 -5.43 5.30 43.24
C SER F 40 -4.34 4.58 42.42
N THR F 41 -3.45 3.90 43.14
CA THR F 41 -2.36 3.18 42.51
C THR F 41 -2.89 2.00 41.72
N GLN F 42 -3.83 1.28 42.32
CA GLN F 42 -4.40 0.12 41.65
C GLN F 42 -5.19 0.59 40.42
N GLU F 43 -5.85 1.73 40.53
CA GLU F 43 -6.60 2.28 39.41
C GLU F 43 -5.69 2.63 38.25
N ALA F 44 -4.54 3.24 38.55
CA ALA F 44 -3.59 3.60 37.51
C ALA F 44 -3.05 2.35 36.84
N ILE F 45 -2.73 1.34 37.66
CA ILE F 45 -2.19 0.10 37.14
C ILE F 45 -3.22 -0.58 36.23
N ASN F 46 -4.49 -0.52 36.63
CA ASN F 46 -5.56 -1.12 35.84
C ASN F 46 -5.76 -0.39 34.51
N LYS F 47 -5.68 0.94 34.51
CA LYS F 47 -5.85 1.69 33.26
C LYS F 47 -4.75 1.31 32.30
N ILE F 48 -3.53 1.24 32.83
CA ILE F 48 -2.38 0.89 32.01
C ILE F 48 -2.53 -0.53 31.47
N THR F 49 -3.03 -1.43 32.30
CA THR F 49 -3.21 -2.82 31.88
C THR F 49 -4.25 -2.94 30.77
N LYS F 50 -5.34 -2.18 30.88
CA LYS F 50 -6.37 -2.17 29.84
C LYS F 50 -5.81 -1.58 28.54
N ASN F 51 -4.97 -0.56 28.69
CA ASN F 51 -4.37 0.11 27.56
C ASN F 51 -3.47 -0.88 26.82
N LEU F 52 -2.72 -1.64 27.61
CA LEU F 52 -1.86 -2.69 27.09
C LEU F 52 -2.66 -3.74 26.34
N ASN F 53 -3.80 -4.15 26.91
CA ASN F 53 -4.62 -5.13 26.21
C ASN F 53 -5.07 -4.60 24.86
N SER F 54 -5.50 -3.34 24.85
CA SER F 54 -5.99 -2.74 23.61
C SER F 54 -4.90 -2.65 22.56
N LEU F 55 -3.68 -2.28 22.98
CA LEU F 55 -2.58 -2.19 22.04
C LEU F 55 -2.16 -3.57 21.55
N SER F 56 -2.38 -4.58 22.39
CA SER F 56 -1.97 -5.93 22.05
C SER F 56 -3.03 -6.63 21.23
N GLU F 57 -4.17 -5.96 21.03
CA GLU F 57 -5.27 -6.55 20.30
C GLU F 57 -5.23 -6.27 18.80
N LEU F 58 -4.42 -5.30 18.38
CA LEU F 58 -4.31 -5.00 16.96
C LEU F 58 -3.80 -6.20 16.18
N GLU F 59 -4.53 -6.56 15.13
CA GLU F 59 -4.13 -7.66 14.27
C GLU F 59 -4.01 -7.13 12.83
N VAL F 60 -2.89 -7.43 12.17
CA VAL F 60 -2.69 -7.09 10.76
C VAL F 60 -2.39 -8.28 9.83
N LYS F 61 -2.71 -8.11 8.55
CA LYS F 61 -2.50 -9.14 7.54
C LYS F 61 -1.02 -9.48 7.42
N ASN F 62 -0.72 -10.75 7.18
CA ASN F 62 0.64 -11.19 6.84
C ASN F 62 1.17 -10.63 5.52
N LEU F 63 2.47 -10.39 5.44
CA LEU F 63 3.12 -10.15 4.15
C LEU F 63 3.90 -11.38 3.71
N GLN F 64 3.47 -12.03 2.64
CA GLN F 64 4.22 -13.17 2.12
C GLN F 64 4.52 -12.95 0.64
N ARG F 65 5.15 -13.94 0.01
CA ARG F 65 5.48 -13.88 -1.41
C ARG F 65 4.24 -13.94 -2.29
N LEU F 66 4.33 -13.36 -3.49
CA LEU F 66 3.34 -13.63 -4.52
C LEU F 66 3.47 -15.09 -4.96
N SER F 67 2.33 -15.75 -5.15
CA SER F 67 2.34 -17.16 -5.55
C SER F 67 2.62 -17.40 -7.02
N GLY F 68 2.33 -16.41 -7.85
CA GLY F 68 2.44 -16.57 -9.29
C GLY F 68 3.71 -16.00 -9.88
N ALA F 69 4.31 -15.04 -9.19
CA ALA F 69 5.49 -14.37 -9.71
C ALA F 69 6.77 -15.13 -9.36
N MET F 70 7.44 -15.62 -10.39
CA MET F 70 8.65 -16.41 -10.24
C MET F 70 9.87 -15.50 -10.33
N ASP F 71 10.92 -15.86 -9.59
CA ASP F 71 12.19 -15.16 -9.67
C ASP F 71 12.76 -15.20 -11.08
N GLU F 72 13.59 -14.21 -11.41
CA GLU F 72 14.21 -14.09 -12.74
C GLU F 72 13.20 -13.69 -13.82
N LEU F 73 12.17 -14.51 -13.98
CA LEU F 73 11.16 -14.32 -15.01
C LEU F 73 10.31 -13.05 -14.78
N HIS F 74 10.01 -12.75 -13.53
CA HIS F 74 9.11 -11.64 -13.18
C HIS F 74 9.75 -10.69 -12.18
N ASN F 75 10.99 -10.26 -12.46
CA ASN F 75 11.71 -9.42 -11.49
C ASN F 75 11.08 -8.05 -11.23
N GLU F 76 10.49 -7.44 -12.26
CA GLU F 76 9.88 -6.11 -12.11
C GLU F 76 8.71 -6.15 -11.13
N ILE F 77 7.87 -7.16 -11.32
CA ILE F 77 6.76 -7.41 -10.42
C ILE F 77 7.28 -7.64 -9.01
N LEU F 78 8.36 -8.42 -8.88
CA LEU F 78 8.86 -8.71 -7.55
C LEU F 78 9.44 -7.46 -6.88
N GLU F 79 9.89 -6.51 -7.69
CA GLU F 79 10.38 -5.23 -7.20
C GLU F 79 9.24 -4.37 -6.67
N LEU F 80 8.14 -4.38 -7.40
CA LEU F 80 6.96 -3.62 -6.99
C LEU F 80 6.42 -4.26 -5.71
N ASP F 81 6.47 -5.59 -5.65
CA ASP F 81 6.05 -6.35 -4.48
C ASP F 81 6.86 -5.98 -3.25
N GLU F 82 8.17 -5.86 -3.45
CA GLU F 82 9.10 -5.44 -2.41
C GLU F 82 8.79 -4.03 -1.92
N LYS F 83 8.47 -3.15 -2.86
CA LYS F 83 8.06 -1.79 -2.52
C LYS F 83 6.78 -1.78 -1.69
N VAL F 84 5.82 -2.62 -2.07
CA VAL F 84 4.57 -2.73 -1.33
C VAL F 84 4.79 -3.20 0.12
N ASP F 85 5.60 -4.25 0.29
CA ASP F 85 5.91 -4.71 1.64
C ASP F 85 6.56 -3.62 2.47
N ASP F 86 7.52 -2.90 1.88
CA ASP F 86 8.24 -1.89 2.63
C ASP F 86 7.31 -0.76 3.06
N LEU F 87 6.42 -0.35 2.16
CA LEU F 87 5.53 0.75 2.49
C LEU F 87 4.47 0.36 3.50
N ARG F 88 4.04 -0.89 3.45
CA ARG F 88 3.06 -1.36 4.44
C ARG F 88 3.70 -1.36 5.83
N ALA F 89 4.88 -1.97 5.92
CA ALA F 89 5.59 -2.03 7.20
C ALA F 89 5.86 -0.65 7.77
N ASP F 90 6.26 0.27 6.90
CA ASP F 90 6.57 1.64 7.30
C ASP F 90 5.32 2.34 7.86
N THR F 91 4.22 2.23 7.12
CA THR F 91 2.98 2.93 7.48
C THR F 91 2.34 2.38 8.75
N ILE F 92 2.28 1.06 8.86
CA ILE F 92 1.70 0.45 10.05
C ILE F 92 2.60 0.75 11.26
N SER F 93 3.91 0.78 11.03
CA SER F 93 4.82 1.20 12.08
C SER F 93 4.50 2.61 12.59
N SER F 94 4.31 3.55 11.67
CA SER F 94 3.96 4.91 12.05
C SER F 94 2.66 4.98 12.85
N GLN F 95 1.67 4.20 12.40
CA GLN F 95 0.36 4.22 13.05
C GLN F 95 0.43 3.65 14.47
N ILE F 96 1.27 2.64 14.64
CA ILE F 96 1.47 2.02 15.95
C ILE F 96 2.18 3.00 16.87
N GLU F 97 3.18 3.68 16.32
CA GLU F 97 3.90 4.69 17.08
C GLU F 97 2.92 5.76 17.56
N LEU F 98 1.91 6.03 16.73
CA LEU F 98 0.92 7.04 17.11
C LEU F 98 0.01 6.56 18.23
N ALA F 99 -0.47 5.32 18.13
CA ALA F 99 -1.32 4.75 19.18
C ALA F 99 -0.59 4.70 20.53
N VAL F 100 0.69 4.34 20.49
CA VAL F 100 1.47 4.22 21.72
C VAL F 100 1.77 5.61 22.27
N LEU F 101 2.08 6.55 21.38
CA LEU F 101 2.34 7.93 21.81
C LEU F 101 1.13 8.49 22.54
N LEU F 102 -0.06 8.27 21.99
CA LEU F 102 -1.27 8.79 22.63
C LEU F 102 -1.55 8.07 23.94
N SER F 103 -1.27 6.77 23.97
CA SER F 103 -1.42 5.99 25.19
C SER F 103 -0.56 6.58 26.31
N ASN F 104 0.71 6.83 26.01
CA ASN F 104 1.66 7.36 26.98
C ASN F 104 1.32 8.78 27.39
N GLU F 105 0.86 9.58 26.44
CA GLU F 105 0.40 10.93 26.74
C GLU F 105 -0.72 10.86 27.78
N GLY F 106 -1.63 9.92 27.54
CA GLY F 106 -2.76 9.69 28.43
C GLY F 106 -2.29 9.29 29.82
N ILE F 107 -1.30 8.41 29.87
CA ILE F 107 -0.81 7.90 31.15
C ILE F 107 -0.15 9.02 31.95
N ILE F 108 0.73 9.79 31.31
CA ILE F 108 1.43 10.89 31.96
C ILE F 108 0.49 12.02 32.40
N ASN F 109 -0.52 12.31 31.60
CA ASN F 109 -1.45 13.39 31.92
C ASN F 109 -2.36 13.15 33.12
N SER F 110 -2.68 11.90 33.40
CA SER F 110 -3.64 11.57 34.45
C SER F 110 -3.11 11.70 35.87
N GLU F 111 -1.80 11.90 36.02
CA GLU F 111 -1.19 11.98 37.35
C GLU F 111 -1.81 13.08 38.22
N ASP F 112 -1.88 14.28 37.66
CA ASP F 112 -2.43 15.41 38.41
C ASP F 112 -3.91 15.23 38.71
N GLU F 113 -4.57 14.40 37.89
CA GLU F 113 -5.97 14.07 38.09
C GLU F 113 -6.17 13.09 39.23
N HIS F 114 -5.19 12.21 39.38
CA HIS F 114 -5.15 11.28 40.50
C HIS F 114 -5.00 12.09 41.76
N LEU F 115 -4.15 13.12 41.68
CA LEU F 115 -3.97 14.01 42.83
C LEU F 115 -5.28 14.72 43.19
N LEU F 116 -5.94 15.29 42.19
CA LEU F 116 -7.23 15.97 42.39
C LEU F 116 -8.29 15.07 43.05
N ALA F 117 -8.31 13.81 42.64
CA ALA F 117 -9.27 12.87 43.20
C ALA F 117 -8.88 12.54 44.64
N LEU F 118 -7.58 12.41 44.88
CA LEU F 118 -7.11 12.08 46.21
C LEU F 118 -7.46 13.26 47.14
N GLU F 119 -7.54 14.46 46.57
CA GLU F 119 -7.85 15.64 47.38
C GLU F 119 -9.30 15.60 47.75
N ARG F 120 -10.14 15.10 46.85
CA ARG F 120 -11.56 14.98 47.22
C ARG F 120 -11.77 13.92 48.30
N LYS F 121 -11.03 12.82 48.22
CA LYS F 121 -11.18 11.75 49.20
C LYS F 121 -10.71 12.27 50.57
N LEU F 122 -9.62 13.02 50.54
CA LEU F 122 -9.06 13.56 51.77
C LEU F 122 -10.03 14.58 52.34
N LYS F 123 -10.59 15.42 51.47
CA LYS F 123 -11.53 16.45 51.92
C LYS F 123 -12.69 15.84 52.68
N LYS F 124 -13.29 14.78 52.14
CA LYS F 124 -14.44 14.21 52.83
C LYS F 124 -14.00 13.59 54.16
N MET F 125 -12.87 12.88 54.16
CA MET F 125 -12.45 12.22 55.40
C MET F 125 -12.03 13.18 56.52
N LEU F 126 -11.41 14.29 56.14
CA LEU F 126 -10.89 15.25 57.11
C LEU F 126 -12.01 16.00 57.83
N GLY F 127 -13.18 16.04 57.22
CA GLY F 127 -14.33 16.71 57.81
C GLY F 127 -14.33 18.22 57.62
N PRO F 128 -15.45 18.86 57.99
CA PRO F 128 -15.69 20.30 57.75
C PRO F 128 -14.90 21.24 58.66
N SER F 129 -14.08 20.72 59.55
CA SER F 129 -13.27 21.58 60.42
C SER F 129 -11.92 21.89 59.80
N ALA F 130 -11.55 21.15 58.77
CA ALA F 130 -10.29 21.35 58.07
C ALA F 130 -10.43 22.50 57.09
N VAL F 131 -9.30 23.13 56.75
CA VAL F 131 -9.31 24.26 55.84
C VAL F 131 -8.58 23.94 54.54
N ASP F 132 -9.26 24.15 53.41
CA ASP F 132 -8.73 23.88 52.08
C ASP F 132 -7.86 25.02 51.60
N ILE F 133 -6.58 24.74 51.36
CA ILE F 133 -5.63 25.77 50.92
C ILE F 133 -5.66 26.01 49.41
N GLY F 134 -5.84 24.94 48.64
CA GLY F 134 -5.95 25.06 47.19
C GLY F 134 -4.78 24.46 46.43
N ASN F 135 -3.69 24.19 47.14
CA ASN F 135 -2.52 23.62 46.49
C ASN F 135 -2.43 22.12 46.79
N GLY F 136 -3.58 21.52 47.10
CA GLY F 136 -3.62 20.11 47.41
C GLY F 136 -3.37 19.83 48.88
N CYS F 137 -3.33 20.89 49.68
CA CYS F 137 -3.02 20.79 51.09
C CYS F 137 -4.18 21.25 51.97
N PHE F 138 -4.34 20.58 53.11
CA PHE F 138 -5.37 20.95 54.07
C PHE F 138 -4.74 21.28 55.41
N GLU F 139 -5.24 22.32 56.06
CA GLU F 139 -4.78 22.69 57.39
C GLU F 139 -5.69 22.11 58.43
N THR F 140 -5.13 21.37 59.37
CA THR F 140 -5.94 20.70 60.37
C THR F 140 -5.76 21.31 61.77
N LYS F 141 -6.75 21.07 62.62
CA LYS F 141 -6.73 21.52 64.01
C LYS F 141 -5.98 20.54 64.90
N HIS F 142 -5.71 19.35 64.36
CA HIS F 142 -5.13 18.26 65.12
C HIS F 142 -3.78 17.78 64.60
N LYS F 143 -3.16 16.90 65.40
CA LYS F 143 -1.90 16.27 65.03
C LYS F 143 -2.15 15.08 64.13
N CYS F 144 -1.22 14.82 63.20
CA CYS F 144 -1.32 13.64 62.35
C CYS F 144 0.04 12.96 62.15
N ASN F 145 0.40 12.06 63.05
CA ASN F 145 1.65 11.31 62.88
C ASN F 145 1.44 10.18 61.89
N GLN F 146 2.44 9.32 61.73
CA GLN F 146 2.39 8.26 60.73
C GLN F 146 1.15 7.38 60.87
N THR F 147 0.73 7.12 62.11
CA THR F 147 -0.43 6.27 62.36
C THR F 147 -1.72 6.93 61.88
N CYS F 148 -1.87 8.17 61.92
CA CYS F 148 -3.01 8.93 61.44
C CYS F 148 -3.05 8.93 59.92
N LEU F 149 -1.90 9.14 59.30
CA LEU F 149 -1.84 9.20 57.85
C LEU F 149 -2.21 7.82 57.31
N ASP F 150 -1.72 6.79 58.00
CA ASP F 150 -1.99 5.41 57.62
C ASP F 150 -3.49 5.12 57.70
N ARG F 151 -4.16 5.78 58.64
CA ARG F 151 -5.60 5.62 58.81
C ARG F 151 -6.33 6.40 57.72
N ILE F 152 -5.69 7.44 57.21
CA ILE F 152 -6.24 8.21 56.10
C ILE F 152 -6.20 7.41 54.79
N ALA F 153 -5.04 6.81 54.52
CA ALA F 153 -4.85 5.99 53.33
C ALA F 153 -5.81 4.80 53.23
N ALA F 154 -6.28 4.30 54.36
CA ALA F 154 -7.17 3.14 54.38
C ALA F 154 -8.63 3.54 54.44
N GLY F 155 -8.88 4.85 54.54
CA GLY F 155 -10.24 5.37 54.54
C GLY F 155 -10.96 5.09 55.84
N THR F 156 -10.20 4.73 56.88
CA THR F 156 -10.76 4.43 58.18
C THR F 156 -10.67 5.62 59.12
N PHE F 157 -10.05 6.70 58.65
CA PHE F 157 -9.82 7.89 59.47
C PHE F 157 -11.14 8.51 59.92
N ASN F 158 -11.21 8.86 61.18
CA ASN F 158 -12.39 9.50 61.75
C ASN F 158 -11.99 10.74 62.55
N ALA F 159 -12.55 11.89 62.21
CA ALA F 159 -12.15 13.13 62.89
C ALA F 159 -12.76 13.15 64.29
N GLY F 160 -13.71 12.24 64.51
CA GLY F 160 -14.37 12.10 65.80
C GLY F 160 -13.36 11.70 66.85
N GLU F 161 -12.36 10.91 66.44
CA GLU F 161 -11.33 10.47 67.35
C GLU F 161 -10.51 11.63 67.89
N PHE F 162 -10.67 12.80 67.30
CA PHE F 162 -10.01 14.00 67.78
C PHE F 162 -11.06 15.01 68.25
N SER F 163 -12.27 14.51 68.46
CA SER F 163 -13.40 15.31 68.91
C SER F 163 -13.76 16.46 67.96
N LEU F 164 -13.69 16.18 66.66
CA LEU F 164 -13.98 17.18 65.63
C LEU F 164 -15.18 16.72 64.80
N PRO F 165 -15.95 17.68 64.25
CA PRO F 165 -17.11 17.30 63.45
C PRO F 165 -16.72 16.47 62.23
N THR F 166 -17.64 15.62 61.78
CA THR F 166 -17.41 14.77 60.62
C THR F 166 -18.62 14.79 59.68
N PHE F 167 -18.38 14.46 58.41
CA PHE F 167 -19.47 14.21 57.49
C PHE F 167 -19.85 12.74 57.61
N ASP F 168 -21.14 12.47 57.69
CA ASP F 168 -21.62 11.10 57.69
C ASP F 168 -21.75 10.60 56.25
N SER F 169 -21.92 9.29 56.08
CA SER F 169 -22.02 8.72 54.75
C SER F 169 -23.43 8.16 54.49
N LEU F 170 -23.95 8.41 53.30
CA LEU F 170 -25.27 7.96 52.90
C LEU F 170 -25.29 6.43 52.79
N ASN F 171 -26.34 5.81 53.32
CA ASN F 171 -26.49 4.36 53.20
C ASN F 171 -26.98 4.05 51.78
N ILE F 172 -26.09 3.51 50.96
CA ILE F 172 -26.45 3.13 49.59
C ILE F 172 -25.98 1.72 49.26
#